data_1L7Z
# 
_entry.id   1L7Z 
# 
_audit_conform.dict_name       mmcif_pdbx.dic 
_audit_conform.dict_version    5.398 
_audit_conform.dict_location   http://mmcif.pdb.org/dictionaries/ascii/mmcif_pdbx.dic 
# 
loop_
_database_2.database_id 
_database_2.database_code 
_database_2.pdbx_database_accession 
_database_2.pdbx_DOI 
PDB   1L7Z         pdb_00001l7z 10.2210/pdb1l7z/pdb 
RCSB  RCSB015729   ?            ?                   
WWPDB D_1000015729 ?            ?                   
# 
loop_
_pdbx_audit_revision_history.ordinal 
_pdbx_audit_revision_history.data_content_type 
_pdbx_audit_revision_history.major_revision 
_pdbx_audit_revision_history.minor_revision 
_pdbx_audit_revision_history.revision_date 
1 'Structure model' 1 0 2003-09-16 
2 'Structure model' 1 1 2008-04-28 
3 'Structure model' 1 2 2011-07-13 
4 'Structure model' 1 3 2023-10-25 
5 'Structure model' 1 4 2024-11-06 
# 
_pdbx_audit_revision_details.ordinal             1 
_pdbx_audit_revision_details.revision_ordinal    1 
_pdbx_audit_revision_details.data_content_type   'Structure model' 
_pdbx_audit_revision_details.provider            repository 
_pdbx_audit_revision_details.type                'Initial release' 
_pdbx_audit_revision_details.description         ? 
_pdbx_audit_revision_details.details             ? 
# 
loop_
_pdbx_audit_revision_group.ordinal 
_pdbx_audit_revision_group.revision_ordinal 
_pdbx_audit_revision_group.data_content_type 
_pdbx_audit_revision_group.group 
1 2 'Structure model' 'Version format compliance' 
2 3 'Structure model' 'Version format compliance' 
3 4 'Structure model' 'Data collection'           
4 4 'Structure model' 'Database references'       
5 4 'Structure model' 'Derived calculations'      
6 4 'Structure model' 'Refinement description'    
7 5 'Structure model' 'Structure summary'         
# 
loop_
_pdbx_audit_revision_category.ordinal 
_pdbx_audit_revision_category.revision_ordinal 
_pdbx_audit_revision_category.data_content_type 
_pdbx_audit_revision_category.category 
1  4 'Structure model' chem_comp_atom                
2  4 'Structure model' chem_comp_bond                
3  4 'Structure model' database_2                    
4  4 'Structure model' pdbx_initial_refinement_model 
5  4 'Structure model' pdbx_struct_conn_angle        
6  4 'Structure model' struct_conn                   
7  4 'Structure model' struct_conn_type              
8  4 'Structure model' struct_site                   
9  5 'Structure model' pdbx_entry_details            
10 5 'Structure model' pdbx_modification_feature     
# 
loop_
_pdbx_audit_revision_item.ordinal 
_pdbx_audit_revision_item.revision_ordinal 
_pdbx_audit_revision_item.data_content_type 
_pdbx_audit_revision_item.item 
1  4 'Structure model' '_database_2.pdbx_DOI'                        
2  4 'Structure model' '_database_2.pdbx_database_accession'         
3  4 'Structure model' '_pdbx_struct_conn_angle.ptnr1_auth_comp_id'  
4  4 'Structure model' '_pdbx_struct_conn_angle.ptnr1_auth_seq_id'   
5  4 'Structure model' '_pdbx_struct_conn_angle.ptnr1_label_asym_id' 
6  4 'Structure model' '_pdbx_struct_conn_angle.ptnr1_label_atom_id' 
7  4 'Structure model' '_pdbx_struct_conn_angle.ptnr1_label_comp_id' 
8  4 'Structure model' '_pdbx_struct_conn_angle.ptnr1_label_seq_id'  
9  4 'Structure model' '_pdbx_struct_conn_angle.ptnr2_auth_seq_id'   
10 4 'Structure model' '_pdbx_struct_conn_angle.ptnr2_label_asym_id' 
11 4 'Structure model' '_pdbx_struct_conn_angle.ptnr3_auth_comp_id'  
12 4 'Structure model' '_pdbx_struct_conn_angle.ptnr3_auth_seq_id'   
13 4 'Structure model' '_pdbx_struct_conn_angle.ptnr3_label_asym_id' 
14 4 'Structure model' '_pdbx_struct_conn_angle.ptnr3_label_atom_id' 
15 4 'Structure model' '_pdbx_struct_conn_angle.ptnr3_label_comp_id' 
16 4 'Structure model' '_pdbx_struct_conn_angle.ptnr3_label_seq_id'  
17 4 'Structure model' '_pdbx_struct_conn_angle.value'               
18 4 'Structure model' '_struct_conn.conn_type_id'                   
19 4 'Structure model' '_struct_conn.id'                             
20 4 'Structure model' '_struct_conn.pdbx_dist_value'                
21 4 'Structure model' '_struct_conn.pdbx_leaving_atom_flag'         
22 4 'Structure model' '_struct_conn.ptnr1_auth_asym_id'             
23 4 'Structure model' '_struct_conn.ptnr1_auth_comp_id'             
24 4 'Structure model' '_struct_conn.ptnr1_auth_seq_id'              
25 4 'Structure model' '_struct_conn.ptnr1_label_asym_id'            
26 4 'Structure model' '_struct_conn.ptnr1_label_atom_id'            
27 4 'Structure model' '_struct_conn.ptnr1_label_comp_id'            
28 4 'Structure model' '_struct_conn.ptnr1_label_seq_id'             
29 4 'Structure model' '_struct_conn.ptnr2_auth_asym_id'             
30 4 'Structure model' '_struct_conn.ptnr2_auth_comp_id'             
31 4 'Structure model' '_struct_conn.ptnr2_auth_seq_id'              
32 4 'Structure model' '_struct_conn.ptnr2_label_asym_id'            
33 4 'Structure model' '_struct_conn.ptnr2_label_atom_id'            
34 4 'Structure model' '_struct_conn.ptnr2_label_comp_id'            
35 4 'Structure model' '_struct_conn.ptnr2_label_seq_id'             
36 4 'Structure model' '_struct_conn_type.id'                        
37 4 'Structure model' '_struct_site.pdbx_auth_asym_id'              
38 4 'Structure model' '_struct_site.pdbx_auth_comp_id'              
39 4 'Structure model' '_struct_site.pdbx_auth_seq_id'               
# 
_pdbx_database_status.status_code                     REL 
_pdbx_database_status.entry_id                        1L7Z 
_pdbx_database_status.recvd_initial_deposition_date   2002-03-18 
_pdbx_database_status.deposit_site                    RCSB 
_pdbx_database_status.process_site                    PDBJ 
_pdbx_database_status.status_code_sf                  REL 
_pdbx_database_status.SG_entry                        Y 
_pdbx_database_status.pdb_format_compatible           Y 
_pdbx_database_status.status_code_mr                  ? 
_pdbx_database_status.status_code_cs                  ? 
_pdbx_database_status.status_code_nmr_data            ? 
_pdbx_database_status.methods_development_category    ? 
# 
_pdbx_database_related.db_name        TargetDB 
_pdbx_database_related.db_id          my_001000039.1 
_pdbx_database_related.details        . 
_pdbx_database_related.content_type   unspecified 
# 
loop_
_audit_author.name 
_audit_author.pdbx_ordinal 
'Matsubara, M.'                                          1 
'Nakatsu, T.'                                            2 
'Yamauchi, E.'                                           3 
'Kato, H.'                                               4 
'Taniguchi, H.'                                          5 
'RIKEN Structural Genomics/Proteomics Initiative (RSGI)' 6 
# 
loop_
_citation.id 
_citation.title 
_citation.journal_abbrev 
_citation.journal_volume 
_citation.page_first 
_citation.page_last 
_citation.year 
_citation.journal_id_ASTM 
_citation.country 
_citation.journal_id_ISSN 
_citation.journal_id_CSD 
_citation.book_publisher 
_citation.pdbx_database_id_PubMed 
_citation.pdbx_database_id_DOI 
primary 'Crystal structure of a myristoylated CAP-23/NAP-22 N-terminal domain complexed with Ca2+/calmodulin' 'EMBO J.'    23  712 
718   2004 EMJODG UK 0261-4189 0897 ? 14765114 10.1038/sj.emboj.7600093 
1       
;Identification of the calmodulin-binding domain of neuron-specific protein kinase C substrate protein CAP-22/NAP-22. Direct involvement of protein myristoylation in calmodulin-target protein interaction
;
J.Biol.Chem. 274 11848 11853 1999 JBCHA3 US 0021-9258 0071 ? 10207003 10.1074/jbc.274.17.11848 
# 
loop_
_citation_author.citation_id 
_citation_author.name 
_citation_author.ordinal 
_citation_author.identifier_ORCID 
primary 'Matsubara, M.' 1 ? 
primary 'Nakatsu, T.'   2 ? 
primary 'Kato, H.'      3 ? 
primary 'Taniguchi, H.' 4 ? 
1       'Takasaki, A.'  5 ? 
1       'Hayashi, N.'   6 ? 
1       'Matsubara, M.' 7 ? 
1       'Yamauchi, E.'  8 ? 
1       'Taniguchi, H.' 9 ? 
# 
loop_
_entity.id 
_entity.type 
_entity.src_method 
_entity.pdbx_description 
_entity.formula_weight 
_entity.pdbx_number_of_molecules 
_entity.pdbx_ec 
_entity.pdbx_mutation 
_entity.pdbx_fragment 
_entity.details 
1 polymer     man CALMODULIN      16721.350 1  ? ? ?                           ? 
2 polymer     syn CAP-23/NAP-22   978.253   1  ? ? 'calmodulin binding domain' ? 
3 non-polymer syn 'CALCIUM ION'   40.078    4  ? ? ?                           ? 
4 non-polymer syn 'MYRISTIC ACID' 228.371   1  ? ? ?                           ? 
5 water       nat water           18.015    75 ? ? ?                           ? 
# 
_entity_name_com.entity_id   2 
_entity_name_com.name        'acidic membrane protein' 
# 
loop_
_entity_poly.entity_id 
_entity_poly.type 
_entity_poly.nstd_linkage 
_entity_poly.nstd_monomer 
_entity_poly.pdbx_seq_one_letter_code 
_entity_poly.pdbx_seq_one_letter_code_can 
_entity_poly.pdbx_strand_id 
_entity_poly.pdbx_target_identifier 
1 'polypeptide(L)' no no 
;ADQLTEEQIAEFKEAFSLFDKDGDGTITTKELGTVMRSLGQNPTEAELQDMINEVDADGNGTIDFPEFLTMMARKMKDTD
SEEEIREAFRVFDKDGNGYISAAELRHVMTNLGEKLTDEEVDEMIREADIDGDGQVNYEEFVQMMTAK
;
;ADQLTEEQIAEFKEAFSLFDKDGDGTITTKELGTVMRSLGQNPTEAELQDMINEVDADGNGTIDFPEFLTMMARKMKDTD
SEEEIREAFRVFDKDGNGYISAAELRHVMTNLGEKLTDEEVDEMIREADIDGDGQVNYEEFVQMMTAK
;
A my_001000039.1 
2 'polypeptide(L)' no no GGKLSKKKK GGKLSKKKK B ?              
# 
loop_
_pdbx_entity_nonpoly.entity_id 
_pdbx_entity_nonpoly.name 
_pdbx_entity_nonpoly.comp_id 
3 'CALCIUM ION'   CA  
4 'MYRISTIC ACID' MYR 
5 water           HOH 
# 
loop_
_entity_poly_seq.entity_id 
_entity_poly_seq.num 
_entity_poly_seq.mon_id 
_entity_poly_seq.hetero 
1 1   ALA n 
1 2   ASP n 
1 3   GLN n 
1 4   LEU n 
1 5   THR n 
1 6   GLU n 
1 7   GLU n 
1 8   GLN n 
1 9   ILE n 
1 10  ALA n 
1 11  GLU n 
1 12  PHE n 
1 13  LYS n 
1 14  GLU n 
1 15  ALA n 
1 16  PHE n 
1 17  SER n 
1 18  LEU n 
1 19  PHE n 
1 20  ASP n 
1 21  LYS n 
1 22  ASP n 
1 23  GLY n 
1 24  ASP n 
1 25  GLY n 
1 26  THR n 
1 27  ILE n 
1 28  THR n 
1 29  THR n 
1 30  LYS n 
1 31  GLU n 
1 32  LEU n 
1 33  GLY n 
1 34  THR n 
1 35  VAL n 
1 36  MET n 
1 37  ARG n 
1 38  SER n 
1 39  LEU n 
1 40  GLY n 
1 41  GLN n 
1 42  ASN n 
1 43  PRO n 
1 44  THR n 
1 45  GLU n 
1 46  ALA n 
1 47  GLU n 
1 48  LEU n 
1 49  GLN n 
1 50  ASP n 
1 51  MET n 
1 52  ILE n 
1 53  ASN n 
1 54  GLU n 
1 55  VAL n 
1 56  ASP n 
1 57  ALA n 
1 58  ASP n 
1 59  GLY n 
1 60  ASN n 
1 61  GLY n 
1 62  THR n 
1 63  ILE n 
1 64  ASP n 
1 65  PHE n 
1 66  PRO n 
1 67  GLU n 
1 68  PHE n 
1 69  LEU n 
1 70  THR n 
1 71  MET n 
1 72  MET n 
1 73  ALA n 
1 74  ARG n 
1 75  LYS n 
1 76  MET n 
1 77  LYS n 
1 78  ASP n 
1 79  THR n 
1 80  ASP n 
1 81  SER n 
1 82  GLU n 
1 83  GLU n 
1 84  GLU n 
1 85  ILE n 
1 86  ARG n 
1 87  GLU n 
1 88  ALA n 
1 89  PHE n 
1 90  ARG n 
1 91  VAL n 
1 92  PHE n 
1 93  ASP n 
1 94  LYS n 
1 95  ASP n 
1 96  GLY n 
1 97  ASN n 
1 98  GLY n 
1 99  TYR n 
1 100 ILE n 
1 101 SER n 
1 102 ALA n 
1 103 ALA n 
1 104 GLU n 
1 105 LEU n 
1 106 ARG n 
1 107 HIS n 
1 108 VAL n 
1 109 MET n 
1 110 THR n 
1 111 ASN n 
1 112 LEU n 
1 113 GLY n 
1 114 GLU n 
1 115 LYS n 
1 116 LEU n 
1 117 THR n 
1 118 ASP n 
1 119 GLU n 
1 120 GLU n 
1 121 VAL n 
1 122 ASP n 
1 123 GLU n 
1 124 MET n 
1 125 ILE n 
1 126 ARG n 
1 127 GLU n 
1 128 ALA n 
1 129 ASP n 
1 130 ILE n 
1 131 ASP n 
1 132 GLY n 
1 133 ASP n 
1 134 GLY n 
1 135 GLN n 
1 136 VAL n 
1 137 ASN n 
1 138 TYR n 
1 139 GLU n 
1 140 GLU n 
1 141 PHE n 
1 142 VAL n 
1 143 GLN n 
1 144 MET n 
1 145 MET n 
1 146 THR n 
1 147 ALA n 
1 148 LYS n 
2 1   GLY n 
2 2   GLY n 
2 3   LYS n 
2 4   LEU n 
2 5   SER n 
2 6   LYS n 
2 7   LYS n 
2 8   LYS n 
2 9   LYS n 
# 
_entity_src_gen.entity_id                          1 
_entity_src_gen.pdbx_src_id                        1 
_entity_src_gen.pdbx_alt_source_flag               sample 
_entity_src_gen.pdbx_seq_type                      ? 
_entity_src_gen.pdbx_beg_seq_num                   ? 
_entity_src_gen.pdbx_end_seq_num                   ? 
_entity_src_gen.gene_src_common_name               human 
_entity_src_gen.gene_src_genus                     Homo 
_entity_src_gen.pdbx_gene_src_gene                 ? 
_entity_src_gen.gene_src_species                   ? 
_entity_src_gen.gene_src_strain                    ? 
_entity_src_gen.gene_src_tissue                    ? 
_entity_src_gen.gene_src_tissue_fraction           ? 
_entity_src_gen.gene_src_details                   ? 
_entity_src_gen.pdbx_gene_src_fragment             ? 
_entity_src_gen.pdbx_gene_src_scientific_name      'Homo sapiens' 
_entity_src_gen.pdbx_gene_src_ncbi_taxonomy_id     9606 
_entity_src_gen.pdbx_gene_src_variant              ? 
_entity_src_gen.pdbx_gene_src_cell_line            ? 
_entity_src_gen.pdbx_gene_src_atcc                 ? 
_entity_src_gen.pdbx_gene_src_organ                ? 
_entity_src_gen.pdbx_gene_src_organelle            ? 
_entity_src_gen.pdbx_gene_src_cell                 ? 
_entity_src_gen.pdbx_gene_src_cellular_location    ? 
_entity_src_gen.host_org_common_name               ? 
_entity_src_gen.pdbx_host_org_scientific_name      'Escherichia coli BL21(DE3)' 
_entity_src_gen.pdbx_host_org_ncbi_taxonomy_id     469008 
_entity_src_gen.host_org_genus                     Escherichia 
_entity_src_gen.pdbx_host_org_gene                 ? 
_entity_src_gen.pdbx_host_org_organ                ? 
_entity_src_gen.host_org_species                   'Escherichia coli' 
_entity_src_gen.pdbx_host_org_tissue               ? 
_entity_src_gen.pdbx_host_org_tissue_fraction      ? 
_entity_src_gen.pdbx_host_org_strain               'BL21(DE3)' 
_entity_src_gen.pdbx_host_org_variant              ? 
_entity_src_gen.pdbx_host_org_cell_line            ? 
_entity_src_gen.pdbx_host_org_atcc                 ? 
_entity_src_gen.pdbx_host_org_culture_collection   ? 
_entity_src_gen.pdbx_host_org_cell                 ? 
_entity_src_gen.pdbx_host_org_organelle            ? 
_entity_src_gen.pdbx_host_org_cellular_location    ? 
_entity_src_gen.pdbx_host_org_vector_type          plasmid 
_entity_src_gen.pdbx_host_org_vector               ? 
_entity_src_gen.host_org_details                   ? 
_entity_src_gen.expression_system_id               ? 
_entity_src_gen.plasmid_name                       pACYC/hCaM 
_entity_src_gen.plasmid_details                    ? 
_entity_src_gen.pdbx_description                   ? 
# 
_pdbx_entity_src_syn.entity_id              2 
_pdbx_entity_src_syn.pdbx_src_id            1 
_pdbx_entity_src_syn.pdbx_alt_source_flag   sample 
_pdbx_entity_src_syn.pdbx_beg_seq_num       ? 
_pdbx_entity_src_syn.pdbx_end_seq_num       ? 
_pdbx_entity_src_syn.organism_scientific    ? 
_pdbx_entity_src_syn.organism_common_name   ? 
_pdbx_entity_src_syn.ncbi_taxonomy_id       ? 
_pdbx_entity_src_syn.details                'synthetic myristoylated peptide' 
# 
loop_
_chem_comp.id 
_chem_comp.type 
_chem_comp.mon_nstd_flag 
_chem_comp.name 
_chem_comp.pdbx_synonyms 
_chem_comp.formula 
_chem_comp.formula_weight 
ALA 'L-peptide linking' y ALANINE         ? 'C3 H7 N O2'     89.093  
ARG 'L-peptide linking' y ARGININE        ? 'C6 H15 N4 O2 1' 175.209 
ASN 'L-peptide linking' y ASPARAGINE      ? 'C4 H8 N2 O3'    132.118 
ASP 'L-peptide linking' y 'ASPARTIC ACID' ? 'C4 H7 N O4'     133.103 
CA  non-polymer         . 'CALCIUM ION'   ? 'Ca 2'           40.078  
GLN 'L-peptide linking' y GLUTAMINE       ? 'C5 H10 N2 O3'   146.144 
GLU 'L-peptide linking' y 'GLUTAMIC ACID' ? 'C5 H9 N O4'     147.129 
GLY 'peptide linking'   y GLYCINE         ? 'C2 H5 N O2'     75.067  
HIS 'L-peptide linking' y HISTIDINE       ? 'C6 H10 N3 O2 1' 156.162 
HOH non-polymer         . WATER           ? 'H2 O'           18.015  
ILE 'L-peptide linking' y ISOLEUCINE      ? 'C6 H13 N O2'    131.173 
LEU 'L-peptide linking' y LEUCINE         ? 'C6 H13 N O2'    131.173 
LYS 'L-peptide linking' y LYSINE          ? 'C6 H15 N2 O2 1' 147.195 
MET 'L-peptide linking' y METHIONINE      ? 'C5 H11 N O2 S'  149.211 
MYR non-polymer         . 'MYRISTIC ACID' ? 'C14 H28 O2'     228.371 
PHE 'L-peptide linking' y PHENYLALANINE   ? 'C9 H11 N O2'    165.189 
PRO 'L-peptide linking' y PROLINE         ? 'C5 H9 N O2'     115.130 
SER 'L-peptide linking' y SERINE          ? 'C3 H7 N O3'     105.093 
THR 'L-peptide linking' y THREONINE       ? 'C4 H9 N O3'     119.119 
TYR 'L-peptide linking' y TYROSINE        ? 'C9 H11 N O3'    181.189 
VAL 'L-peptide linking' y VALINE          ? 'C5 H11 N O2'    117.146 
# 
loop_
_pdbx_poly_seq_scheme.asym_id 
_pdbx_poly_seq_scheme.entity_id 
_pdbx_poly_seq_scheme.seq_id 
_pdbx_poly_seq_scheme.mon_id 
_pdbx_poly_seq_scheme.ndb_seq_num 
_pdbx_poly_seq_scheme.pdb_seq_num 
_pdbx_poly_seq_scheme.auth_seq_num 
_pdbx_poly_seq_scheme.pdb_mon_id 
_pdbx_poly_seq_scheme.auth_mon_id 
_pdbx_poly_seq_scheme.pdb_strand_id 
_pdbx_poly_seq_scheme.pdb_ins_code 
_pdbx_poly_seq_scheme.hetero 
A 1 1   ALA 1   1   ?   ?   ?   A . n 
A 1 2   ASP 2   2   ?   ?   ?   A . n 
A 1 3   GLN 3   3   3   GLN GLN A . n 
A 1 4   LEU 4   4   4   LEU LEU A . n 
A 1 5   THR 5   5   5   THR THR A . n 
A 1 6   GLU 6   6   6   GLU GLU A . n 
A 1 7   GLU 7   7   7   GLU GLU A . n 
A 1 8   GLN 8   8   8   GLN GLN A . n 
A 1 9   ILE 9   9   9   ILE ILE A . n 
A 1 10  ALA 10  10  10  ALA ALA A . n 
A 1 11  GLU 11  11  11  GLU ALA A . n 
A 1 12  PHE 12  12  12  PHE PHE A . n 
A 1 13  LYS 13  13  13  LYS LYS A . n 
A 1 14  GLU 14  14  14  GLU GLU A . n 
A 1 15  ALA 15  15  15  ALA ALA A . n 
A 1 16  PHE 16  16  16  PHE PHE A . n 
A 1 17  SER 17  17  17  SER SER A . n 
A 1 18  LEU 18  18  18  LEU LEU A . n 
A 1 19  PHE 19  19  19  PHE PHE A . n 
A 1 20  ASP 20  20  20  ASP ASP A . n 
A 1 21  LYS 21  21  21  LYS LYS A . n 
A 1 22  ASP 22  22  22  ASP ASP A . n 
A 1 23  GLY 23  23  23  GLY GLY A . n 
A 1 24  ASP 24  24  24  ASP ASP A . n 
A 1 25  GLY 25  25  25  GLY GLY A . n 
A 1 26  THR 26  26  26  THR THR A . n 
A 1 27  ILE 27  27  27  ILE ILE A . n 
A 1 28  THR 28  28  28  THR THR A . n 
A 1 29  THR 29  29  29  THR THR A . n 
A 1 30  LYS 30  30  30  LYS LYS A . n 
A 1 31  GLU 31  31  31  GLU GLU A . n 
A 1 32  LEU 32  32  32  LEU LEU A . n 
A 1 33  GLY 33  33  33  GLY GLY A . n 
A 1 34  THR 34  34  34  THR THR A . n 
A 1 35  VAL 35  35  35  VAL VAL A . n 
A 1 36  MET 36  36  36  MET MET A . n 
A 1 37  ARG 37  37  37  ARG ARG A . n 
A 1 38  SER 38  38  38  SER SER A . n 
A 1 39  LEU 39  39  39  LEU LEU A . n 
A 1 40  GLY 40  40  40  GLY GLY A . n 
A 1 41  GLN 41  41  41  GLN GLN A . n 
A 1 42  ASN 42  42  42  ASN ASN A . n 
A 1 43  PRO 43  43  43  PRO PRO A . n 
A 1 44  THR 44  44  44  THR THR A . n 
A 1 45  GLU 45  45  45  GLU GLU A . n 
A 1 46  ALA 46  46  46  ALA ALA A . n 
A 1 47  GLU 47  47  47  GLU GLU A . n 
A 1 48  LEU 48  48  48  LEU LEU A . n 
A 1 49  GLN 49  49  49  GLN GLN A . n 
A 1 50  ASP 50  50  50  ASP ALA A . n 
A 1 51  MET 51  51  51  MET MET A . n 
A 1 52  ILE 52  52  52  ILE ILE A . n 
A 1 53  ASN 53  53  53  ASN ASN A . n 
A 1 54  GLU 54  54  54  GLU GLU A . n 
A 1 55  VAL 55  55  55  VAL VAL A . n 
A 1 56  ASP 56  56  56  ASP ASP A . n 
A 1 57  ALA 57  57  57  ALA ALA A . n 
A 1 58  ASP 58  58  58  ASP ASP A . n 
A 1 59  GLY 59  59  59  GLY GLY A . n 
A 1 60  ASN 60  60  60  ASN ASN A . n 
A 1 61  GLY 61  61  61  GLY GLY A . n 
A 1 62  THR 62  62  62  THR THR A . n 
A 1 63  ILE 63  63  63  ILE ILE A . n 
A 1 64  ASP 64  64  64  ASP ASP A . n 
A 1 65  PHE 65  65  65  PHE PHE A . n 
A 1 66  PRO 66  66  66  PRO PRO A . n 
A 1 67  GLU 67  67  67  GLU GLU A . n 
A 1 68  PHE 68  68  68  PHE PHE A . n 
A 1 69  LEU 69  69  69  LEU LEU A . n 
A 1 70  THR 70  70  70  THR THR A . n 
A 1 71  MET 71  71  71  MET MET A . n 
A 1 72  MET 72  72  72  MET MET A . n 
A 1 73  ALA 73  73  73  ALA ALA A . n 
A 1 74  ARG 74  74  74  ARG ARG A . n 
A 1 75  LYS 75  75  75  LYS LYS A . n 
A 1 76  MET 76  76  76  MET MET A . n 
A 1 77  LYS 77  77  77  LYS ALA A . n 
A 1 78  ASP 78  78  78  ASP ALA A . n 
A 1 79  THR 79  79  ?   ?   ?   A . n 
A 1 80  ASP 80  80  ?   ?   ?   A . n 
A 1 81  SER 81  81  81  SER SER A . n 
A 1 82  GLU 82  82  82  GLU GLU A . n 
A 1 83  GLU 83  83  83  GLU GLU A . n 
A 1 84  GLU 84  84  84  GLU GLU A . n 
A 1 85  ILE 85  85  85  ILE ILE A . n 
A 1 86  ARG 86  86  86  ARG ARG A . n 
A 1 87  GLU 87  87  87  GLU GLU A . n 
A 1 88  ALA 88  88  88  ALA ALA A . n 
A 1 89  PHE 89  89  89  PHE PHE A . n 
A 1 90  ARG 90  90  90  ARG ARG A . n 
A 1 91  VAL 91  91  91  VAL VAL A . n 
A 1 92  PHE 92  92  92  PHE PHE A . n 
A 1 93  ASP 93  93  93  ASP ASP A . n 
A 1 94  LYS 94  94  94  LYS LYS A . n 
A 1 95  ASP 95  95  95  ASP ASP A . n 
A 1 96  GLY 96  96  96  GLY GLY A . n 
A 1 97  ASN 97  97  97  ASN ASN A . n 
A 1 98  GLY 98  98  98  GLY GLY A . n 
A 1 99  TYR 99  99  99  TYR TYR A . n 
A 1 100 ILE 100 100 100 ILE ILE A . n 
A 1 101 SER 101 101 101 SER SER A . n 
A 1 102 ALA 102 102 102 ALA ALA A . n 
A 1 103 ALA 103 103 103 ALA ALA A . n 
A 1 104 GLU 104 104 104 GLU GLU A . n 
A 1 105 LEU 105 105 105 LEU LEU A . n 
A 1 106 ARG 106 106 106 ARG ARG A . n 
A 1 107 HIS 107 107 107 HIS HIS A . n 
A 1 108 VAL 108 108 108 VAL VAL A . n 
A 1 109 MET 109 109 109 MET MET A . n 
A 1 110 THR 110 110 110 THR THR A . n 
A 1 111 ASN 111 111 111 ASN ASN A . n 
A 1 112 LEU 112 112 112 LEU LEU A . n 
A 1 113 GLY 113 113 113 GLY GLY A . n 
A 1 114 GLU 114 114 114 GLU GLU A . n 
A 1 115 LYS 115 115 115 LYS ALA A . n 
A 1 116 LEU 116 116 116 LEU LEU A . n 
A 1 117 THR 117 117 117 THR THR A . n 
A 1 118 ASP 118 118 118 ASP ASP A . n 
A 1 119 GLU 119 119 119 GLU GLU A . n 
A 1 120 GLU 120 120 120 GLU GLU A . n 
A 1 121 VAL 121 121 121 VAL VAL A . n 
A 1 122 ASP 122 122 122 ASP ASP A . n 
A 1 123 GLU 123 123 123 GLU GLU A . n 
A 1 124 MET 124 124 124 MET MET A . n 
A 1 125 ILE 125 125 125 ILE ILE A . n 
A 1 126 ARG 126 126 126 ARG ARG A . n 
A 1 127 GLU 127 127 127 GLU ALA A . n 
A 1 128 ALA 128 128 128 ALA ALA A . n 
A 1 129 ASP 129 129 129 ASP ASP A . n 
A 1 130 ILE 130 130 130 ILE ILE A . n 
A 1 131 ASP 131 131 131 ASP ASP A . n 
A 1 132 GLY 132 132 132 GLY GLY A . n 
A 1 133 ASP 133 133 133 ASP ASP A . n 
A 1 134 GLY 134 134 134 GLY GLY A . n 
A 1 135 GLN 135 135 135 GLN GLN A . n 
A 1 136 VAL 136 136 136 VAL VAL A . n 
A 1 137 ASN 137 137 137 ASN ASN A . n 
A 1 138 TYR 138 138 138 TYR TYR A . n 
A 1 139 GLU 139 139 139 GLU GLU A . n 
A 1 140 GLU 140 140 140 GLU GLU A . n 
A 1 141 PHE 141 141 141 PHE PHE A . n 
A 1 142 VAL 142 142 142 VAL VAL A . n 
A 1 143 GLN 143 143 143 GLN GLN A . n 
A 1 144 MET 144 144 144 MET MET A . n 
A 1 145 MET 145 145 145 MET MET A . n 
A 1 146 THR 146 146 146 THR THR A . n 
A 1 147 ALA 147 147 ?   ?   ?   A . n 
A 1 148 LYS 148 148 ?   ?   ?   A . n 
B 2 1   GLY 1   201 201 GLY GLY B . n 
B 2 2   GLY 2   202 202 GLY GLY B . n 
B 2 3   LYS 3   203 203 LYS LYS B . n 
B 2 4   LEU 4   204 204 LEU LEU B . n 
B 2 5   SER 5   205 205 SER SER B . n 
B 2 6   LYS 6   206 206 LYS ALA B . n 
B 2 7   LYS 7   207 ?   ?   ?   B . n 
B 2 8   LYS 8   208 ?   ?   ?   B . n 
B 2 9   LYS 9   209 ?   ?   ?   B . n 
# 
loop_
_pdbx_nonpoly_scheme.asym_id 
_pdbx_nonpoly_scheme.entity_id 
_pdbx_nonpoly_scheme.mon_id 
_pdbx_nonpoly_scheme.ndb_seq_num 
_pdbx_nonpoly_scheme.pdb_seq_num 
_pdbx_nonpoly_scheme.auth_seq_num 
_pdbx_nonpoly_scheme.pdb_mon_id 
_pdbx_nonpoly_scheme.auth_mon_id 
_pdbx_nonpoly_scheme.pdb_strand_id 
_pdbx_nonpoly_scheme.pdb_ins_code 
C 3 CA  1  300  300  CA  CA  A . 
D 3 CA  1  301  301  CA  CA  A . 
E 3 CA  1  302  302  CA  CA  A . 
F 3 CA  1  303  303  CA  CA  A . 
G 4 MYR 1  200  200  MYR MYR B . 
H 5 HOH 1  1000 1000 HOH HOH A . 
H 5 HOH 2  1001 1001 HOH HOH A . 
H 5 HOH 3  1003 1003 HOH HOH A . 
H 5 HOH 4  1004 1004 HOH HOH A . 
H 5 HOH 5  1005 1005 HOH HOH A . 
H 5 HOH 6  1006 1006 HOH HOH A . 
H 5 HOH 7  1007 1007 HOH HOH A . 
H 5 HOH 8  1008 1008 HOH HOH A . 
H 5 HOH 9  1009 1009 HOH HOH A . 
H 5 HOH 10 1010 1010 HOH HOH A . 
H 5 HOH 11 1011 1011 HOH HOH A . 
H 5 HOH 12 1012 1012 HOH HOH A . 
H 5 HOH 13 1014 1014 HOH HOH A . 
H 5 HOH 14 1015 1015 HOH HOH A . 
H 5 HOH 15 1016 1016 HOH HOH A . 
H 5 HOH 16 1017 1017 HOH HOH A . 
H 5 HOH 17 1018 1018 HOH HOH A . 
H 5 HOH 18 1019 1019 HOH HOH A . 
H 5 HOH 19 1020 1020 HOH HOH A . 
H 5 HOH 20 1021 1021 HOH HOH A . 
H 5 HOH 21 1022 1022 HOH HOH A . 
H 5 HOH 22 1023 1023 HOH HOH A . 
H 5 HOH 23 1024 1024 HOH HOH A . 
H 5 HOH 24 1025 1025 HOH HOH A . 
H 5 HOH 25 1026 1026 HOH HOH A . 
H 5 HOH 26 1027 1027 HOH HOH A . 
H 5 HOH 27 1028 1028 HOH HOH A . 
H 5 HOH 28 1029 1029 HOH HOH A . 
H 5 HOH 29 1030 1030 HOH HOH A . 
H 5 HOH 30 1031 1031 HOH HOH A . 
H 5 HOH 31 1032 1032 HOH HOH A . 
H 5 HOH 32 1033 1033 HOH HOH A . 
H 5 HOH 33 1034 1034 HOH HOH A . 
H 5 HOH 34 1036 1036 HOH HOH A . 
H 5 HOH 35 1037 1037 HOH HOH A . 
H 5 HOH 36 1038 1038 HOH HOH A . 
H 5 HOH 37 1039 1039 HOH HOH A . 
H 5 HOH 38 1040 1040 HOH HOH A . 
H 5 HOH 39 1041 1041 HOH HOH A . 
H 5 HOH 40 1042 1042 HOH HOH A . 
H 5 HOH 41 1043 1043 HOH HOH A . 
H 5 HOH 42 1044 1044 HOH HOH A . 
H 5 HOH 43 1045 1045 HOH HOH A . 
H 5 HOH 44 1046 1046 HOH HOH A . 
H 5 HOH 45 1047 1047 HOH HOH A . 
H 5 HOH 46 1048 1048 HOH HOH A . 
H 5 HOH 47 1049 1049 HOH HOH A . 
H 5 HOH 48 1050 1050 HOH HOH A . 
H 5 HOH 49 1051 1051 HOH HOH A . 
H 5 HOH 50 1052 1052 HOH HOH A . 
H 5 HOH 51 1053 1053 HOH HOH A . 
H 5 HOH 52 1054 1054 HOH HOH A . 
H 5 HOH 53 1055 1055 HOH HOH A . 
H 5 HOH 54 1056 1056 HOH HOH A . 
H 5 HOH 55 1057 1057 HOH HOH A . 
H 5 HOH 56 1058 1058 HOH HOH A . 
H 5 HOH 57 1059 1059 HOH HOH A . 
H 5 HOH 58 1060 1060 HOH HOH A . 
H 5 HOH 59 1061 1061 HOH HOH A . 
H 5 HOH 60 1062 1062 HOH HOH A . 
H 5 HOH 61 1063 1063 HOH HOH A . 
H 5 HOH 62 1064 1064 HOH HOH A . 
H 5 HOH 63 1065 1065 HOH HOH A . 
H 5 HOH 64 1066 1066 HOH HOH A . 
H 5 HOH 65 1067 1067 HOH HOH A . 
H 5 HOH 66 1068 1068 HOH HOH A . 
H 5 HOH 67 1069 1069 HOH HOH A . 
H 5 HOH 68 1070 1070 HOH HOH A . 
H 5 HOH 69 1071 1071 HOH HOH A . 
H 5 HOH 70 1072 1072 HOH HOH A . 
H 5 HOH 71 1073 1073 HOH HOH A . 
H 5 HOH 72 1074 1074 HOH HOH A . 
H 5 HOH 73 1075 1075 HOH HOH A . 
H 5 HOH 74 1076 1076 HOH HOH A . 
I 5 HOH 1  1035 1035 HOH HOH B . 
# 
loop_
_pdbx_unobs_or_zero_occ_atoms.id 
_pdbx_unobs_or_zero_occ_atoms.PDB_model_num 
_pdbx_unobs_or_zero_occ_atoms.polymer_flag 
_pdbx_unobs_or_zero_occ_atoms.occupancy_flag 
_pdbx_unobs_or_zero_occ_atoms.auth_asym_id 
_pdbx_unobs_or_zero_occ_atoms.auth_comp_id 
_pdbx_unobs_or_zero_occ_atoms.auth_seq_id 
_pdbx_unobs_or_zero_occ_atoms.PDB_ins_code 
_pdbx_unobs_or_zero_occ_atoms.auth_atom_id 
_pdbx_unobs_or_zero_occ_atoms.label_alt_id 
_pdbx_unobs_or_zero_occ_atoms.label_asym_id 
_pdbx_unobs_or_zero_occ_atoms.label_comp_id 
_pdbx_unobs_or_zero_occ_atoms.label_seq_id 
_pdbx_unobs_or_zero_occ_atoms.label_atom_id 
1  1 Y 1 A GLU 11  ? CG  ? A GLU 11  CG  
2  1 Y 1 A GLU 11  ? CD  ? A GLU 11  CD  
3  1 Y 1 A GLU 11  ? OE1 ? A GLU 11  OE1 
4  1 Y 1 A GLU 11  ? OE2 ? A GLU 11  OE2 
5  1 Y 0 A ASN 42  ? ND2 ? A ASN 42  ND2 
6  1 Y 1 A ASP 50  ? CG  ? A ASP 50  CG  
7  1 Y 1 A ASP 50  ? OD1 ? A ASP 50  OD1 
8  1 Y 1 A ASP 50  ? OD2 ? A ASP 50  OD2 
9  1 Y 0 A VAL 55  ? CG1 ? A VAL 55  CG1 
10 1 Y 0 A ALA 57  ? CB  ? A ALA 57  CB  
11 1 Y 0 A MET 72  ? O   ? A MET 72  O   
12 1 Y 1 A LYS 77  ? CG  ? A LYS 77  CG  
13 1 Y 1 A LYS 77  ? CD  ? A LYS 77  CD  
14 1 Y 1 A LYS 77  ? CE  ? A LYS 77  CE  
15 1 Y 1 A LYS 77  ? NZ  ? A LYS 77  NZ  
16 1 Y 1 A ASP 78  ? CG  ? A ASP 78  CG  
17 1 Y 1 A ASP 78  ? OD1 ? A ASP 78  OD1 
18 1 Y 1 A ASP 78  ? OD2 ? A ASP 78  OD2 
19 1 Y 0 A LEU 105 ? CD1 ? A LEU 105 CD1 
20 1 Y 0 A MET 109 ? CB  ? A MET 109 CB  
21 1 Y 0 A GLY 113 ? N   ? A GLY 113 N   
22 1 Y 0 A GLY 113 ? CA  ? A GLY 113 CA  
23 1 Y 1 A LYS 115 ? CG  ? A LYS 115 CG  
24 1 Y 1 A LYS 115 ? CD  ? A LYS 115 CD  
25 1 Y 1 A LYS 115 ? CE  ? A LYS 115 CE  
26 1 Y 1 A LYS 115 ? NZ  ? A LYS 115 NZ  
27 1 Y 0 A GLU 120 ? OE1 ? A GLU 120 OE1 
28 1 Y 1 A GLU 127 ? CG  ? A GLU 127 CG  
29 1 Y 1 A GLU 127 ? CD  ? A GLU 127 CD  
30 1 Y 1 A GLU 127 ? OE1 ? A GLU 127 OE1 
31 1 Y 1 A GLU 127 ? OE2 ? A GLU 127 OE2 
32 1 Y 0 A ASP 133 ? OD1 ? A ASP 133 OD1 
33 1 Y 1 B LYS 206 ? CG  ? B LYS 6   CG  
34 1 Y 1 B LYS 206 ? CD  ? B LYS 6   CD  
35 1 Y 1 B LYS 206 ? CE  ? B LYS 6   CE  
36 1 Y 1 B LYS 206 ? NZ  ? B LYS 6   NZ  
# 
loop_
_software.name 
_software.classification 
_software.version 
_software.citation_id 
_software.pdbx_ordinal 
HKL-2000  'data collection' .   ? 1 
SCALEPACK 'data scaling'    .   ? 2 
AMoRE     phasing           .   ? 3 
CNS       refinement        1.0 ? 4 
HKL-2000  'data reduction'  .   ? 5 
# 
_cell.entry_id           1L7Z 
_cell.length_a           40.600 
_cell.length_b           40.600 
_cell.length_c           173.639 
_cell.angle_alpha        90.00 
_cell.angle_beta         90.00 
_cell.angle_gamma        120.00 
_cell.Z_PDB              6 
_cell.pdbx_unique_axis   ? 
# 
_symmetry.entry_id                         1L7Z 
_symmetry.space_group_name_H-M             'P 32 2 1' 
_symmetry.pdbx_full_space_group_name_H-M   ? 
_symmetry.cell_setting                     ? 
_symmetry.Int_Tables_number                154 
# 
_exptl.entry_id          1L7Z 
_exptl.method            'X-RAY DIFFRACTION' 
_exptl.crystals_number   1 
# 
_exptl_crystal.id                    1 
_exptl_crystal.density_meas          ? 
_exptl_crystal.density_percent_sol   47.30 
_exptl_crystal.density_Matthews      2.33 
_exptl_crystal.description           ? 
# 
_exptl_crystal_grow.crystal_id      1 
_exptl_crystal_grow.method          'VAPOR DIFFUSION, HANGING DROP' 
_exptl_crystal_grow.temp            277 
_exptl_crystal_grow.temp_details    ? 
_exptl_crystal_grow.pH              5.5 
_exptl_crystal_grow.pdbx_details    'PEG 1000, cacodylate, pH 5.5, VAPOR DIFFUSION, HANGING DROP, temperature 277K' 
_exptl_crystal_grow.pdbx_pH_range   . 
# 
_diffrn.id                     1 
_diffrn.ambient_temp           90 
_diffrn.ambient_temp_details   ? 
_diffrn.crystal_id             1 
# 
_diffrn_detector.diffrn_id              1 
_diffrn_detector.detector               'IMAGE PLATE' 
_diffrn_detector.type                   'RIGAKU RAXIS V' 
_diffrn_detector.pdbx_collection_date   2000-11-07 
_diffrn_detector.details                ? 
# 
_diffrn_radiation.diffrn_id                        1 
_diffrn_radiation.wavelength_id                    1 
_diffrn_radiation.pdbx_monochromatic_or_laue_m_l   M 
_diffrn_radiation.monochromator                    DIAMOND 
_diffrn_radiation.pdbx_diffrn_protocol             'SINGLE WAVELENGTH' 
_diffrn_radiation.pdbx_scattering_type             x-ray 
# 
_diffrn_radiation_wavelength.id           1 
_diffrn_radiation_wavelength.wavelength   1.02 
_diffrn_radiation_wavelength.wt           1.0 
# 
_diffrn_source.diffrn_id                   1 
_diffrn_source.source                      SYNCHROTRON 
_diffrn_source.type                        'SPRING-8 BEAMLINE BL45PX' 
_diffrn_source.pdbx_synchrotron_site       SPring-8 
_diffrn_source.pdbx_synchrotron_beamline   BL45PX 
_diffrn_source.pdbx_wavelength             ? 
_diffrn_source.pdbx_wavelength_list        1.02 
# 
_reflns.entry_id                     1L7Z 
_reflns.observed_criterion_sigma_I   1.0 
_reflns.observed_criterion_sigma_F   1.0 
_reflns.d_resolution_low             50.0 
_reflns.d_resolution_high            2.3 
_reflns.number_obs                   7715 
_reflns.number_all                   7815 
_reflns.percent_possible_obs         96.9 
_reflns.pdbx_Rmerge_I_obs            ? 
_reflns.pdbx_Rsym_value              0.083 
_reflns.pdbx_netI_over_sigmaI        14.7 
_reflns.B_iso_Wilson_estimate        51.5 
_reflns.pdbx_redundancy              5.1 
_reflns.R_free_details               ? 
_reflns.limit_h_max                  ? 
_reflns.limit_h_min                  ? 
_reflns.limit_k_max                  ? 
_reflns.limit_k_min                  ? 
_reflns.limit_l_max                  ? 
_reflns.limit_l_min                  ? 
_reflns.observed_criterion_F_max     ? 
_reflns.observed_criterion_F_min     ? 
_reflns.pdbx_diffrn_id               1 
_reflns.pdbx_ordinal                 1 
# 
_reflns_shell.d_res_high             2.3 
_reflns_shell.d_res_low              2.38 
_reflns_shell.percent_possible_all   99.2 
_reflns_shell.Rmerge_I_obs           ? 
_reflns_shell.pdbx_Rsym_value        0.192 
_reflns_shell.meanI_over_sigI_obs    ? 
_reflns_shell.pdbx_redundancy        ? 
_reflns_shell.percent_possible_obs   ? 
_reflns_shell.number_unique_all      793 
_reflns_shell.pdbx_diffrn_id         ? 
_reflns_shell.pdbx_ordinal           1 
# 
_refine.entry_id                                 1L7Z 
_refine.ls_number_reflns_obs                     7277 
_refine.ls_number_reflns_all                     7685 
_refine.pdbx_ls_sigma_I                          ? 
_refine.pdbx_ls_sigma_F                          2.0 
_refine.pdbx_data_cutoff_high_absF               ? 
_refine.pdbx_data_cutoff_low_absF                ? 
_refine.ls_d_res_low                             20.0 
_refine.ls_d_res_high                            2.3 
_refine.ls_percent_reflns_obs                    96.1 
_refine.ls_R_factor_obs                          0.249 
_refine.ls_R_factor_all                          0.27 
_refine.ls_R_factor_R_work                       0.239 
_refine.ls_R_factor_R_free                       0.264 
_refine.ls_R_factor_R_free_error                 ? 
_refine.ls_R_factor_R_free_error_details         ? 
_refine.ls_percent_reflns_R_free                 ? 
_refine.ls_number_reflns_R_free                  408 
_refine.ls_number_parameters                     ? 
_refine.ls_number_restraints                     ? 
_refine.occupancy_min                            ? 
_refine.occupancy_max                            ? 
_refine.B_iso_mean                               ? 
_refine.aniso_B[1][1]                            ? 
_refine.aniso_B[2][2]                            ? 
_refine.aniso_B[3][3]                            ? 
_refine.aniso_B[1][2]                            ? 
_refine.aniso_B[1][3]                            ? 
_refine.aniso_B[2][3]                            ? 
_refine.solvent_model_details                    ? 
_refine.solvent_model_param_ksol                 ? 
_refine.solvent_model_param_bsol                 ? 
_refine.pdbx_ls_cross_valid_method               ? 
_refine.details                                  ? 
_refine.pdbx_starting_model                      'PDB ENTRY 1QIV' 
_refine.pdbx_method_to_determine_struct          'MOLECULAR REPLACEMENT' 
_refine.pdbx_isotropic_thermal_model             ? 
_refine.pdbx_stereochemistry_target_values       'Engh & Huber' 
_refine.pdbx_stereochem_target_val_spec_case     ? 
_refine.pdbx_R_Free_selection_details            RANDOM 
_refine.pdbx_overall_ESU_R_Free                  ? 
_refine.overall_SU_B                             ? 
_refine.ls_redundancy_reflns_obs                 ? 
_refine.B_iso_min                                ? 
_refine.B_iso_max                                ? 
_refine.correlation_coeff_Fo_to_Fc               ? 
_refine.overall_SU_R_Cruickshank_DPI             ? 
_refine.overall_SU_R_free                        ? 
_refine.overall_SU_ML                            ? 
_refine.pdbx_overall_ESU_R                       ? 
_refine.pdbx_data_cutoff_high_rms_absF           ? 
_refine.correlation_coeff_Fo_to_Fc_free          ? 
_refine.pdbx_solvent_vdw_probe_radii             ? 
_refine.pdbx_solvent_ion_probe_radii             ? 
_refine.pdbx_solvent_shrinkage_radii             ? 
_refine.pdbx_refine_id                           'X-RAY DIFFRACTION' 
_refine.pdbx_diffrn_id                           1 
_refine.pdbx_TLS_residual_ADP_flag               ? 
_refine.pdbx_overall_phase_error                 ? 
_refine.pdbx_overall_SU_R_free_Cruickshank_DPI   ? 
_refine.pdbx_overall_SU_R_Blow_DPI               ? 
_refine.pdbx_overall_SU_R_free_Blow_DPI          ? 
# 
_refine_analyze.entry_id                        1L7Z 
_refine_analyze.Luzzati_coordinate_error_obs    0.31 
_refine_analyze.Luzzati_sigma_a_obs             0.22 
_refine_analyze.Luzzati_d_res_low_obs           5.00 
_refine_analyze.Luzzati_coordinate_error_free   0.40 
_refine_analyze.Luzzati_sigma_a_free            0.22 
_refine_analyze.Luzzati_d_res_low_free          ? 
_refine_analyze.number_disordered_residues      ? 
_refine_analyze.occupancy_sum_hydrogen          ? 
_refine_analyze.occupancy_sum_non_hydrogen      ? 
_refine_analyze.pdbx_Luzzati_d_res_high_obs     ? 
_refine_analyze.pdbx_refine_id                  'X-RAY DIFFRACTION' 
# 
_refine_hist.pdbx_refine_id                   'X-RAY DIFFRACTION' 
_refine_hist.cycle_id                         LAST 
_refine_hist.pdbx_number_atoms_protein        1137 
_refine_hist.pdbx_number_atoms_nucleic_acid   0 
_refine_hist.pdbx_number_atoms_ligand         19 
_refine_hist.number_atoms_solvent             75 
_refine_hist.number_atoms_total               1231 
_refine_hist.d_res_high                       2.3 
_refine_hist.d_res_low                        20.0 
# 
loop_
_refine_ls_restr.type 
_refine_ls_restr.dev_ideal 
_refine_ls_restr.dev_ideal_target 
_refine_ls_restr.weight 
_refine_ls_restr.number 
_refine_ls_restr.pdbx_refine_id 
_refine_ls_restr.pdbx_restraint_function 
c_bond_d           0.006 ? ? ? 'X-RAY DIFFRACTION' ? 
c_angle_deg        1.04  ? ? ? 'X-RAY DIFFRACTION' ? 
c_dihedral_angle_d 19.5  ? ? ? 'X-RAY DIFFRACTION' ? 
c_improper_angle_d 0.70  ? ? ? 'X-RAY DIFFRACTION' ? 
# 
_struct.entry_id                  1L7Z 
_struct.title                     'Crystal structure of Ca2+/Calmodulin complexed with myristoylated CAP-23/NAP-22 peptide' 
_struct.pdbx_model_details        ? 
_struct.pdbx_CASP_flag            ? 
_struct.pdbx_model_type_details   ? 
# 
_struct_keywords.entry_id        1L7Z 
_struct_keywords.pdbx_keywords   'METAL BINDING PROTEIN/PROTEIN BINDING' 
_struct_keywords.text            
;CALMODULIN, MYRISTOYLATION, PROTEIN-PROTEIN INTERACTION, RIKEN Structural Genomics/Proteomics Initiative, RSGI, Structural Genomics, METAL BINDING PROTEIN-PROTEIN BINDING COMPLEX
;
# 
loop_
_struct_asym.id 
_struct_asym.pdbx_blank_PDB_chainid_flag 
_struct_asym.pdbx_modified 
_struct_asym.entity_id 
_struct_asym.details 
A N N 1 ? 
B N N 2 ? 
C N N 3 ? 
D N N 3 ? 
E N N 3 ? 
F N N 3 ? 
G N N 4 ? 
H N N 5 ? 
I N N 5 ? 
# 
loop_
_struct_ref.id 
_struct_ref.db_name 
_struct_ref.db_code 
_struct_ref.entity_id 
_struct_ref.pdbx_seq_one_letter_code 
_struct_ref.pdbx_align_begin 
_struct_ref.pdbx_db_accession 
_struct_ref.pdbx_db_isoform 
1 UNP CALM_HUMAN 1 
;ADQLTEEQIAEFKEAFSLFDKDGDGTITTKELGTVMRSLGQNPTEAELQDMINEVDADGNGTIDFPEFLTMMARKMKDTD
SEEEIREAFRVFDKDGNGYISAAELRHVMTNLGEKLTDEEVDEMIREADIDGDGQVNYEEFVQMMTAK
;
1 P62158 ? 
2 GB  BAA03333   2 GSKLSKKKK 2 220820 ? 
# 
loop_
_struct_ref_seq.align_id 
_struct_ref_seq.ref_id 
_struct_ref_seq.pdbx_PDB_id_code 
_struct_ref_seq.pdbx_strand_id 
_struct_ref_seq.seq_align_beg 
_struct_ref_seq.pdbx_seq_align_beg_ins_code 
_struct_ref_seq.seq_align_end 
_struct_ref_seq.pdbx_seq_align_end_ins_code 
_struct_ref_seq.pdbx_db_accession 
_struct_ref_seq.db_align_beg 
_struct_ref_seq.pdbx_db_align_beg_ins_code 
_struct_ref_seq.db_align_end 
_struct_ref_seq.pdbx_db_align_end_ins_code 
_struct_ref_seq.pdbx_auth_seq_align_beg 
_struct_ref_seq.pdbx_auth_seq_align_end 
1 1 1L7Z A 1 ? 148 ? P62158 1 ? 148 ? 1   148 
2 2 1L7Z B 1 ? 9   ? 220820 2 ? 10  ? 201 209 
# 
_struct_ref_seq_dif.align_id                     2 
_struct_ref_seq_dif.pdbx_pdb_id_code             1L7Z 
_struct_ref_seq_dif.mon_id                       GLY 
_struct_ref_seq_dif.pdbx_pdb_strand_id           B 
_struct_ref_seq_dif.seq_num                      2 
_struct_ref_seq_dif.pdbx_pdb_ins_code            ? 
_struct_ref_seq_dif.pdbx_seq_db_name             GB 
_struct_ref_seq_dif.pdbx_seq_db_accession_code   220820 
_struct_ref_seq_dif.db_mon_id                    SER 
_struct_ref_seq_dif.pdbx_seq_db_seq_num          3 
_struct_ref_seq_dif.details                      'SEE REMARK 999' 
_struct_ref_seq_dif.pdbx_auth_seq_num            202 
_struct_ref_seq_dif.pdbx_ordinal                 1 
# 
_pdbx_struct_assembly.id                   1 
_pdbx_struct_assembly.details              author_defined_assembly 
_pdbx_struct_assembly.method_details       ? 
_pdbx_struct_assembly.oligomeric_details   dimeric 
_pdbx_struct_assembly.oligomeric_count     2 
# 
_pdbx_struct_assembly_gen.assembly_id       1 
_pdbx_struct_assembly_gen.oper_expression   1 
_pdbx_struct_assembly_gen.asym_id_list      A,B,C,D,E,F,G,H,I 
# 
_pdbx_struct_oper_list.id                   1 
_pdbx_struct_oper_list.type                 'identity operation' 
_pdbx_struct_oper_list.name                 1_555 
_pdbx_struct_oper_list.symmetry_operation   x,y,z 
_pdbx_struct_oper_list.matrix[1][1]         1.0000000000 
_pdbx_struct_oper_list.matrix[1][2]         0.0000000000 
_pdbx_struct_oper_list.matrix[1][3]         0.0000000000 
_pdbx_struct_oper_list.vector[1]            0.0000000000 
_pdbx_struct_oper_list.matrix[2][1]         0.0000000000 
_pdbx_struct_oper_list.matrix[2][2]         1.0000000000 
_pdbx_struct_oper_list.matrix[2][3]         0.0000000000 
_pdbx_struct_oper_list.vector[2]            0.0000000000 
_pdbx_struct_oper_list.matrix[3][1]         0.0000000000 
_pdbx_struct_oper_list.matrix[3][2]         0.0000000000 
_pdbx_struct_oper_list.matrix[3][3]         1.0000000000 
_pdbx_struct_oper_list.vector[3]            0.0000000000 
# 
_struct_biol.id                    1 
_struct_biol.pdbx_parent_biol_id   ? 
_struct_biol.details               ? 
# 
loop_
_struct_conf.conf_type_id 
_struct_conf.id 
_struct_conf.pdbx_PDB_helix_id 
_struct_conf.beg_label_comp_id 
_struct_conf.beg_label_asym_id 
_struct_conf.beg_label_seq_id 
_struct_conf.pdbx_beg_PDB_ins_code 
_struct_conf.end_label_comp_id 
_struct_conf.end_label_asym_id 
_struct_conf.end_label_seq_id 
_struct_conf.pdbx_end_PDB_ins_code 
_struct_conf.beg_auth_comp_id 
_struct_conf.beg_auth_asym_id 
_struct_conf.beg_auth_seq_id 
_struct_conf.end_auth_comp_id 
_struct_conf.end_auth_asym_id 
_struct_conf.end_auth_seq_id 
_struct_conf.pdbx_PDB_helix_class 
_struct_conf.details 
_struct_conf.pdbx_PDB_helix_length 
HELX_P HELX_P1 1 THR A 5   ? ASP A 20  ? THR A 5   ASP A 20  1 ? 16 
HELX_P HELX_P2 2 THR A 28  ? LEU A 39  ? THR A 28  LEU A 39  1 ? 12 
HELX_P HELX_P3 3 THR A 44  ? GLU A 54  ? THR A 44  GLU A 54  1 ? 11 
HELX_P HELX_P4 4 PHE A 65  ? ARG A 74  ? PHE A 65  ARG A 74  1 ? 10 
HELX_P HELX_P5 5 GLU A 83  ? ASP A 93  ? GLU A 83  ASP A 93  1 ? 11 
HELX_P HELX_P6 6 SER A 101 ? LEU A 112 ? SER A 101 LEU A 112 1 ? 12 
HELX_P HELX_P7 7 THR A 117 ? ASP A 129 ? THR A 117 ASP A 129 1 ? 13 
HELX_P HELX_P8 8 TYR A 138 ? MET A 144 ? TYR A 138 MET A 144 1 ? 7  
# 
_struct_conf_type.id          HELX_P 
_struct_conf_type.criteria    ? 
_struct_conf_type.reference   ? 
# 
loop_
_struct_conn.id 
_struct_conn.conn_type_id 
_struct_conn.pdbx_leaving_atom_flag 
_struct_conn.pdbx_PDB_id 
_struct_conn.ptnr1_label_asym_id 
_struct_conn.ptnr1_label_comp_id 
_struct_conn.ptnr1_label_seq_id 
_struct_conn.ptnr1_label_atom_id 
_struct_conn.pdbx_ptnr1_label_alt_id 
_struct_conn.pdbx_ptnr1_PDB_ins_code 
_struct_conn.pdbx_ptnr1_standard_comp_id 
_struct_conn.ptnr1_symmetry 
_struct_conn.ptnr2_label_asym_id 
_struct_conn.ptnr2_label_comp_id 
_struct_conn.ptnr2_label_seq_id 
_struct_conn.ptnr2_label_atom_id 
_struct_conn.pdbx_ptnr2_label_alt_id 
_struct_conn.pdbx_ptnr2_PDB_ins_code 
_struct_conn.ptnr1_auth_asym_id 
_struct_conn.ptnr1_auth_comp_id 
_struct_conn.ptnr1_auth_seq_id 
_struct_conn.ptnr2_auth_asym_id 
_struct_conn.ptnr2_auth_comp_id 
_struct_conn.ptnr2_auth_seq_id 
_struct_conn.ptnr2_symmetry 
_struct_conn.pdbx_ptnr3_label_atom_id 
_struct_conn.pdbx_ptnr3_label_seq_id 
_struct_conn.pdbx_ptnr3_label_comp_id 
_struct_conn.pdbx_ptnr3_label_asym_id 
_struct_conn.pdbx_ptnr3_label_alt_id 
_struct_conn.pdbx_ptnr3_PDB_ins_code 
_struct_conn.details 
_struct_conn.pdbx_dist_value 
_struct_conn.pdbx_value_order 
_struct_conn.pdbx_role 
covale1  covale both ? G MYR .   C1  ? ? ? 1_555 B GLY 1 N  ? ? B MYR 200 B GLY 201  1_555 ? ? ? ? ? ? ? 1.334 ? ? 
metalc1  metalc ?    ? A ASP 20  OD1 ? ? ? 1_555 C CA  . CA ? ? A ASP 20  A CA  300  1_555 ? ? ? ? ? ? ? 2.166 ? ? 
metalc2  metalc ?    ? A ASP 22  OD1 ? ? ? 1_555 C CA  . CA ? ? A ASP 22  A CA  300  1_555 ? ? ? ? ? ? ? 2.430 ? ? 
metalc3  metalc ?    ? A ASP 22  OD2 ? ? ? 1_555 C CA  . CA ? ? A ASP 22  A CA  300  1_555 ? ? ? ? ? ? ? 3.259 ? ? 
metalc4  metalc ?    ? A ASP 24  OD1 ? ? ? 1_555 C CA  . CA ? ? A ASP 24  A CA  300  1_555 ? ? ? ? ? ? ? 2.385 ? ? 
metalc5  metalc ?    ? A THR 26  O   ? ? ? 1_555 C CA  . CA ? ? A THR 26  A CA  300  1_555 ? ? ? ? ? ? ? 2.209 ? ? 
metalc6  metalc ?    ? A GLU 31  OE2 ? ? ? 1_555 C CA  . CA ? ? A GLU 31  A CA  300  1_555 ? ? ? ? ? ? ? 2.541 ? ? 
metalc7  metalc ?    ? A GLU 31  OE1 ? ? ? 1_555 C CA  . CA ? ? A GLU 31  A CA  300  1_555 ? ? ? ? ? ? ? 2.404 ? ? 
metalc8  metalc ?    ? A ASP 56  OD1 ? ? ? 1_555 D CA  . CA ? ? A ASP 56  A CA  301  1_555 ? ? ? ? ? ? ? 2.238 ? ? 
metalc9  metalc ?    ? A ASP 58  OD1 ? ? ? 1_555 D CA  . CA ? ? A ASP 58  A CA  301  1_555 ? ? ? ? ? ? ? 2.128 ? ? 
metalc10 metalc ?    ? A ASN 60  OD1 ? ? ? 1_555 D CA  . CA ? ? A ASN 60  A CA  301  1_555 ? ? ? ? ? ? ? 2.071 ? ? 
metalc11 metalc ?    ? A THR 62  O   ? ? ? 1_555 D CA  . CA ? ? A THR 62  A CA  301  1_555 ? ? ? ? ? ? ? 2.367 ? ? 
metalc12 metalc ?    ? A GLU 67  OE1 ? ? ? 1_555 D CA  . CA ? ? A GLU 67  A CA  301  1_555 ? ? ? ? ? ? ? 2.255 ? ? 
metalc13 metalc ?    ? A GLU 67  OE2 ? ? ? 1_555 D CA  . CA ? ? A GLU 67  A CA  301  1_555 ? ? ? ? ? ? ? 2.734 ? ? 
metalc14 metalc ?    ? A ASP 93  OD1 ? ? ? 1_555 F CA  . CA ? ? A ASP 93  A CA  303  1_555 ? ? ? ? ? ? ? 2.181 ? ? 
metalc15 metalc ?    ? A ASP 95  OD2 ? ? ? 1_555 F CA  . CA ? ? A ASP 95  A CA  303  1_555 ? ? ? ? ? ? ? 3.076 ? ? 
metalc16 metalc ?    ? A ASP 95  OD1 ? ? ? 1_555 F CA  . CA ? ? A ASP 95  A CA  303  1_555 ? ? ? ? ? ? ? 2.491 ? ? 
metalc17 metalc ?    ? A ASN 97  OD1 ? ? ? 1_555 F CA  . CA ? ? A ASN 97  A CA  303  1_555 ? ? ? ? ? ? ? 2.230 ? ? 
metalc18 metalc ?    ? A TYR 99  O   ? ? ? 1_555 F CA  . CA ? ? A TYR 99  A CA  303  1_555 ? ? ? ? ? ? ? 2.298 ? ? 
metalc19 metalc ?    ? A GLU 104 OE1 ? ? ? 1_555 F CA  . CA ? ? A GLU 104 A CA  303  1_555 ? ? ? ? ? ? ? 2.361 ? ? 
metalc20 metalc ?    ? A GLU 104 OE2 ? ? ? 1_555 F CA  . CA ? ? A GLU 104 A CA  303  1_555 ? ? ? ? ? ? ? 2.661 ? ? 
metalc21 metalc ?    ? A ASP 129 OD1 ? ? ? 1_555 E CA  . CA ? ? A ASP 129 A CA  302  1_555 ? ? ? ? ? ? ? 2.211 ? ? 
metalc22 metalc ?    ? A ASP 131 OD1 ? ? ? 1_555 E CA  . CA ? ? A ASP 131 A CA  302  1_555 ? ? ? ? ? ? ? 2.315 ? ? 
metalc23 metalc ?    ? A ASP 131 OD2 ? ? ? 1_555 E CA  . CA ? ? A ASP 131 A CA  302  1_555 ? ? ? ? ? ? ? 3.384 ? ? 
metalc24 metalc ?    ? A ASP 133 OD1 ? ? ? 1_555 E CA  . CA ? ? A ASP 133 A CA  302  1_555 ? ? ? ? ? ? ? 2.160 ? ? 
metalc25 metalc ?    ? A ASP 133 OD2 ? ? ? 1_555 E CA  . CA ? ? A ASP 133 A CA  302  1_555 ? ? ? ? ? ? ? 3.372 ? ? 
metalc26 metalc ?    ? A GLN 135 O   ? ? ? 1_555 E CA  . CA ? ? A GLN 135 A CA  302  1_555 ? ? ? ? ? ? ? 2.283 ? ? 
metalc27 metalc ?    ? A GLU 140 OE1 ? ? ? 1_555 E CA  . CA ? ? A GLU 140 A CA  302  1_555 ? ? ? ? ? ? ? 2.515 ? ? 
metalc28 metalc ?    ? A GLU 140 OE2 ? ? ? 1_555 E CA  . CA ? ? A GLU 140 A CA  302  1_555 ? ? ? ? ? ? ? 2.641 ? ? 
metalc29 metalc ?    ? D CA  .   CA  ? ? ? 1_555 H HOH . O  ? ? A CA  301 A HOH 1027 1_555 ? ? ? ? ? ? ? 2.582 ? ? 
metalc30 metalc ?    ? D CA  .   CA  ? ? ? 1_555 H HOH . O  ? ? A CA  301 A HOH 1052 1_555 ? ? ? ? ? ? ? 2.382 ? ? 
metalc31 metalc ?    ? E CA  .   CA  ? ? ? 1_555 H HOH . O  ? ? A CA  302 A HOH 1014 1_555 ? ? ? ? ? ? ? 2.367 ? ? 
metalc32 metalc ?    ? F CA  .   CA  ? ? ? 1_555 H HOH . O  ? ? A CA  303 A HOH 1015 1_555 ? ? ? ? ? ? ? 2.250 ? ? 
# 
loop_
_struct_conn_type.id 
_struct_conn_type.criteria 
_struct_conn_type.reference 
covale ? ? 
metalc ? ? 
# 
loop_
_pdbx_struct_conn_angle.id 
_pdbx_struct_conn_angle.ptnr1_label_atom_id 
_pdbx_struct_conn_angle.ptnr1_label_alt_id 
_pdbx_struct_conn_angle.ptnr1_label_asym_id 
_pdbx_struct_conn_angle.ptnr1_label_comp_id 
_pdbx_struct_conn_angle.ptnr1_label_seq_id 
_pdbx_struct_conn_angle.ptnr1_auth_atom_id 
_pdbx_struct_conn_angle.ptnr1_auth_asym_id 
_pdbx_struct_conn_angle.ptnr1_auth_comp_id 
_pdbx_struct_conn_angle.ptnr1_auth_seq_id 
_pdbx_struct_conn_angle.ptnr1_PDB_ins_code 
_pdbx_struct_conn_angle.ptnr1_symmetry 
_pdbx_struct_conn_angle.ptnr2_label_atom_id 
_pdbx_struct_conn_angle.ptnr2_label_alt_id 
_pdbx_struct_conn_angle.ptnr2_label_asym_id 
_pdbx_struct_conn_angle.ptnr2_label_comp_id 
_pdbx_struct_conn_angle.ptnr2_label_seq_id 
_pdbx_struct_conn_angle.ptnr2_auth_atom_id 
_pdbx_struct_conn_angle.ptnr2_auth_asym_id 
_pdbx_struct_conn_angle.ptnr2_auth_comp_id 
_pdbx_struct_conn_angle.ptnr2_auth_seq_id 
_pdbx_struct_conn_angle.ptnr2_PDB_ins_code 
_pdbx_struct_conn_angle.ptnr2_symmetry 
_pdbx_struct_conn_angle.ptnr3_label_atom_id 
_pdbx_struct_conn_angle.ptnr3_label_alt_id 
_pdbx_struct_conn_angle.ptnr3_label_asym_id 
_pdbx_struct_conn_angle.ptnr3_label_comp_id 
_pdbx_struct_conn_angle.ptnr3_label_seq_id 
_pdbx_struct_conn_angle.ptnr3_auth_atom_id 
_pdbx_struct_conn_angle.ptnr3_auth_asym_id 
_pdbx_struct_conn_angle.ptnr3_auth_comp_id 
_pdbx_struct_conn_angle.ptnr3_auth_seq_id 
_pdbx_struct_conn_angle.ptnr3_PDB_ins_code 
_pdbx_struct_conn_angle.ptnr3_symmetry 
_pdbx_struct_conn_angle.value 
_pdbx_struct_conn_angle.value_esd 
1   OD1 ? A ASP 20  ? A ASP 20   ? 1_555 CA ? C CA . ? A CA 300 ? 1_555 OD1 ? A ASP 22  ? A ASP 22   ? 1_555 75.4  ? 
2   OD1 ? A ASP 20  ? A ASP 20   ? 1_555 CA ? C CA . ? A CA 300 ? 1_555 OD2 ? A ASP 22  ? A ASP 22   ? 1_555 116.1 ? 
3   OD1 ? A ASP 22  ? A ASP 22   ? 1_555 CA ? C CA . ? A CA 300 ? 1_555 OD2 ? A ASP 22  ? A ASP 22   ? 1_555 42.3  ? 
4   OD1 ? A ASP 20  ? A ASP 20   ? 1_555 CA ? C CA . ? A CA 300 ? 1_555 OD1 ? A ASP 24  ? A ASP 24   ? 1_555 80.3  ? 
5   OD1 ? A ASP 22  ? A ASP 22   ? 1_555 CA ? C CA . ? A CA 300 ? 1_555 OD1 ? A ASP 24  ? A ASP 24   ? 1_555 71.1  ? 
6   OD2 ? A ASP 22  ? A ASP 22   ? 1_555 CA ? C CA . ? A CA 300 ? 1_555 OD1 ? A ASP 24  ? A ASP 24   ? 1_555 89.7  ? 
7   OD1 ? A ASP 20  ? A ASP 20   ? 1_555 CA ? C CA . ? A CA 300 ? 1_555 O   ? A THR 26  ? A THR 26   ? 1_555 81.6  ? 
8   OD1 ? A ASP 22  ? A ASP 22   ? 1_555 CA ? C CA . ? A CA 300 ? 1_555 O   ? A THR 26  ? A THR 26   ? 1_555 144.4 ? 
9   OD2 ? A ASP 22  ? A ASP 22   ? 1_555 CA ? C CA . ? A CA 300 ? 1_555 O   ? A THR 26  ? A THR 26   ? 1_555 156.9 ? 
10  OD1 ? A ASP 24  ? A ASP 24   ? 1_555 CA ? C CA . ? A CA 300 ? 1_555 O   ? A THR 26  ? A THR 26   ? 1_555 78.5  ? 
11  OD1 ? A ASP 20  ? A ASP 20   ? 1_555 CA ? C CA . ? A CA 300 ? 1_555 OE2 ? A GLU 31  ? A GLU 31   ? 1_555 98.3  ? 
12  OD1 ? A ASP 22  ? A ASP 22   ? 1_555 CA ? C CA . ? A CA 300 ? 1_555 OE2 ? A GLU 31  ? A GLU 31   ? 1_555 83.1  ? 
13  OD2 ? A ASP 22  ? A ASP 22   ? 1_555 CA ? C CA . ? A CA 300 ? 1_555 OE2 ? A GLU 31  ? A GLU 31   ? 1_555 67.2  ? 
14  OD1 ? A ASP 24  ? A ASP 24   ? 1_555 CA ? C CA . ? A CA 300 ? 1_555 OE2 ? A GLU 31  ? A GLU 31   ? 1_555 153.7 ? 
15  O   ? A THR 26  ? A THR 26   ? 1_555 CA ? C CA . ? A CA 300 ? 1_555 OE2 ? A GLU 31  ? A GLU 31   ? 1_555 127.4 ? 
16  OD1 ? A ASP 20  ? A ASP 20   ? 1_555 CA ? C CA . ? A CA 300 ? 1_555 OE1 ? A GLU 31  ? A GLU 31   ? 1_555 111.0 ? 
17  OD1 ? A ASP 22  ? A ASP 22   ? 1_555 CA ? C CA . ? A CA 300 ? 1_555 OE1 ? A GLU 31  ? A GLU 31   ? 1_555 135.4 ? 
18  OD2 ? A ASP 22  ? A ASP 22   ? 1_555 CA ? C CA . ? A CA 300 ? 1_555 OE1 ? A GLU 31  ? A GLU 31   ? 1_555 106.3 ? 
19  OD1 ? A ASP 24  ? A ASP 24   ? 1_555 CA ? C CA . ? A CA 300 ? 1_555 OE1 ? A GLU 31  ? A GLU 31   ? 1_555 152.3 ? 
20  O   ? A THR 26  ? A THR 26   ? 1_555 CA ? C CA . ? A CA 300 ? 1_555 OE1 ? A GLU 31  ? A GLU 31   ? 1_555 78.3  ? 
21  OE2 ? A GLU 31  ? A GLU 31   ? 1_555 CA ? C CA . ? A CA 300 ? 1_555 OE1 ? A GLU 31  ? A GLU 31   ? 1_555 52.5  ? 
22  OD1 ? A ASP 56  ? A ASP 56   ? 1_555 CA ? D CA . ? A CA 301 ? 1_555 OD1 ? A ASP 58  ? A ASP 58   ? 1_555 87.5  ? 
23  OD1 ? A ASP 56  ? A ASP 56   ? 1_555 CA ? D CA . ? A CA 301 ? 1_555 OD1 ? A ASN 60  ? A ASN 60   ? 1_555 79.3  ? 
24  OD1 ? A ASP 58  ? A ASP 58   ? 1_555 CA ? D CA . ? A CA 301 ? 1_555 OD1 ? A ASN 60  ? A ASN 60   ? 1_555 87.3  ? 
25  OD1 ? A ASP 56  ? A ASP 56   ? 1_555 CA ? D CA . ? A CA 301 ? 1_555 O   ? A THR 62  ? A THR 62   ? 1_555 81.6  ? 
26  OD1 ? A ASP 58  ? A ASP 58   ? 1_555 CA ? D CA . ? A CA 301 ? 1_555 O   ? A THR 62  ? A THR 62   ? 1_555 165.5 ? 
27  OD1 ? A ASN 60  ? A ASN 60   ? 1_555 CA ? D CA . ? A CA 301 ? 1_555 O   ? A THR 62  ? A THR 62   ? 1_555 81.4  ? 
28  OD1 ? A ASP 56  ? A ASP 56   ? 1_555 CA ? D CA . ? A CA 301 ? 1_555 OE1 ? A GLU 67  ? A GLU 67   ? 1_555 109.0 ? 
29  OD1 ? A ASP 58  ? A ASP 58   ? 1_555 CA ? D CA . ? A CA 301 ? 1_555 OE1 ? A GLU 67  ? A GLU 67   ? 1_555 108.5 ? 
30  OD1 ? A ASN 60  ? A ASN 60   ? 1_555 CA ? D CA . ? A CA 301 ? 1_555 OE1 ? A GLU 67  ? A GLU 67   ? 1_555 162.1 ? 
31  O   ? A THR 62  ? A THR 62   ? 1_555 CA ? D CA . ? A CA 301 ? 1_555 OE1 ? A GLU 67  ? A GLU 67   ? 1_555 84.2  ? 
32  OD1 ? A ASP 56  ? A ASP 56   ? 1_555 CA ? D CA . ? A CA 301 ? 1_555 OE2 ? A GLU 67  ? A GLU 67   ? 1_555 78.0  ? 
33  OD1 ? A ASP 58  ? A ASP 58   ? 1_555 CA ? D CA . ? A CA 301 ? 1_555 OE2 ? A GLU 67  ? A GLU 67   ? 1_555 67.5  ? 
34  OD1 ? A ASN 60  ? A ASN 60   ? 1_555 CA ? D CA . ? A CA 301 ? 1_555 OE2 ? A GLU 67  ? A GLU 67   ? 1_555 146.6 ? 
35  O   ? A THR 62  ? A THR 62   ? 1_555 CA ? D CA . ? A CA 301 ? 1_555 OE2 ? A GLU 67  ? A GLU 67   ? 1_555 118.9 ? 
36  OE1 ? A GLU 67  ? A GLU 67   ? 1_555 CA ? D CA . ? A CA 301 ? 1_555 OE2 ? A GLU 67  ? A GLU 67   ? 1_555 51.1  ? 
37  OD1 ? A ASP 56  ? A ASP 56   ? 1_555 CA ? D CA . ? A CA 301 ? 1_555 O   ? H HOH .   ? A HOH 1027 ? 1_555 157.5 ? 
38  OD1 ? A ASP 58  ? A ASP 58   ? 1_555 CA ? D CA . ? A CA 301 ? 1_555 O   ? H HOH .   ? A HOH 1027 ? 1_555 71.7  ? 
39  OD1 ? A ASN 60  ? A ASN 60   ? 1_555 CA ? D CA . ? A CA 301 ? 1_555 O   ? H HOH .   ? A HOH 1027 ? 1_555 91.0  ? 
40  O   ? A THR 62  ? A THR 62   ? 1_555 CA ? D CA . ? A CA 301 ? 1_555 O   ? H HOH .   ? A HOH 1027 ? 1_555 117.3 ? 
41  OE1 ? A GLU 67  ? A GLU 67   ? 1_555 CA ? D CA . ? A CA 301 ? 1_555 O   ? H HOH .   ? A HOH 1027 ? 1_555 86.3  ? 
42  OE2 ? A GLU 67  ? A GLU 67   ? 1_555 CA ? D CA . ? A CA 301 ? 1_555 O   ? H HOH .   ? A HOH 1027 ? 1_555 100.8 ? 
43  OD1 ? A ASP 56  ? A ASP 56   ? 1_555 CA ? D CA . ? A CA 301 ? 1_555 O   ? H HOH .   ? A HOH 1052 ? 1_555 144.6 ? 
44  OD1 ? A ASP 58  ? A ASP 58   ? 1_555 CA ? D CA . ? A CA 301 ? 1_555 O   ? H HOH .   ? A HOH 1052 ? 1_555 127.8 ? 
45  OD1 ? A ASN 60  ? A ASN 60   ? 1_555 CA ? D CA . ? A CA 301 ? 1_555 O   ? H HOH .   ? A HOH 1052 ? 1_555 97.6  ? 
46  O   ? A THR 62  ? A THR 62   ? 1_555 CA ? D CA . ? A CA 301 ? 1_555 O   ? H HOH .   ? A HOH 1052 ? 1_555 63.2  ? 
47  OE1 ? A GLU 67  ? A GLU 67   ? 1_555 CA ? D CA . ? A CA 301 ? 1_555 O   ? H HOH .   ? A HOH 1052 ? 1_555 66.3  ? 
48  OE2 ? A GLU 67  ? A GLU 67   ? 1_555 CA ? D CA . ? A CA 301 ? 1_555 O   ? H HOH .   ? A HOH 1052 ? 1_555 115.1 ? 
49  O   ? H HOH .   ? A HOH 1027 ? 1_555 CA ? D CA . ? A CA 301 ? 1_555 O   ? H HOH .   ? A HOH 1052 ? 1_555 56.3  ? 
50  OD1 ? A ASP 93  ? A ASP 93   ? 1_555 CA ? F CA . ? A CA 303 ? 1_555 OD2 ? A ASP 95  ? A ASP 95   ? 1_555 124.5 ? 
51  OD1 ? A ASP 93  ? A ASP 93   ? 1_555 CA ? F CA . ? A CA 303 ? 1_555 OD1 ? A ASP 95  ? A ASP 95   ? 1_555 82.2  ? 
52  OD2 ? A ASP 95  ? A ASP 95   ? 1_555 CA ? F CA . ? A CA 303 ? 1_555 OD1 ? A ASP 95  ? A ASP 95   ? 1_555 44.8  ? 
53  OD1 ? A ASP 93  ? A ASP 93   ? 1_555 CA ? F CA . ? A CA 303 ? 1_555 OD1 ? A ASN 97  ? A ASN 97   ? 1_555 88.2  ? 
54  OD2 ? A ASP 95  ? A ASP 95   ? 1_555 CA ? F CA . ? A CA 303 ? 1_555 OD1 ? A ASN 97  ? A ASN 97   ? 1_555 86.4  ? 
55  OD1 ? A ASP 95  ? A ASP 95   ? 1_555 CA ? F CA . ? A CA 303 ? 1_555 OD1 ? A ASN 97  ? A ASN 97   ? 1_555 68.7  ? 
56  OD1 ? A ASP 93  ? A ASP 93   ? 1_555 CA ? F CA . ? A CA 303 ? 1_555 O   ? A TYR 99  ? A TYR 99   ? 1_555 88.3  ? 
57  OD2 ? A ASP 95  ? A ASP 95   ? 1_555 CA ? F CA . ? A CA 303 ? 1_555 O   ? A TYR 99  ? A TYR 99   ? 1_555 144.2 ? 
58  OD1 ? A ASP 95  ? A ASP 95   ? 1_555 CA ? F CA . ? A CA 303 ? 1_555 O   ? A TYR 99  ? A TYR 99   ? 1_555 147.6 ? 
59  OD1 ? A ASN 97  ? A ASN 97   ? 1_555 CA ? F CA . ? A CA 303 ? 1_555 O   ? A TYR 99  ? A TYR 99   ? 1_555 80.2  ? 
60  OD1 ? A ASP 93  ? A ASP 93   ? 1_555 CA ? F CA . ? A CA 303 ? 1_555 OE1 ? A GLU 104 ? A GLU 104  ? 1_555 104.3 ? 
61  OD2 ? A ASP 95  ? A ASP 95   ? 1_555 CA ? F CA . ? A CA 303 ? 1_555 OE1 ? A GLU 104 ? A GLU 104  ? 1_555 105.2 ? 
62  OD1 ? A ASP 95  ? A ASP 95   ? 1_555 CA ? F CA . ? A CA 303 ? 1_555 OE1 ? A GLU 104 ? A GLU 104  ? 1_555 136.2 ? 
63  OD1 ? A ASN 97  ? A ASN 97   ? 1_555 CA ? F CA . ? A CA 303 ? 1_555 OE1 ? A GLU 104 ? A GLU 104  ? 1_555 152.8 ? 
64  O   ? A TYR 99  ? A TYR 99   ? 1_555 CA ? F CA . ? A CA 303 ? 1_555 OE1 ? A GLU 104 ? A GLU 104  ? 1_555 76.1  ? 
65  OD1 ? A ASP 93  ? A ASP 93   ? 1_555 CA ? F CA . ? A CA 303 ? 1_555 OE2 ? A GLU 104 ? A GLU 104  ? 1_555 93.4  ? 
66  OD2 ? A ASP 95  ? A ASP 95   ? 1_555 CA ? F CA . ? A CA 303 ? 1_555 OE2 ? A GLU 104 ? A GLU 104  ? 1_555 70.6  ? 
67  OD1 ? A ASP 95  ? A ASP 95   ? 1_555 CA ? F CA . ? A CA 303 ? 1_555 OE2 ? A GLU 104 ? A GLU 104  ? 1_555 85.0  ? 
68  OD1 ? A ASN 97  ? A ASN 97   ? 1_555 CA ? F CA . ? A CA 303 ? 1_555 OE2 ? A GLU 104 ? A GLU 104  ? 1_555 153.1 ? 
69  O   ? A TYR 99  ? A TYR 99   ? 1_555 CA ? F CA . ? A CA 303 ? 1_555 OE2 ? A GLU 104 ? A GLU 104  ? 1_555 126.7 ? 
70  OE1 ? A GLU 104 ? A GLU 104  ? 1_555 CA ? F CA . ? A CA 303 ? 1_555 OE2 ? A GLU 104 ? A GLU 104  ? 1_555 51.8  ? 
71  OD1 ? A ASP 93  ? A ASP 93   ? 1_555 CA ? F CA . ? A CA 303 ? 1_555 O   ? H HOH .   ? A HOH 1015 ? 1_555 170.1 ? 
72  OD2 ? A ASP 95  ? A ASP 95   ? 1_555 CA ? F CA . ? A CA 303 ? 1_555 O   ? H HOH .   ? A HOH 1015 ? 1_555 49.9  ? 
73  OD1 ? A ASP 95  ? A ASP 95   ? 1_555 CA ? F CA . ? A CA 303 ? 1_555 O   ? H HOH .   ? A HOH 1015 ? 1_555 89.8  ? 
74  OD1 ? A ASN 97  ? A ASN 97   ? 1_555 CA ? F CA . ? A CA 303 ? 1_555 O   ? H HOH .   ? A HOH 1015 ? 1_555 83.5  ? 
75  O   ? A TYR 99  ? A TYR 99   ? 1_555 CA ? F CA . ? A CA 303 ? 1_555 O   ? H HOH .   ? A HOH 1015 ? 1_555 95.4  ? 
76  OE1 ? A GLU 104 ? A GLU 104  ? 1_555 CA ? F CA . ? A CA 303 ? 1_555 O   ? H HOH .   ? A HOH 1015 ? 1_555 85.5  ? 
77  OE2 ? A GLU 104 ? A GLU 104  ? 1_555 CA ? F CA . ? A CA 303 ? 1_555 O   ? H HOH .   ? A HOH 1015 ? 1_555 91.7  ? 
78  OD1 ? A ASP 129 ? A ASP 129  ? 1_555 CA ? E CA . ? A CA 302 ? 1_555 OD1 ? A ASP 131 ? A ASP 131  ? 1_555 79.3  ? 
79  OD1 ? A ASP 129 ? A ASP 129  ? 1_555 CA ? E CA . ? A CA 302 ? 1_555 OD2 ? A ASP 131 ? A ASP 131  ? 1_555 114.8 ? 
80  OD1 ? A ASP 131 ? A ASP 131  ? 1_555 CA ? E CA . ? A CA 302 ? 1_555 OD2 ? A ASP 131 ? A ASP 131  ? 1_555 39.9  ? 
81  OD1 ? A ASP 129 ? A ASP 129  ? 1_555 CA ? E CA . ? A CA 302 ? 1_555 OD1 ? A ASP 133 ? A ASP 133  ? 1_555 86.2  ? 
82  OD1 ? A ASP 131 ? A ASP 131  ? 1_555 CA ? E CA . ? A CA 302 ? 1_555 OD1 ? A ASP 133 ? A ASP 133  ? 1_555 72.7  ? 
83  OD2 ? A ASP 131 ? A ASP 131  ? 1_555 CA ? E CA . ? A CA 302 ? 1_555 OD1 ? A ASP 133 ? A ASP 133  ? 1_555 93.5  ? 
84  OD1 ? A ASP 129 ? A ASP 129  ? 1_555 CA ? E CA . ? A CA 302 ? 1_555 OD2 ? A ASP 133 ? A ASP 133  ? 1_555 125.4 ? 
85  OD1 ? A ASP 131 ? A ASP 131  ? 1_555 CA ? E CA . ? A CA 302 ? 1_555 OD2 ? A ASP 133 ? A ASP 133  ? 1_555 77.2  ? 
86  OD2 ? A ASP 131 ? A ASP 131  ? 1_555 CA ? E CA . ? A CA 302 ? 1_555 OD2 ? A ASP 133 ? A ASP 133  ? 1_555 71.8  ? 
87  OD1 ? A ASP 133 ? A ASP 133  ? 1_555 CA ? E CA . ? A CA 302 ? 1_555 OD2 ? A ASP 133 ? A ASP 133  ? 1_555 39.8  ? 
88  OD1 ? A ASP 129 ? A ASP 129  ? 1_555 CA ? E CA . ? A CA 302 ? 1_555 O   ? A GLN 135 ? A GLN 135  ? 1_555 80.7  ? 
89  OD1 ? A ASP 131 ? A ASP 131  ? 1_555 CA ? E CA . ? A CA 302 ? 1_555 O   ? A GLN 135 ? A GLN 135  ? 1_555 151.2 ? 
90  OD2 ? A ASP 131 ? A ASP 131  ? 1_555 CA ? E CA . ? A CA 302 ? 1_555 O   ? A GLN 135 ? A GLN 135  ? 1_555 164.4 ? 
91  OD1 ? A ASP 133 ? A ASP 133  ? 1_555 CA ? E CA . ? A CA 302 ? 1_555 O   ? A GLN 135 ? A GLN 135  ? 1_555 85.4  ? 
92  OD2 ? A ASP 133 ? A ASP 133  ? 1_555 CA ? E CA . ? A CA 302 ? 1_555 O   ? A GLN 135 ? A GLN 135  ? 1_555 98.1  ? 
93  OD1 ? A ASP 129 ? A ASP 129  ? 1_555 CA ? E CA . ? A CA 302 ? 1_555 OE1 ? A GLU 140 ? A GLU 140  ? 1_555 101.9 ? 
94  OD1 ? A ASP 131 ? A ASP 131  ? 1_555 CA ? E CA . ? A CA 302 ? 1_555 OE1 ? A GLU 140 ? A GLU 140  ? 1_555 128.0 ? 
95  OD2 ? A ASP 131 ? A ASP 131  ? 1_555 CA ? E CA . ? A CA 302 ? 1_555 OE1 ? A GLU 140 ? A GLU 140  ? 1_555 100.8 ? 
96  OD1 ? A ASP 133 ? A ASP 133  ? 1_555 CA ? E CA . ? A CA 302 ? 1_555 OE1 ? A GLU 140 ? A GLU 140  ? 1_555 158.6 ? 
97  OD2 ? A ASP 133 ? A ASP 133  ? 1_555 CA ? E CA . ? A CA 302 ? 1_555 OE1 ? A GLU 140 ? A GLU 140  ? 1_555 131.2 ? 
98  O   ? A GLN 135 ? A GLN 135  ? 1_555 CA ? E CA . ? A CA 302 ? 1_555 OE1 ? A GLU 140 ? A GLU 140  ? 1_555 76.5  ? 
99  OD1 ? A ASP 129 ? A ASP 129  ? 1_555 CA ? E CA . ? A CA 302 ? 1_555 OE2 ? A GLU 140 ? A GLU 140  ? 1_555 80.0  ? 
100 OD1 ? A ASP 131 ? A ASP 131  ? 1_555 CA ? E CA . ? A CA 302 ? 1_555 OE2 ? A GLU 140 ? A GLU 140  ? 1_555 79.8  ? 
101 OD2 ? A ASP 131 ? A ASP 131  ? 1_555 CA ? E CA . ? A CA 302 ? 1_555 OE2 ? A GLU 140 ? A GLU 140  ? 1_555 70.2  ? 
102 OD1 ? A ASP 133 ? A ASP 133  ? 1_555 CA ? E CA . ? A CA 302 ? 1_555 OE2 ? A GLU 140 ? A GLU 140  ? 1_555 151.1 ? 
103 OD2 ? A ASP 133 ? A ASP 133  ? 1_555 CA ? E CA . ? A CA 302 ? 1_555 OE2 ? A GLU 140 ? A GLU 140  ? 1_555 140.8 ? 
104 O   ? A GLN 135 ? A GLN 135  ? 1_555 CA ? E CA . ? A CA 302 ? 1_555 OE2 ? A GLU 140 ? A GLU 140  ? 1_555 116.8 ? 
105 OE1 ? A GLU 140 ? A GLU 140  ? 1_555 CA ? E CA . ? A CA 302 ? 1_555 OE2 ? A GLU 140 ? A GLU 140  ? 1_555 50.2  ? 
106 OD1 ? A ASP 129 ? A ASP 129  ? 1_555 CA ? E CA . ? A CA 302 ? 1_555 O   ? H HOH .   ? A HOH 1014 ? 1_555 170.2 ? 
107 OD1 ? A ASP 131 ? A ASP 131  ? 1_555 CA ? E CA . ? A CA 302 ? 1_555 O   ? H HOH .   ? A HOH 1014 ? 1_555 90.9  ? 
108 OD2 ? A ASP 131 ? A ASP 131  ? 1_555 CA ? E CA . ? A CA 302 ? 1_555 O   ? H HOH .   ? A HOH 1014 ? 1_555 56.3  ? 
109 OD1 ? A ASP 133 ? A ASP 133  ? 1_555 CA ? E CA . ? A CA 302 ? 1_555 O   ? H HOH .   ? A HOH 1014 ? 1_555 90.4  ? 
110 OD2 ? A ASP 133 ? A ASP 133  ? 1_555 CA ? E CA . ? A CA 302 ? 1_555 O   ? H HOH .   ? A HOH 1014 ? 1_555 50.5  ? 
111 O   ? A GLN 135 ? A GLN 135  ? 1_555 CA ? E CA . ? A CA 302 ? 1_555 O   ? H HOH .   ? A HOH 1014 ? 1_555 108.1 ? 
112 OE1 ? A GLU 140 ? A GLU 140  ? 1_555 CA ? E CA . ? A CA 302 ? 1_555 O   ? H HOH .   ? A HOH 1014 ? 1_555 84.5  ? 
113 OE2 ? A GLU 140 ? A GLU 140  ? 1_555 CA ? E CA . ? A CA 302 ? 1_555 O   ? H HOH .   ? A HOH 1014 ? 1_555 99.1  ? 
# 
_pdbx_modification_feature.ordinal                            1 
_pdbx_modification_feature.label_comp_id                      MYR 
_pdbx_modification_feature.label_asym_id                      G 
_pdbx_modification_feature.label_seq_id                       . 
_pdbx_modification_feature.label_alt_id                       ? 
_pdbx_modification_feature.modified_residue_label_comp_id     GLY 
_pdbx_modification_feature.modified_residue_label_asym_id     B 
_pdbx_modification_feature.modified_residue_label_seq_id      1 
_pdbx_modification_feature.modified_residue_label_alt_id      ? 
_pdbx_modification_feature.auth_comp_id                       MYR 
_pdbx_modification_feature.auth_asym_id                       B 
_pdbx_modification_feature.auth_seq_id                        200 
_pdbx_modification_feature.PDB_ins_code                       ? 
_pdbx_modification_feature.symmetry                           1_555 
_pdbx_modification_feature.modified_residue_auth_comp_id      GLY 
_pdbx_modification_feature.modified_residue_auth_asym_id      B 
_pdbx_modification_feature.modified_residue_auth_seq_id       201 
_pdbx_modification_feature.modified_residue_PDB_ins_code      ? 
_pdbx_modification_feature.modified_residue_symmetry          1_555 
_pdbx_modification_feature.comp_id_linking_atom               C1 
_pdbx_modification_feature.modified_residue_id_linking_atom   N 
_pdbx_modification_feature.modified_residue_id                GLY 
_pdbx_modification_feature.ref_pcm_id                         2 
_pdbx_modification_feature.ref_comp_id                        MYR 
_pdbx_modification_feature.type                               Myristoylation 
_pdbx_modification_feature.category                           Lipid/lipid-like 
# 
loop_
_struct_sheet.id 
_struct_sheet.type 
_struct_sheet.number_strands 
_struct_sheet.details 
A ? 2 ? 
B ? 2 ? 
# 
loop_
_struct_sheet_order.sheet_id 
_struct_sheet_order.range_id_1 
_struct_sheet_order.range_id_2 
_struct_sheet_order.offset 
_struct_sheet_order.sense 
A 1 2 ? anti-parallel 
B 1 2 ? anti-parallel 
# 
loop_
_struct_sheet_range.sheet_id 
_struct_sheet_range.id 
_struct_sheet_range.beg_label_comp_id 
_struct_sheet_range.beg_label_asym_id 
_struct_sheet_range.beg_label_seq_id 
_struct_sheet_range.pdbx_beg_PDB_ins_code 
_struct_sheet_range.end_label_comp_id 
_struct_sheet_range.end_label_asym_id 
_struct_sheet_range.end_label_seq_id 
_struct_sheet_range.pdbx_end_PDB_ins_code 
_struct_sheet_range.beg_auth_comp_id 
_struct_sheet_range.beg_auth_asym_id 
_struct_sheet_range.beg_auth_seq_id 
_struct_sheet_range.end_auth_comp_id 
_struct_sheet_range.end_auth_asym_id 
_struct_sheet_range.end_auth_seq_id 
A 1 THR A 26  ? ILE A 27  ? THR A 26  ILE A 27  
A 2 ILE A 63  ? ASP A 64  ? ILE A 63  ASP A 64  
B 1 TYR A 99  ? ILE A 100 ? TYR A 99  ILE A 100 
B 2 VAL A 136 ? ASN A 137 ? VAL A 136 ASN A 137 
# 
loop_
_pdbx_struct_sheet_hbond.sheet_id 
_pdbx_struct_sheet_hbond.range_id_1 
_pdbx_struct_sheet_hbond.range_id_2 
_pdbx_struct_sheet_hbond.range_1_label_atom_id 
_pdbx_struct_sheet_hbond.range_1_label_comp_id 
_pdbx_struct_sheet_hbond.range_1_label_asym_id 
_pdbx_struct_sheet_hbond.range_1_label_seq_id 
_pdbx_struct_sheet_hbond.range_1_PDB_ins_code 
_pdbx_struct_sheet_hbond.range_1_auth_atom_id 
_pdbx_struct_sheet_hbond.range_1_auth_comp_id 
_pdbx_struct_sheet_hbond.range_1_auth_asym_id 
_pdbx_struct_sheet_hbond.range_1_auth_seq_id 
_pdbx_struct_sheet_hbond.range_2_label_atom_id 
_pdbx_struct_sheet_hbond.range_2_label_comp_id 
_pdbx_struct_sheet_hbond.range_2_label_asym_id 
_pdbx_struct_sheet_hbond.range_2_label_seq_id 
_pdbx_struct_sheet_hbond.range_2_PDB_ins_code 
_pdbx_struct_sheet_hbond.range_2_auth_atom_id 
_pdbx_struct_sheet_hbond.range_2_auth_comp_id 
_pdbx_struct_sheet_hbond.range_2_auth_asym_id 
_pdbx_struct_sheet_hbond.range_2_auth_seq_id 
A 1 2 N ILE A 27  ? N ILE A 27  O ILE A 63  ? O ILE A 63  
B 1 2 N ILE A 100 ? N ILE A 100 O VAL A 136 ? O VAL A 136 
# 
loop_
_struct_site.id 
_struct_site.pdbx_evidence_code 
_struct_site.pdbx_auth_asym_id 
_struct_site.pdbx_auth_comp_id 
_struct_site.pdbx_auth_seq_id 
_struct_site.pdbx_auth_ins_code 
_struct_site.pdbx_num_residues 
_struct_site.details 
AC1 Software A CA  300 ? 5 'BINDING SITE FOR RESIDUE CA A 300'  
AC2 Software A CA  301 ? 7 'BINDING SITE FOR RESIDUE CA A 301'  
AC3 Software A CA  302 ? 6 'BINDING SITE FOR RESIDUE CA A 302'  
AC4 Software A CA  303 ? 6 'BINDING SITE FOR RESIDUE CA A 303'  
AC5 Software B MYR 200 ? 2 'BINDING SITE FOR RESIDUE MYR B 200' 
# 
loop_
_struct_site_gen.id 
_struct_site_gen.site_id 
_struct_site_gen.pdbx_num_res 
_struct_site_gen.label_comp_id 
_struct_site_gen.label_asym_id 
_struct_site_gen.label_seq_id 
_struct_site_gen.pdbx_auth_ins_code 
_struct_site_gen.auth_comp_id 
_struct_site_gen.auth_asym_id 
_struct_site_gen.auth_seq_id 
_struct_site_gen.label_atom_id 
_struct_site_gen.label_alt_id 
_struct_site_gen.symmetry 
_struct_site_gen.details 
1  AC1 5 ASP A 20  ? ASP A 20   . ? 1_555 ? 
2  AC1 5 ASP A 22  ? ASP A 22   . ? 1_555 ? 
3  AC1 5 ASP A 24  ? ASP A 24   . ? 1_555 ? 
4  AC1 5 THR A 26  ? THR A 26   . ? 1_555 ? 
5  AC1 5 GLU A 31  ? GLU A 31   . ? 1_555 ? 
6  AC2 7 ASP A 56  ? ASP A 56   . ? 1_555 ? 
7  AC2 7 ASP A 58  ? ASP A 58   . ? 1_555 ? 
8  AC2 7 ASN A 60  ? ASN A 60   . ? 1_555 ? 
9  AC2 7 THR A 62  ? THR A 62   . ? 1_555 ? 
10 AC2 7 GLU A 67  ? GLU A 67   . ? 1_555 ? 
11 AC2 7 HOH H .   ? HOH A 1027 . ? 1_555 ? 
12 AC2 7 HOH H .   ? HOH A 1052 . ? 1_555 ? 
13 AC3 6 ASP A 129 ? ASP A 129  . ? 1_555 ? 
14 AC3 6 ASP A 131 ? ASP A 131  . ? 1_555 ? 
15 AC3 6 ASP A 133 ? ASP A 133  . ? 1_555 ? 
16 AC3 6 GLN A 135 ? GLN A 135  . ? 1_555 ? 
17 AC3 6 GLU A 140 ? GLU A 140  . ? 1_555 ? 
18 AC3 6 HOH H .   ? HOH A 1014 . ? 1_555 ? 
19 AC4 6 ASP A 93  ? ASP A 93   . ? 1_555 ? 
20 AC4 6 ASP A 95  ? ASP A 95   . ? 1_555 ? 
21 AC4 6 ASN A 97  ? ASN A 97   . ? 1_555 ? 
22 AC4 6 TYR A 99  ? TYR A 99   . ? 1_555 ? 
23 AC4 6 GLU A 104 ? GLU A 104  . ? 1_555 ? 
24 AC4 6 HOH H .   ? HOH A 1015 . ? 1_555 ? 
25 AC5 2 LEU A 18  ? LEU A 18   . ? 1_555 ? 
26 AC5 2 GLY B 1   ? GLY B 201  . ? 1_555 ? 
# 
_pdbx_entry_details.entry_id                   1L7Z 
_pdbx_entry_details.compound_details           ? 
_pdbx_entry_details.source_details             ? 
_pdbx_entry_details.nonpolymer_details         ? 
_pdbx_entry_details.sequence_details           ? 
_pdbx_entry_details.has_ligand_of_interest     ? 
_pdbx_entry_details.has_protein_modification   Y 
# 
loop_
_pdbx_validate_torsion.id 
_pdbx_validate_torsion.PDB_model_num 
_pdbx_validate_torsion.auth_comp_id 
_pdbx_validate_torsion.auth_asym_id 
_pdbx_validate_torsion.auth_seq_id 
_pdbx_validate_torsion.PDB_ins_code 
_pdbx_validate_torsion.label_alt_id 
_pdbx_validate_torsion.phi 
_pdbx_validate_torsion.psi 
1 1 THR A 5   ? ? -57.37  170.23  
2 1 ASN A 42  ? ? -166.33 65.34   
3 1 GLU A 54  ? ? -66.24  5.13    
4 1 VAL A 55  ? ? -143.83 -9.42   
5 1 ARG A 74  ? ? -71.58  46.47   
6 1 MET A 145 ? ? -144.12 38.37   
7 1 LEU B 204 ? ? -146.29 -127.08 
# 
_pdbx_SG_project.id                    1 
_pdbx_SG_project.project_name          ? 
_pdbx_SG_project.full_name_of_center   'RIKEN Structural Genomics/Proteomics Initiative' 
_pdbx_SG_project.initial_of_center     RSGI 
# 
loop_
_pdbx_unobs_or_zero_occ_residues.id 
_pdbx_unobs_or_zero_occ_residues.PDB_model_num 
_pdbx_unobs_or_zero_occ_residues.polymer_flag 
_pdbx_unobs_or_zero_occ_residues.occupancy_flag 
_pdbx_unobs_or_zero_occ_residues.auth_asym_id 
_pdbx_unobs_or_zero_occ_residues.auth_comp_id 
_pdbx_unobs_or_zero_occ_residues.auth_seq_id 
_pdbx_unobs_or_zero_occ_residues.PDB_ins_code 
_pdbx_unobs_or_zero_occ_residues.label_asym_id 
_pdbx_unobs_or_zero_occ_residues.label_comp_id 
_pdbx_unobs_or_zero_occ_residues.label_seq_id 
1 1 Y 1 A ALA 1   ? A ALA 1   
2 1 Y 1 A ASP 2   ? A ASP 2   
3 1 Y 1 A THR 79  ? A THR 79  
4 1 Y 1 A ASP 80  ? A ASP 80  
5 1 Y 1 A ALA 147 ? A ALA 147 
6 1 Y 1 A LYS 148 ? A LYS 148 
7 1 Y 1 B LYS 207 ? B LYS 7   
8 1 Y 1 B LYS 208 ? B LYS 8   
9 1 Y 1 B LYS 209 ? B LYS 9   
# 
loop_
_chem_comp_atom.comp_id 
_chem_comp_atom.atom_id 
_chem_comp_atom.type_symbol 
_chem_comp_atom.pdbx_aromatic_flag 
_chem_comp_atom.pdbx_stereo_config 
_chem_comp_atom.pdbx_ordinal 
ALA N    N  N N 1   
ALA CA   C  N S 2   
ALA C    C  N N 3   
ALA O    O  N N 4   
ALA CB   C  N N 5   
ALA OXT  O  N N 6   
ALA H    H  N N 7   
ALA H2   H  N N 8   
ALA HA   H  N N 9   
ALA HB1  H  N N 10  
ALA HB2  H  N N 11  
ALA HB3  H  N N 12  
ALA HXT  H  N N 13  
ARG N    N  N N 14  
ARG CA   C  N S 15  
ARG C    C  N N 16  
ARG O    O  N N 17  
ARG CB   C  N N 18  
ARG CG   C  N N 19  
ARG CD   C  N N 20  
ARG NE   N  N N 21  
ARG CZ   C  N N 22  
ARG NH1  N  N N 23  
ARG NH2  N  N N 24  
ARG OXT  O  N N 25  
ARG H    H  N N 26  
ARG H2   H  N N 27  
ARG HA   H  N N 28  
ARG HB2  H  N N 29  
ARG HB3  H  N N 30  
ARG HG2  H  N N 31  
ARG HG3  H  N N 32  
ARG HD2  H  N N 33  
ARG HD3  H  N N 34  
ARG HE   H  N N 35  
ARG HH11 H  N N 36  
ARG HH12 H  N N 37  
ARG HH21 H  N N 38  
ARG HH22 H  N N 39  
ARG HXT  H  N N 40  
ASN N    N  N N 41  
ASN CA   C  N S 42  
ASN C    C  N N 43  
ASN O    O  N N 44  
ASN CB   C  N N 45  
ASN CG   C  N N 46  
ASN OD1  O  N N 47  
ASN ND2  N  N N 48  
ASN OXT  O  N N 49  
ASN H    H  N N 50  
ASN H2   H  N N 51  
ASN HA   H  N N 52  
ASN HB2  H  N N 53  
ASN HB3  H  N N 54  
ASN HD21 H  N N 55  
ASN HD22 H  N N 56  
ASN HXT  H  N N 57  
ASP N    N  N N 58  
ASP CA   C  N S 59  
ASP C    C  N N 60  
ASP O    O  N N 61  
ASP CB   C  N N 62  
ASP CG   C  N N 63  
ASP OD1  O  N N 64  
ASP OD2  O  N N 65  
ASP OXT  O  N N 66  
ASP H    H  N N 67  
ASP H2   H  N N 68  
ASP HA   H  N N 69  
ASP HB2  H  N N 70  
ASP HB3  H  N N 71  
ASP HD2  H  N N 72  
ASP HXT  H  N N 73  
CA  CA   CA N N 74  
GLN N    N  N N 75  
GLN CA   C  N S 76  
GLN C    C  N N 77  
GLN O    O  N N 78  
GLN CB   C  N N 79  
GLN CG   C  N N 80  
GLN CD   C  N N 81  
GLN OE1  O  N N 82  
GLN NE2  N  N N 83  
GLN OXT  O  N N 84  
GLN H    H  N N 85  
GLN H2   H  N N 86  
GLN HA   H  N N 87  
GLN HB2  H  N N 88  
GLN HB3  H  N N 89  
GLN HG2  H  N N 90  
GLN HG3  H  N N 91  
GLN HE21 H  N N 92  
GLN HE22 H  N N 93  
GLN HXT  H  N N 94  
GLU N    N  N N 95  
GLU CA   C  N S 96  
GLU C    C  N N 97  
GLU O    O  N N 98  
GLU CB   C  N N 99  
GLU CG   C  N N 100 
GLU CD   C  N N 101 
GLU OE1  O  N N 102 
GLU OE2  O  N N 103 
GLU OXT  O  N N 104 
GLU H    H  N N 105 
GLU H2   H  N N 106 
GLU HA   H  N N 107 
GLU HB2  H  N N 108 
GLU HB3  H  N N 109 
GLU HG2  H  N N 110 
GLU HG3  H  N N 111 
GLU HE2  H  N N 112 
GLU HXT  H  N N 113 
GLY N    N  N N 114 
GLY CA   C  N N 115 
GLY C    C  N N 116 
GLY O    O  N N 117 
GLY OXT  O  N N 118 
GLY H    H  N N 119 
GLY H2   H  N N 120 
GLY HA2  H  N N 121 
GLY HA3  H  N N 122 
GLY HXT  H  N N 123 
HIS N    N  N N 124 
HIS CA   C  N S 125 
HIS C    C  N N 126 
HIS O    O  N N 127 
HIS CB   C  N N 128 
HIS CG   C  Y N 129 
HIS ND1  N  Y N 130 
HIS CD2  C  Y N 131 
HIS CE1  C  Y N 132 
HIS NE2  N  Y N 133 
HIS OXT  O  N N 134 
HIS H    H  N N 135 
HIS H2   H  N N 136 
HIS HA   H  N N 137 
HIS HB2  H  N N 138 
HIS HB3  H  N N 139 
HIS HD1  H  N N 140 
HIS HD2  H  N N 141 
HIS HE1  H  N N 142 
HIS HE2  H  N N 143 
HIS HXT  H  N N 144 
HOH O    O  N N 145 
HOH H1   H  N N 146 
HOH H2   H  N N 147 
ILE N    N  N N 148 
ILE CA   C  N S 149 
ILE C    C  N N 150 
ILE O    O  N N 151 
ILE CB   C  N S 152 
ILE CG1  C  N N 153 
ILE CG2  C  N N 154 
ILE CD1  C  N N 155 
ILE OXT  O  N N 156 
ILE H    H  N N 157 
ILE H2   H  N N 158 
ILE HA   H  N N 159 
ILE HB   H  N N 160 
ILE HG12 H  N N 161 
ILE HG13 H  N N 162 
ILE HG21 H  N N 163 
ILE HG22 H  N N 164 
ILE HG23 H  N N 165 
ILE HD11 H  N N 166 
ILE HD12 H  N N 167 
ILE HD13 H  N N 168 
ILE HXT  H  N N 169 
LEU N    N  N N 170 
LEU CA   C  N S 171 
LEU C    C  N N 172 
LEU O    O  N N 173 
LEU CB   C  N N 174 
LEU CG   C  N N 175 
LEU CD1  C  N N 176 
LEU CD2  C  N N 177 
LEU OXT  O  N N 178 
LEU H    H  N N 179 
LEU H2   H  N N 180 
LEU HA   H  N N 181 
LEU HB2  H  N N 182 
LEU HB3  H  N N 183 
LEU HG   H  N N 184 
LEU HD11 H  N N 185 
LEU HD12 H  N N 186 
LEU HD13 H  N N 187 
LEU HD21 H  N N 188 
LEU HD22 H  N N 189 
LEU HD23 H  N N 190 
LEU HXT  H  N N 191 
LYS N    N  N N 192 
LYS CA   C  N S 193 
LYS C    C  N N 194 
LYS O    O  N N 195 
LYS CB   C  N N 196 
LYS CG   C  N N 197 
LYS CD   C  N N 198 
LYS CE   C  N N 199 
LYS NZ   N  N N 200 
LYS OXT  O  N N 201 
LYS H    H  N N 202 
LYS H2   H  N N 203 
LYS HA   H  N N 204 
LYS HB2  H  N N 205 
LYS HB3  H  N N 206 
LYS HG2  H  N N 207 
LYS HG3  H  N N 208 
LYS HD2  H  N N 209 
LYS HD3  H  N N 210 
LYS HE2  H  N N 211 
LYS HE3  H  N N 212 
LYS HZ1  H  N N 213 
LYS HZ2  H  N N 214 
LYS HZ3  H  N N 215 
LYS HXT  H  N N 216 
MET N    N  N N 217 
MET CA   C  N S 218 
MET C    C  N N 219 
MET O    O  N N 220 
MET CB   C  N N 221 
MET CG   C  N N 222 
MET SD   S  N N 223 
MET CE   C  N N 224 
MET OXT  O  N N 225 
MET H    H  N N 226 
MET H2   H  N N 227 
MET HA   H  N N 228 
MET HB2  H  N N 229 
MET HB3  H  N N 230 
MET HG2  H  N N 231 
MET HG3  H  N N 232 
MET HE1  H  N N 233 
MET HE2  H  N N 234 
MET HE3  H  N N 235 
MET HXT  H  N N 236 
MYR C1   C  N N 237 
MYR O1   O  N N 238 
MYR O2   O  N N 239 
MYR C2   C  N N 240 
MYR C3   C  N N 241 
MYR C4   C  N N 242 
MYR C5   C  N N 243 
MYR C6   C  N N 244 
MYR C7   C  N N 245 
MYR C8   C  N N 246 
MYR C9   C  N N 247 
MYR C10  C  N N 248 
MYR C11  C  N N 249 
MYR C12  C  N N 250 
MYR C13  C  N N 251 
MYR C14  C  N N 252 
MYR HO2  H  N N 253 
MYR H21  H  N N 254 
MYR H22  H  N N 255 
MYR H31  H  N N 256 
MYR H32  H  N N 257 
MYR H41  H  N N 258 
MYR H42  H  N N 259 
MYR H51  H  N N 260 
MYR H52  H  N N 261 
MYR H61  H  N N 262 
MYR H62  H  N N 263 
MYR H71  H  N N 264 
MYR H72  H  N N 265 
MYR H81  H  N N 266 
MYR H82  H  N N 267 
MYR H91  H  N N 268 
MYR H92  H  N N 269 
MYR H101 H  N N 270 
MYR H102 H  N N 271 
MYR H111 H  N N 272 
MYR H112 H  N N 273 
MYR H121 H  N N 274 
MYR H122 H  N N 275 
MYR H131 H  N N 276 
MYR H132 H  N N 277 
MYR H141 H  N N 278 
MYR H142 H  N N 279 
MYR H143 H  N N 280 
PHE N    N  N N 281 
PHE CA   C  N S 282 
PHE C    C  N N 283 
PHE O    O  N N 284 
PHE CB   C  N N 285 
PHE CG   C  Y N 286 
PHE CD1  C  Y N 287 
PHE CD2  C  Y N 288 
PHE CE1  C  Y N 289 
PHE CE2  C  Y N 290 
PHE CZ   C  Y N 291 
PHE OXT  O  N N 292 
PHE H    H  N N 293 
PHE H2   H  N N 294 
PHE HA   H  N N 295 
PHE HB2  H  N N 296 
PHE HB3  H  N N 297 
PHE HD1  H  N N 298 
PHE HD2  H  N N 299 
PHE HE1  H  N N 300 
PHE HE2  H  N N 301 
PHE HZ   H  N N 302 
PHE HXT  H  N N 303 
PRO N    N  N N 304 
PRO CA   C  N S 305 
PRO C    C  N N 306 
PRO O    O  N N 307 
PRO CB   C  N N 308 
PRO CG   C  N N 309 
PRO CD   C  N N 310 
PRO OXT  O  N N 311 
PRO H    H  N N 312 
PRO HA   H  N N 313 
PRO HB2  H  N N 314 
PRO HB3  H  N N 315 
PRO HG2  H  N N 316 
PRO HG3  H  N N 317 
PRO HD2  H  N N 318 
PRO HD3  H  N N 319 
PRO HXT  H  N N 320 
SER N    N  N N 321 
SER CA   C  N S 322 
SER C    C  N N 323 
SER O    O  N N 324 
SER CB   C  N N 325 
SER OG   O  N N 326 
SER OXT  O  N N 327 
SER H    H  N N 328 
SER H2   H  N N 329 
SER HA   H  N N 330 
SER HB2  H  N N 331 
SER HB3  H  N N 332 
SER HG   H  N N 333 
SER HXT  H  N N 334 
THR N    N  N N 335 
THR CA   C  N S 336 
THR C    C  N N 337 
THR O    O  N N 338 
THR CB   C  N R 339 
THR OG1  O  N N 340 
THR CG2  C  N N 341 
THR OXT  O  N N 342 
THR H    H  N N 343 
THR H2   H  N N 344 
THR HA   H  N N 345 
THR HB   H  N N 346 
THR HG1  H  N N 347 
THR HG21 H  N N 348 
THR HG22 H  N N 349 
THR HG23 H  N N 350 
THR HXT  H  N N 351 
TYR N    N  N N 352 
TYR CA   C  N S 353 
TYR C    C  N N 354 
TYR O    O  N N 355 
TYR CB   C  N N 356 
TYR CG   C  Y N 357 
TYR CD1  C  Y N 358 
TYR CD2  C  Y N 359 
TYR CE1  C  Y N 360 
TYR CE2  C  Y N 361 
TYR CZ   C  Y N 362 
TYR OH   O  N N 363 
TYR OXT  O  N N 364 
TYR H    H  N N 365 
TYR H2   H  N N 366 
TYR HA   H  N N 367 
TYR HB2  H  N N 368 
TYR HB3  H  N N 369 
TYR HD1  H  N N 370 
TYR HD2  H  N N 371 
TYR HE1  H  N N 372 
TYR HE2  H  N N 373 
TYR HH   H  N N 374 
TYR HXT  H  N N 375 
VAL N    N  N N 376 
VAL CA   C  N S 377 
VAL C    C  N N 378 
VAL O    O  N N 379 
VAL CB   C  N N 380 
VAL CG1  C  N N 381 
VAL CG2  C  N N 382 
VAL OXT  O  N N 383 
VAL H    H  N N 384 
VAL H2   H  N N 385 
VAL HA   H  N N 386 
VAL HB   H  N N 387 
VAL HG11 H  N N 388 
VAL HG12 H  N N 389 
VAL HG13 H  N N 390 
VAL HG21 H  N N 391 
VAL HG22 H  N N 392 
VAL HG23 H  N N 393 
VAL HXT  H  N N 394 
# 
loop_
_chem_comp_bond.comp_id 
_chem_comp_bond.atom_id_1 
_chem_comp_bond.atom_id_2 
_chem_comp_bond.value_order 
_chem_comp_bond.pdbx_aromatic_flag 
_chem_comp_bond.pdbx_stereo_config 
_chem_comp_bond.pdbx_ordinal 
ALA N   CA   sing N N 1   
ALA N   H    sing N N 2   
ALA N   H2   sing N N 3   
ALA CA  C    sing N N 4   
ALA CA  CB   sing N N 5   
ALA CA  HA   sing N N 6   
ALA C   O    doub N N 7   
ALA C   OXT  sing N N 8   
ALA CB  HB1  sing N N 9   
ALA CB  HB2  sing N N 10  
ALA CB  HB3  sing N N 11  
ALA OXT HXT  sing N N 12  
ARG N   CA   sing N N 13  
ARG N   H    sing N N 14  
ARG N   H2   sing N N 15  
ARG CA  C    sing N N 16  
ARG CA  CB   sing N N 17  
ARG CA  HA   sing N N 18  
ARG C   O    doub N N 19  
ARG C   OXT  sing N N 20  
ARG CB  CG   sing N N 21  
ARG CB  HB2  sing N N 22  
ARG CB  HB3  sing N N 23  
ARG CG  CD   sing N N 24  
ARG CG  HG2  sing N N 25  
ARG CG  HG3  sing N N 26  
ARG CD  NE   sing N N 27  
ARG CD  HD2  sing N N 28  
ARG CD  HD3  sing N N 29  
ARG NE  CZ   sing N N 30  
ARG NE  HE   sing N N 31  
ARG CZ  NH1  sing N N 32  
ARG CZ  NH2  doub N N 33  
ARG NH1 HH11 sing N N 34  
ARG NH1 HH12 sing N N 35  
ARG NH2 HH21 sing N N 36  
ARG NH2 HH22 sing N N 37  
ARG OXT HXT  sing N N 38  
ASN N   CA   sing N N 39  
ASN N   H    sing N N 40  
ASN N   H2   sing N N 41  
ASN CA  C    sing N N 42  
ASN CA  CB   sing N N 43  
ASN CA  HA   sing N N 44  
ASN C   O    doub N N 45  
ASN C   OXT  sing N N 46  
ASN CB  CG   sing N N 47  
ASN CB  HB2  sing N N 48  
ASN CB  HB3  sing N N 49  
ASN CG  OD1  doub N N 50  
ASN CG  ND2  sing N N 51  
ASN ND2 HD21 sing N N 52  
ASN ND2 HD22 sing N N 53  
ASN OXT HXT  sing N N 54  
ASP N   CA   sing N N 55  
ASP N   H    sing N N 56  
ASP N   H2   sing N N 57  
ASP CA  C    sing N N 58  
ASP CA  CB   sing N N 59  
ASP CA  HA   sing N N 60  
ASP C   O    doub N N 61  
ASP C   OXT  sing N N 62  
ASP CB  CG   sing N N 63  
ASP CB  HB2  sing N N 64  
ASP CB  HB3  sing N N 65  
ASP CG  OD1  doub N N 66  
ASP CG  OD2  sing N N 67  
ASP OD2 HD2  sing N N 68  
ASP OXT HXT  sing N N 69  
GLN N   CA   sing N N 70  
GLN N   H    sing N N 71  
GLN N   H2   sing N N 72  
GLN CA  C    sing N N 73  
GLN CA  CB   sing N N 74  
GLN CA  HA   sing N N 75  
GLN C   O    doub N N 76  
GLN C   OXT  sing N N 77  
GLN CB  CG   sing N N 78  
GLN CB  HB2  sing N N 79  
GLN CB  HB3  sing N N 80  
GLN CG  CD   sing N N 81  
GLN CG  HG2  sing N N 82  
GLN CG  HG3  sing N N 83  
GLN CD  OE1  doub N N 84  
GLN CD  NE2  sing N N 85  
GLN NE2 HE21 sing N N 86  
GLN NE2 HE22 sing N N 87  
GLN OXT HXT  sing N N 88  
GLU N   CA   sing N N 89  
GLU N   H    sing N N 90  
GLU N   H2   sing N N 91  
GLU CA  C    sing N N 92  
GLU CA  CB   sing N N 93  
GLU CA  HA   sing N N 94  
GLU C   O    doub N N 95  
GLU C   OXT  sing N N 96  
GLU CB  CG   sing N N 97  
GLU CB  HB2  sing N N 98  
GLU CB  HB3  sing N N 99  
GLU CG  CD   sing N N 100 
GLU CG  HG2  sing N N 101 
GLU CG  HG3  sing N N 102 
GLU CD  OE1  doub N N 103 
GLU CD  OE2  sing N N 104 
GLU OE2 HE2  sing N N 105 
GLU OXT HXT  sing N N 106 
GLY N   CA   sing N N 107 
GLY N   H    sing N N 108 
GLY N   H2   sing N N 109 
GLY CA  C    sing N N 110 
GLY CA  HA2  sing N N 111 
GLY CA  HA3  sing N N 112 
GLY C   O    doub N N 113 
GLY C   OXT  sing N N 114 
GLY OXT HXT  sing N N 115 
HIS N   CA   sing N N 116 
HIS N   H    sing N N 117 
HIS N   H2   sing N N 118 
HIS CA  C    sing N N 119 
HIS CA  CB   sing N N 120 
HIS CA  HA   sing N N 121 
HIS C   O    doub N N 122 
HIS C   OXT  sing N N 123 
HIS CB  CG   sing N N 124 
HIS CB  HB2  sing N N 125 
HIS CB  HB3  sing N N 126 
HIS CG  ND1  sing Y N 127 
HIS CG  CD2  doub Y N 128 
HIS ND1 CE1  doub Y N 129 
HIS ND1 HD1  sing N N 130 
HIS CD2 NE2  sing Y N 131 
HIS CD2 HD2  sing N N 132 
HIS CE1 NE2  sing Y N 133 
HIS CE1 HE1  sing N N 134 
HIS NE2 HE2  sing N N 135 
HIS OXT HXT  sing N N 136 
HOH O   H1   sing N N 137 
HOH O   H2   sing N N 138 
ILE N   CA   sing N N 139 
ILE N   H    sing N N 140 
ILE N   H2   sing N N 141 
ILE CA  C    sing N N 142 
ILE CA  CB   sing N N 143 
ILE CA  HA   sing N N 144 
ILE C   O    doub N N 145 
ILE C   OXT  sing N N 146 
ILE CB  CG1  sing N N 147 
ILE CB  CG2  sing N N 148 
ILE CB  HB   sing N N 149 
ILE CG1 CD1  sing N N 150 
ILE CG1 HG12 sing N N 151 
ILE CG1 HG13 sing N N 152 
ILE CG2 HG21 sing N N 153 
ILE CG2 HG22 sing N N 154 
ILE CG2 HG23 sing N N 155 
ILE CD1 HD11 sing N N 156 
ILE CD1 HD12 sing N N 157 
ILE CD1 HD13 sing N N 158 
ILE OXT HXT  sing N N 159 
LEU N   CA   sing N N 160 
LEU N   H    sing N N 161 
LEU N   H2   sing N N 162 
LEU CA  C    sing N N 163 
LEU CA  CB   sing N N 164 
LEU CA  HA   sing N N 165 
LEU C   O    doub N N 166 
LEU C   OXT  sing N N 167 
LEU CB  CG   sing N N 168 
LEU CB  HB2  sing N N 169 
LEU CB  HB3  sing N N 170 
LEU CG  CD1  sing N N 171 
LEU CG  CD2  sing N N 172 
LEU CG  HG   sing N N 173 
LEU CD1 HD11 sing N N 174 
LEU CD1 HD12 sing N N 175 
LEU CD1 HD13 sing N N 176 
LEU CD2 HD21 sing N N 177 
LEU CD2 HD22 sing N N 178 
LEU CD2 HD23 sing N N 179 
LEU OXT HXT  sing N N 180 
LYS N   CA   sing N N 181 
LYS N   H    sing N N 182 
LYS N   H2   sing N N 183 
LYS CA  C    sing N N 184 
LYS CA  CB   sing N N 185 
LYS CA  HA   sing N N 186 
LYS C   O    doub N N 187 
LYS C   OXT  sing N N 188 
LYS CB  CG   sing N N 189 
LYS CB  HB2  sing N N 190 
LYS CB  HB3  sing N N 191 
LYS CG  CD   sing N N 192 
LYS CG  HG2  sing N N 193 
LYS CG  HG3  sing N N 194 
LYS CD  CE   sing N N 195 
LYS CD  HD2  sing N N 196 
LYS CD  HD3  sing N N 197 
LYS CE  NZ   sing N N 198 
LYS CE  HE2  sing N N 199 
LYS CE  HE3  sing N N 200 
LYS NZ  HZ1  sing N N 201 
LYS NZ  HZ2  sing N N 202 
LYS NZ  HZ3  sing N N 203 
LYS OXT HXT  sing N N 204 
MET N   CA   sing N N 205 
MET N   H    sing N N 206 
MET N   H2   sing N N 207 
MET CA  C    sing N N 208 
MET CA  CB   sing N N 209 
MET CA  HA   sing N N 210 
MET C   O    doub N N 211 
MET C   OXT  sing N N 212 
MET CB  CG   sing N N 213 
MET CB  HB2  sing N N 214 
MET CB  HB3  sing N N 215 
MET CG  SD   sing N N 216 
MET CG  HG2  sing N N 217 
MET CG  HG3  sing N N 218 
MET SD  CE   sing N N 219 
MET CE  HE1  sing N N 220 
MET CE  HE2  sing N N 221 
MET CE  HE3  sing N N 222 
MET OXT HXT  sing N N 223 
MYR C1  O1   doub N N 224 
MYR C1  O2   sing N N 225 
MYR C1  C2   sing N N 226 
MYR O2  HO2  sing N N 227 
MYR C2  C3   sing N N 228 
MYR C2  H21  sing N N 229 
MYR C2  H22  sing N N 230 
MYR C3  C4   sing N N 231 
MYR C3  H31  sing N N 232 
MYR C3  H32  sing N N 233 
MYR C4  C5   sing N N 234 
MYR C4  H41  sing N N 235 
MYR C4  H42  sing N N 236 
MYR C5  C6   sing N N 237 
MYR C5  H51  sing N N 238 
MYR C5  H52  sing N N 239 
MYR C6  C7   sing N N 240 
MYR C6  H61  sing N N 241 
MYR C6  H62  sing N N 242 
MYR C7  C8   sing N N 243 
MYR C7  H71  sing N N 244 
MYR C7  H72  sing N N 245 
MYR C8  C9   sing N N 246 
MYR C8  H81  sing N N 247 
MYR C8  H82  sing N N 248 
MYR C9  C10  sing N N 249 
MYR C9  H91  sing N N 250 
MYR C9  H92  sing N N 251 
MYR C10 C11  sing N N 252 
MYR C10 H101 sing N N 253 
MYR C10 H102 sing N N 254 
MYR C11 C12  sing N N 255 
MYR C11 H111 sing N N 256 
MYR C11 H112 sing N N 257 
MYR C12 C13  sing N N 258 
MYR C12 H121 sing N N 259 
MYR C12 H122 sing N N 260 
MYR C13 C14  sing N N 261 
MYR C13 H131 sing N N 262 
MYR C13 H132 sing N N 263 
MYR C14 H141 sing N N 264 
MYR C14 H142 sing N N 265 
MYR C14 H143 sing N N 266 
PHE N   CA   sing N N 267 
PHE N   H    sing N N 268 
PHE N   H2   sing N N 269 
PHE CA  C    sing N N 270 
PHE CA  CB   sing N N 271 
PHE CA  HA   sing N N 272 
PHE C   O    doub N N 273 
PHE C   OXT  sing N N 274 
PHE CB  CG   sing N N 275 
PHE CB  HB2  sing N N 276 
PHE CB  HB3  sing N N 277 
PHE CG  CD1  doub Y N 278 
PHE CG  CD2  sing Y N 279 
PHE CD1 CE1  sing Y N 280 
PHE CD1 HD1  sing N N 281 
PHE CD2 CE2  doub Y N 282 
PHE CD2 HD2  sing N N 283 
PHE CE1 CZ   doub Y N 284 
PHE CE1 HE1  sing N N 285 
PHE CE2 CZ   sing Y N 286 
PHE CE2 HE2  sing N N 287 
PHE CZ  HZ   sing N N 288 
PHE OXT HXT  sing N N 289 
PRO N   CA   sing N N 290 
PRO N   CD   sing N N 291 
PRO N   H    sing N N 292 
PRO CA  C    sing N N 293 
PRO CA  CB   sing N N 294 
PRO CA  HA   sing N N 295 
PRO C   O    doub N N 296 
PRO C   OXT  sing N N 297 
PRO CB  CG   sing N N 298 
PRO CB  HB2  sing N N 299 
PRO CB  HB3  sing N N 300 
PRO CG  CD   sing N N 301 
PRO CG  HG2  sing N N 302 
PRO CG  HG3  sing N N 303 
PRO CD  HD2  sing N N 304 
PRO CD  HD3  sing N N 305 
PRO OXT HXT  sing N N 306 
SER N   CA   sing N N 307 
SER N   H    sing N N 308 
SER N   H2   sing N N 309 
SER CA  C    sing N N 310 
SER CA  CB   sing N N 311 
SER CA  HA   sing N N 312 
SER C   O    doub N N 313 
SER C   OXT  sing N N 314 
SER CB  OG   sing N N 315 
SER CB  HB2  sing N N 316 
SER CB  HB3  sing N N 317 
SER OG  HG   sing N N 318 
SER OXT HXT  sing N N 319 
THR N   CA   sing N N 320 
THR N   H    sing N N 321 
THR N   H2   sing N N 322 
THR CA  C    sing N N 323 
THR CA  CB   sing N N 324 
THR CA  HA   sing N N 325 
THR C   O    doub N N 326 
THR C   OXT  sing N N 327 
THR CB  OG1  sing N N 328 
THR CB  CG2  sing N N 329 
THR CB  HB   sing N N 330 
THR OG1 HG1  sing N N 331 
THR CG2 HG21 sing N N 332 
THR CG2 HG22 sing N N 333 
THR CG2 HG23 sing N N 334 
THR OXT HXT  sing N N 335 
TYR N   CA   sing N N 336 
TYR N   H    sing N N 337 
TYR N   H2   sing N N 338 
TYR CA  C    sing N N 339 
TYR CA  CB   sing N N 340 
TYR CA  HA   sing N N 341 
TYR C   O    doub N N 342 
TYR C   OXT  sing N N 343 
TYR CB  CG   sing N N 344 
TYR CB  HB2  sing N N 345 
TYR CB  HB3  sing N N 346 
TYR CG  CD1  doub Y N 347 
TYR CG  CD2  sing Y N 348 
TYR CD1 CE1  sing Y N 349 
TYR CD1 HD1  sing N N 350 
TYR CD2 CE2  doub Y N 351 
TYR CD2 HD2  sing N N 352 
TYR CE1 CZ   doub Y N 353 
TYR CE1 HE1  sing N N 354 
TYR CE2 CZ   sing Y N 355 
TYR CE2 HE2  sing N N 356 
TYR CZ  OH   sing N N 357 
TYR OH  HH   sing N N 358 
TYR OXT HXT  sing N N 359 
VAL N   CA   sing N N 360 
VAL N   H    sing N N 361 
VAL N   H2   sing N N 362 
VAL CA  C    sing N N 363 
VAL CA  CB   sing N N 364 
VAL CA  HA   sing N N 365 
VAL C   O    doub N N 366 
VAL C   OXT  sing N N 367 
VAL CB  CG1  sing N N 368 
VAL CB  CG2  sing N N 369 
VAL CB  HB   sing N N 370 
VAL CG1 HG11 sing N N 371 
VAL CG1 HG12 sing N N 372 
VAL CG1 HG13 sing N N 373 
VAL CG2 HG21 sing N N 374 
VAL CG2 HG22 sing N N 375 
VAL CG2 HG23 sing N N 376 
VAL OXT HXT  sing N N 377 
# 
_pdbx_initial_refinement_model.id               1 
_pdbx_initial_refinement_model.entity_id_list   ? 
_pdbx_initial_refinement_model.type             'experimental model' 
_pdbx_initial_refinement_model.source_name      PDB 
_pdbx_initial_refinement_model.accession_code   1QIV 
_pdbx_initial_refinement_model.details          'PDB ENTRY 1QIV' 
# 
_atom_sites.entry_id                    1L7Z 
_atom_sites.fract_transf_matrix[1][1]   0.02804551 
_atom_sites.fract_transf_matrix[1][2]   0.00342096 
_atom_sites.fract_transf_matrix[1][3]   -0.00326209 
_atom_sites.fract_transf_matrix[2][1]   0.01156239 
_atom_sites.fract_transf_matrix[2][2]   0.02585957 
_atom_sites.fract_transf_matrix[2][3]   0.00254638 
_atom_sites.fract_transf_matrix[3][1]   0.00076510 
_atom_sites.fract_transf_matrix[3][2]   -0.00089717 
_atom_sites.fract_transf_matrix[3][3]   0.00563700 
_atom_sites.fract_transf_vector[1]      0.483167 
_atom_sites.fract_transf_vector[2]      0.563333 
_atom_sites.fract_transf_vector[3]      0.406548 
# 
loop_
_atom_type.symbol 
C  
CA 
N  
O  
S  
# 
loop_
_atom_site.group_PDB 
_atom_site.id 
_atom_site.type_symbol 
_atom_site.label_atom_id 
_atom_site.label_alt_id 
_atom_site.label_comp_id 
_atom_site.label_asym_id 
_atom_site.label_entity_id 
_atom_site.label_seq_id 
_atom_site.pdbx_PDB_ins_code 
_atom_site.Cartn_x 
_atom_site.Cartn_y 
_atom_site.Cartn_z 
_atom_site.occupancy 
_atom_site.B_iso_or_equiv 
_atom_site.pdbx_formal_charge 
_atom_site.auth_seq_id 
_atom_site.auth_comp_id 
_atom_site.auth_asym_id 
_atom_site.auth_atom_id 
_atom_site.pdbx_PDB_model_num 
ATOM   1    N  N   . GLN A 1 3   ? -5.089  4.811   19.673  1.00 89.39  ? 3    GLN A N   1 
ATOM   2    C  CA  . GLN A 1 3   ? -3.827  4.893   18.879  1.00 89.70  ? 3    GLN A CA  1 
ATOM   3    C  C   . GLN A 1 3   ? -3.880  3.884   17.729  1.00 89.17  ? 3    GLN A C   1 
ATOM   4    O  O   . GLN A 1 3   ? -4.912  3.732   17.074  1.00 88.80  ? 3    GLN A O   1 
ATOM   5    C  CB  . GLN A 1 3   ? -2.628  4.594   19.786  1.00 90.41  ? 3    GLN A CB  1 
ATOM   6    C  CG  . GLN A 1 3   ? -1.271  4.999   19.216  1.00 91.41  ? 3    GLN A CG  1 
ATOM   7    C  CD  . GLN A 1 3   ? -1.118  6.502   19.088  1.00 92.80  ? 3    GLN A CD  1 
ATOM   8    O  OE1 . GLN A 1 3   ? -1.854  7.154   18.342  1.00 94.15  ? 3    GLN A OE1 1 
ATOM   9    N  NE2 . GLN A 1 3   ? -0.159  7.065   19.821  1.00 91.81  ? 3    GLN A NE2 1 
ATOM   10   N  N   . LEU A 1 4   ? -2.767  3.198   17.484  1.00 88.26  ? 4    LEU A N   1 
ATOM   11   C  CA  . LEU A 1 4   ? -2.699  2.197   16.422  1.00 85.92  ? 4    LEU A CA  1 
ATOM   12   C  C   . LEU A 1 4   ? -3.636  1.044   16.756  1.00 84.77  ? 4    LEU A C   1 
ATOM   13   O  O   . LEU A 1 4   ? -3.320  0.192   17.586  1.00 84.43  ? 4    LEU A O   1 
ATOM   14   C  CB  . LEU A 1 4   ? -1.272  1.666   16.285  1.00 85.83  ? 4    LEU A CB  1 
ATOM   15   C  CG  . LEU A 1 4   ? -1.039  0.602   15.211  1.00 85.14  ? 4    LEU A CG  1 
ATOM   16   C  CD1 . LEU A 1 4   ? -1.126  1.234   13.828  1.00 85.81  ? 4    LEU A CD1 1 
ATOM   17   C  CD2 . LEU A 1 4   ? 0.324   -0.027  15.413  1.00 84.96  ? 4    LEU A CD2 1 
ATOM   18   N  N   . THR A 1 5   ? -4.793  1.017   16.109  1.00 83.49  ? 5    THR A N   1 
ATOM   19   C  CA  . THR A 1 5   ? -5.761  -0.038  16.359  1.00 82.95  ? 5    THR A CA  1 
ATOM   20   C  C   . THR A 1 5   ? -5.148  -1.401  16.101  1.00 82.24  ? 5    THR A C   1 
ATOM   21   O  O   . THR A 1 5   ? -4.047  -1.507  15.564  1.00 81.60  ? 5    THR A O   1 
ATOM   22   C  CB  . THR A 1 5   ? -6.995  0.103   15.455  1.00 83.78  ? 5    THR A CB  1 
ATOM   23   O  OG1 . THR A 1 5   ? -6.608  -0.059  14.085  1.00 82.96  ? 5    THR A OG1 1 
ATOM   24   C  CG2 . THR A 1 5   ? -7.632  1.467   15.641  1.00 84.29  ? 5    THR A CG2 1 
ATOM   25   N  N   . GLU A 1 6   ? -5.874  -2.442  16.489  1.00 81.69  ? 6    GLU A N   1 
ATOM   26   C  CA  . GLU A 1 6   ? -5.421  -3.810  16.296  1.00 81.60  ? 6    GLU A CA  1 
ATOM   27   C  C   . GLU A 1 6   ? -5.767  -4.253  14.875  1.00 80.60  ? 6    GLU A C   1 
ATOM   28   O  O   . GLU A 1 6   ? -5.109  -5.126  14.308  1.00 79.67  ? 6    GLU A O   1 
ATOM   29   C  CB  . GLU A 1 6   ? -6.099  -4.728  17.314  1.00 83.49  ? 6    GLU A CB  1 
ATOM   30   C  CG  . GLU A 1 6   ? -5.653  -6.178  17.250  1.00 86.53  ? 6    GLU A CG  1 
ATOM   31   C  CD  . GLU A 1 6   ? -6.425  -7.064  18.208  1.00 88.40  ? 6    GLU A CD  1 
ATOM   32   O  OE1 . GLU A 1 6   ? -6.329  -6.838  19.435  1.00 88.84  ? 6    GLU A OE1 1 
ATOM   33   O  OE2 . GLU A 1 6   ? -7.128  -7.984  17.732  1.00 90.19  ? 6    GLU A OE2 1 
ATOM   34   N  N   . GLU A 1 7   ? -6.807  -3.644  14.310  1.00 79.64  ? 7    GLU A N   1 
ATOM   35   C  CA  . GLU A 1 7   ? -7.243  -3.960  12.954  1.00 78.77  ? 7    GLU A CA  1 
ATOM   36   C  C   . GLU A 1 7   ? -6.214  -3.421  11.967  1.00 77.17  ? 7    GLU A C   1 
ATOM   37   O  O   . GLU A 1 7   ? -6.041  -3.965  10.875  1.00 76.40  ? 7    GLU A O   1 
ATOM   38   C  CB  . GLU A 1 7   ? -8.613  -3.335  12.670  1.00 79.83  ? 7    GLU A CB  1 
ATOM   39   C  CG  . GLU A 1 7   ? -9.748  -3.883  13.529  1.00 83.38  ? 7    GLU A CG  1 
ATOM   40   C  CD  . GLU A 1 7   ? -9.577  -3.570  15.010  1.00 84.51  ? 7    GLU A CD  1 
ATOM   41   O  OE1 . GLU A 1 7   ? -9.535  -2.372  15.367  1.00 84.43  ? 7    GLU A OE1 1 
ATOM   42   O  OE2 . GLU A 1 7   ? -9.481  -4.523  15.816  1.00 85.38  ? 7    GLU A OE2 1 
ATOM   43   N  N   . GLN A 1 8   ? -5.541  -2.343  12.364  1.00 74.98  ? 8    GLN A N   1 
ATOM   44   C  CA  . GLN A 1 8   ? -4.504  -1.731  11.541  1.00 73.44  ? 8    GLN A CA  1 
ATOM   45   C  C   . GLN A 1 8   ? -3.282  -2.643  11.551  1.00 71.67  ? 8    GLN A C   1 
ATOM   46   O  O   . GLN A 1 8   ? -2.638  -2.848  10.522  1.00 71.39  ? 8    GLN A O   1 
ATOM   47   C  CB  . GLN A 1 8   ? -4.138  -0.344  12.085  1.00 73.45  ? 8    GLN A CB  1 
ATOM   48   C  CG  . GLN A 1 8   ? -5.108  0.758   11.664  1.00 74.55  ? 8    GLN A CG  1 
ATOM   49   C  CD  . GLN A 1 8   ? -4.868  2.076   12.386  1.00 75.10  ? 8    GLN A CD  1 
ATOM   50   O  OE1 . GLN A 1 8   ? -5.116  2.195   13.586  1.00 74.20  ? 8    GLN A OE1 1 
ATOM   51   N  NE2 . GLN A 1 8   ? -4.379  3.074   11.654  1.00 75.54  ? 8    GLN A NE2 1 
ATOM   52   N  N   . ILE A 1 9   ? -2.977  -3.196  12.721  1.00 68.68  ? 9    ILE A N   1 
ATOM   53   C  CA  . ILE A 1 9   ? -1.849  -4.101  12.862  1.00 65.70  ? 9    ILE A CA  1 
ATOM   54   C  C   . ILE A 1 9   ? -2.115  -5.337  12.017  1.00 65.52  ? 9    ILE A C   1 
ATOM   55   O  O   . ILE A 1 9   ? -1.186  -5.973  11.518  1.00 67.31  ? 9    ILE A O   1 
ATOM   56   C  CB  . ILE A 1 9   ? -1.651  -4.516  14.330  1.00 63.94  ? 9    ILE A CB  1 
ATOM   57   C  CG1 . ILE A 1 9   ? -1.236  -3.291  15.150  1.00 63.80  ? 9    ILE A CG1 1 
ATOM   58   C  CG2 . ILE A 1 9   ? -0.607  -5.619  14.427  1.00 62.58  ? 9    ILE A CG2 1 
ATOM   59   C  CD1 . ILE A 1 9   ? -1.154  -3.536  16.642  1.00 63.65  ? 9    ILE A CD1 1 
ATOM   60   N  N   . ALA A 1 10  ? -3.391  -5.673  11.862  1.00 63.07  ? 10   ALA A N   1 
ATOM   61   C  CA  . ALA A 1 10  ? -3.781  -6.824  11.058  1.00 60.49  ? 10   ALA A CA  1 
ATOM   62   C  C   . ALA A 1 10  ? -3.599  -6.467  9.586   1.00 58.41  ? 10   ALA A C   1 
ATOM   63   O  O   . ALA A 1 10  ? -3.069  -7.250  8.802   1.00 56.75  ? 10   ALA A O   1 
ATOM   64   C  CB  . ALA A 1 10  ? -5.235  -7.193  11.328  1.00 59.81  ? 10   ALA A CB  1 
ATOM   65   N  N   . GLU A 1 11  ? -4.038  -5.271  9.219   1.00 58.02  ? 11   GLU A N   1 
ATOM   66   C  CA  . GLU A 1 11  ? -3.925  -4.822  7.840   1.00 57.94  ? 11   GLU A CA  1 
ATOM   67   C  C   . GLU A 1 11  ? -2.463  -4.651  7.430   1.00 56.97  ? 11   GLU A C   1 
ATOM   68   O  O   . GLU A 1 11  ? -2.078  -5.043  6.329   1.00 57.44  ? 11   GLU A O   1 
ATOM   69   C  CB  . GLU A 1 11  ? -4.693  -3.512  7.651   1.00 57.53  ? 11   GLU A CB  1 
ATOM   70   N  N   . PHE A 1 12  ? -1.653  -4.079  8.318   1.00 56.09  ? 12   PHE A N   1 
ATOM   71   C  CA  . PHE A 1 12  ? -0.237  -3.863  8.034   1.00 56.36  ? 12   PHE A CA  1 
ATOM   72   C  C   . PHE A 1 12  ? 0.568   -5.153  8.013   1.00 55.70  ? 12   PHE A C   1 
ATOM   73   O  O   . PHE A 1 12  ? 1.635   -5.209  7.409   1.00 57.65  ? 12   PHE A O   1 
ATOM   74   C  CB  . PHE A 1 12  ? 0.387   -2.907  9.052   1.00 57.82  ? 12   PHE A CB  1 
ATOM   75   C  CG  . PHE A 1 12  ? -0.169  -1.513  8.995   1.00 61.73  ? 12   PHE A CG  1 
ATOM   76   C  CD1 . PHE A 1 12  ? -0.436  -0.905  7.773   1.00 62.62  ? 12   PHE A CD1 1 
ATOM   77   C  CD2 . PHE A 1 12  ? -0.399  -0.794  10.165  1.00 63.27  ? 12   PHE A CD2 1 
ATOM   78   C  CE1 . PHE A 1 12  ? -0.926  0.398   7.714   1.00 64.77  ? 12   PHE A CE1 1 
ATOM   79   C  CE2 . PHE A 1 12  ? -0.890  0.513   10.118  1.00 65.26  ? 12   PHE A CE2 1 
ATOM   80   C  CZ  . PHE A 1 12  ? -1.153  1.111   8.888   1.00 65.04  ? 12   PHE A CZ  1 
ATOM   81   N  N   . LYS A 1 13  ? 0.069   -6.183  8.686   1.00 54.37  ? 13   LYS A N   1 
ATOM   82   C  CA  . LYS A 1 13  ? 0.748   -7.471  8.722   1.00 52.95  ? 13   LYS A CA  1 
ATOM   83   C  C   . LYS A 1 13  ? 0.460   -8.187  7.409   1.00 51.54  ? 13   LYS A C   1 
ATOM   84   O  O   . LYS A 1 13  ? 1.283   -8.959  6.914   1.00 50.49  ? 13   LYS A O   1 
ATOM   85   C  CB  . LYS A 1 13  ? 0.247   -8.297  9.913   1.00 54.65  ? 13   LYS A CB  1 
ATOM   86   C  CG  . LYS A 1 13  ? 0.644   -9.765  9.892   1.00 55.16  ? 13   LYS A CG  1 
ATOM   87   C  CD  . LYS A 1 13  ? 2.144   -9.962  9.986   1.00 59.43  ? 13   LYS A CD  1 
ATOM   88   C  CE  . LYS A 1 13  ? 2.474   -11.449 10.061  1.00 60.32  ? 13   LYS A CE  1 
ATOM   89   N  NZ  . LYS A 1 13  ? 3.925   -11.705 10.261  1.00 63.43  ? 13   LYS A NZ  1 
ATOM   90   N  N   . GLU A 1 14  ? -0.719  -7.920  6.852   1.00 50.79  ? 14   GLU A N   1 
ATOM   91   C  CA  . GLU A 1 14  ? -1.136  -8.512  5.583   1.00 51.41  ? 14   GLU A CA  1 
ATOM   92   C  C   . GLU A 1 14  ? -0.394  -7.815  4.444   1.00 48.26  ? 14   GLU A C   1 
ATOM   93   O  O   . GLU A 1 14  ? 0.077   -8.456  3.512   1.00 47.62  ? 14   GLU A O   1 
ATOM   94   C  CB  . GLU A 1 14  ? -2.645  -8.347  5.387   1.00 55.27  ? 14   GLU A CB  1 
ATOM   95   C  CG  . GLU A 1 14  ? -3.168  -8.917  4.077   1.00 60.60  ? 14   GLU A CG  1 
ATOM   96   C  CD  . GLU A 1 14  ? -2.797  -10.372 3.898   1.00 64.03  ? 14   GLU A CD  1 
ATOM   97   O  OE1 . GLU A 1 14  ? -2.973  -11.138 4.865   1.00 66.99  ? 14   GLU A OE1 1 
ATOM   98   O  OE2 . GLU A 1 14  ? -2.336  -10.754 2.799   1.00 67.32  ? 14   GLU A OE2 1 
ATOM   99   N  N   . ALA A 1 15  ? -0.293  -6.498  4.539   1.00 45.91  ? 15   ALA A N   1 
ATOM   100  C  CA  . ALA A 1 15  ? 0.405   -5.713  3.542   1.00 47.39  ? 15   ALA A CA  1 
ATOM   101  C  C   . ALA A 1 15  ? 1.871   -6.146  3.531   1.00 47.30  ? 15   ALA A C   1 
ATOM   102  O  O   . ALA A 1 15  ? 2.498   -6.249  2.473   1.00 46.70  ? 15   ALA A O   1 
ATOM   103  C  CB  . ALA A 1 15  ? 0.292   -4.241  3.875   1.00 44.28  ? 15   ALA A CB  1 
ATOM   104  N  N   . PHE A 1 16  ? 2.403   -6.408  4.720   1.00 46.19  ? 16   PHE A N   1 
ATOM   105  C  CA  . PHE A 1 16  ? 3.789   -6.843  4.865   1.00 46.00  ? 16   PHE A CA  1 
ATOM   106  C  C   . PHE A 1 16  ? 4.017   -8.177  4.154   1.00 47.05  ? 16   PHE A C   1 
ATOM   107  O  O   . PHE A 1 16  ? 5.100   -8.424  3.612   1.00 47.44  ? 16   PHE A O   1 
ATOM   108  C  CB  . PHE A 1 16  ? 4.147   -6.999  6.350   1.00 42.44  ? 16   PHE A CB  1 
ATOM   109  C  CG  . PHE A 1 16  ? 5.592   -7.340  6.594   1.00 40.37  ? 16   PHE A CG  1 
ATOM   110  C  CD1 . PHE A 1 16  ? 6.570   -6.350  6.573   1.00 38.13  ? 16   PHE A CD1 1 
ATOM   111  C  CD2 . PHE A 1 16  ? 5.980   -8.656  6.824   1.00 39.58  ? 16   PHE A CD2 1 
ATOM   112  C  CE1 . PHE A 1 16  ? 7.918   -6.666  6.777   1.00 34.47  ? 16   PHE A CE1 1 
ATOM   113  C  CE2 . PHE A 1 16  ? 7.321   -8.980  7.030   1.00 37.71  ? 16   PHE A CE2 1 
ATOM   114  C  CZ  . PHE A 1 16  ? 8.290   -7.980  7.005   1.00 36.80  ? 16   PHE A CZ  1 
ATOM   115  N  N   . SER A 1 17  ? 3.003   -9.039  4.171   1.00 47.17  ? 17   SER A N   1 
ATOM   116  C  CA  . SER A 1 17  ? 3.111   -10.345 3.522   1.00 48.45  ? 17   SER A CA  1 
ATOM   117  C  C   . SER A 1 17  ? 3.069   -10.176 2.014   1.00 47.00  ? 17   SER A C   1 
ATOM   118  O  O   . SER A 1 17  ? 3.488   -11.066 1.278   1.00 47.68  ? 17   SER A O   1 
ATOM   119  C  CB  . SER A 1 17  ? 1.968   -11.280 3.954   1.00 48.87  ? 17   SER A CB  1 
ATOM   120  O  OG  . SER A 1 17  ? 0.740   -10.910 3.337   1.00 53.69  ? 17   SER A OG  1 
ATOM   121  N  N   . LEU A 1 18  ? 2.555   -9.042  1.553   1.00 46.51  ? 18   LEU A N   1 
ATOM   122  C  CA  . LEU A 1 18  ? 2.495   -8.796  0.119   1.00 49.10  ? 18   LEU A CA  1 
ATOM   123  C  C   . LEU A 1 18  ? 3.876   -8.447  -0.395  1.00 48.89  ? 18   LEU A C   1 
ATOM   124  O  O   . LEU A 1 18  ? 4.189   -8.671  -1.562  1.00 50.62  ? 18   LEU A O   1 
ATOM   125  C  CB  . LEU A 1 18  ? 1.520   -7.668  -0.206  1.00 49.45  ? 18   LEU A CB  1 
ATOM   126  C  CG  . LEU A 1 18  ? 0.060   -8.027  0.065   1.00 51.20  ? 18   LEU A CG  1 
ATOM   127  C  CD1 . LEU A 1 18  ? -0.838  -6.974  -0.573  1.00 51.90  ? 18   LEU A CD1 1 
ATOM   128  C  CD2 . LEU A 1 18  ? -0.251  -9.411  -0.510  1.00 52.79  ? 18   LEU A CD2 1 
ATOM   129  N  N   . PHE A 1 19  ? 4.703   -7.898  0.485   1.00 48.59  ? 19   PHE A N   1 
ATOM   130  C  CA  . PHE A 1 19  ? 6.063   -7.542  0.118   1.00 46.72  ? 19   PHE A CA  1 
ATOM   131  C  C   . PHE A 1 19  ? 7.003   -8.723  0.338   1.00 45.48  ? 19   PHE A C   1 
ATOM   132  O  O   . PHE A 1 19  ? 7.813   -9.055  -0.519  1.00 47.11  ? 19   PHE A O   1 
ATOM   133  C  CB  . PHE A 1 19  ? 6.549   -6.357  0.947   1.00 45.52  ? 19   PHE A CB  1 
ATOM   134  C  CG  . PHE A 1 19  ? 5.915   -5.059  0.576   1.00 47.02  ? 19   PHE A CG  1 
ATOM   135  C  CD1 . PHE A 1 19  ? 4.579   -4.815  0.858   1.00 46.10  ? 19   PHE A CD1 1 
ATOM   136  C  CD2 . PHE A 1 19  ? 6.662   -4.066  -0.051  1.00 47.87  ? 19   PHE A CD2 1 
ATOM   137  C  CE1 . PHE A 1 19  ? 3.989   -3.597  0.522   1.00 49.07  ? 19   PHE A CE1 1 
ATOM   138  C  CE2 . PHE A 1 19  ? 6.083   -2.840  -0.392  1.00 49.58  ? 19   PHE A CE2 1 
ATOM   139  C  CZ  . PHE A 1 19  ? 4.746   -2.604  -0.106  1.00 48.41  ? 19   PHE A CZ  1 
ATOM   140  N  N   . ASP A 1 20  ? 6.892   -9.350  1.499   1.00 43.70  ? 20   ASP A N   1 
ATOM   141  C  CA  . ASP A 1 20  ? 7.737   -10.482 1.842   1.00 44.64  ? 20   ASP A CA  1 
ATOM   142  C  C   . ASP A 1 20  ? 7.271   -11.733 1.105   1.00 45.71  ? 20   ASP A C   1 
ATOM   143  O  O   . ASP A 1 20  ? 6.617   -12.598 1.676   1.00 44.31  ? 20   ASP A O   1 
ATOM   144  C  CB  . ASP A 1 20  ? 7.701   -10.676 3.355   1.00 43.31  ? 20   ASP A CB  1 
ATOM   145  C  CG  . ASP A 1 20  ? 8.481   -11.875 3.806   1.00 45.88  ? 20   ASP A CG  1 
ATOM   146  O  OD1 . ASP A 1 20  ? 9.527   -12.182 3.189   1.00 44.48  ? 20   ASP A OD1 1 
ATOM   147  O  OD2 . ASP A 1 20  ? 8.048   -12.501 4.794   1.00 46.32  ? 20   ASP A OD2 1 
ATOM   148  N  N   . LYS A 1 21  ? 7.617   -11.810 -0.175  1.00 49.20  ? 21   LYS A N   1 
ATOM   149  C  CA  . LYS A 1 21  ? 7.224   -12.923 -1.040  1.00 53.14  ? 21   LYS A CA  1 
ATOM   150  C  C   . LYS A 1 21  ? 7.525   -14.323 -0.506  1.00 54.66  ? 21   LYS A C   1 
ATOM   151  O  O   . LYS A 1 21  ? 6.640   -15.177 -0.487  1.00 55.95  ? 21   LYS A O   1 
ATOM   152  C  CB  . LYS A 1 21  ? 7.868   -12.764 -2.424  1.00 53.06  ? 21   LYS A CB  1 
ATOM   153  C  CG  . LYS A 1 21  ? 7.536   -11.456 -3.141  1.00 54.75  ? 21   LYS A CG  1 
ATOM   154  C  CD  . LYS A 1 21  ? 6.051   -11.313 -3.439  1.00 55.37  ? 21   LYS A CD  1 
ATOM   155  C  CE  . LYS A 1 21  ? 5.764   -10.001 -4.160  1.00 56.64  ? 21   LYS A CE  1 
ATOM   156  N  NZ  . LYS A 1 21  ? 4.304   -9.756  -4.339  1.00 59.04  ? 21   LYS A NZ  1 
ATOM   157  N  N   . ASP A 1 22  ? 8.766   -14.561 -0.084  1.00 56.29  ? 22   ASP A N   1 
ATOM   158  C  CA  . ASP A 1 22  ? 9.164   -15.869 0.442   1.00 56.51  ? 22   ASP A CA  1 
ATOM   159  C  C   . ASP A 1 22  ? 8.692   -16.119 1.865   1.00 56.08  ? 22   ASP A C   1 
ATOM   160  O  O   . ASP A 1 22  ? 8.817   -17.230 2.381   1.00 58.52  ? 22   ASP A O   1 
ATOM   161  C  CB  . ASP A 1 22  ? 10.684  -16.039 0.394   1.00 56.93  ? 22   ASP A CB  1 
ATOM   162  C  CG  . ASP A 1 22  ? 11.424  -14.875 1.018   1.00 56.34  ? 22   ASP A CG  1 
ATOM   163  O  OD1 . ASP A 1 22  ? 10.944  -14.328 2.033   1.00 55.26  ? 22   ASP A OD1 1 
ATOM   164  O  OD2 . ASP A 1 22  ? 12.499  -14.514 0.494   1.00 58.29  ? 22   ASP A OD2 1 
ATOM   165  N  N   . GLY A 1 23  ? 8.159   -15.082 2.499   1.00 55.27  ? 23   GLY A N   1 
ATOM   166  C  CA  . GLY A 1 23  ? 7.674   -15.217 3.857   1.00 54.39  ? 23   GLY A CA  1 
ATOM   167  C  C   . GLY A 1 23  ? 8.757   -15.498 4.881   1.00 54.96  ? 23   GLY A C   1 
ATOM   168  O  O   . GLY A 1 23  ? 8.474   -16.070 5.935   1.00 55.88  ? 23   GLY A O   1 
ATOM   169  N  N   . ASP A 1 24  ? 9.993   -15.094 4.592   1.00 53.39  ? 24   ASP A N   1 
ATOM   170  C  CA  . ASP A 1 24  ? 11.091  -15.335 5.520   1.00 52.21  ? 24   ASP A CA  1 
ATOM   171  C  C   . ASP A 1 24  ? 11.125  -14.300 6.640   1.00 51.38  ? 24   ASP A C   1 
ATOM   172  O  O   . ASP A 1 24  ? 12.057  -14.271 7.442   1.00 51.49  ? 24   ASP A O   1 
ATOM   173  C  CB  . ASP A 1 24  ? 12.437  -15.380 4.768   1.00 51.90  ? 24   ASP A CB  1 
ATOM   174  C  CG  . ASP A 1 24  ? 12.941  -14.003 4.351   1.00 51.92  ? 24   ASP A CG  1 
ATOM   175  O  OD1 . ASP A 1 24  ? 12.125  -13.068 4.235   1.00 50.47  ? 24   ASP A OD1 1 
ATOM   176  O  OD2 . ASP A 1 24  ? 14.168  -13.866 4.124   1.00 50.14  ? 24   ASP A OD2 1 
ATOM   177  N  N   . GLY A 1 25  ? 10.097  -13.457 6.692   1.00 50.94  ? 25   GLY A N   1 
ATOM   178  C  CA  . GLY A 1 25  ? 10.013  -12.437 7.724   1.00 49.66  ? 25   GLY A CA  1 
ATOM   179  C  C   . GLY A 1 25  ? 10.771  -11.146 7.455   1.00 51.34  ? 25   GLY A C   1 
ATOM   180  O  O   . GLY A 1 25  ? 10.800  -10.245 8.301   1.00 52.55  ? 25   GLY A O   1 
ATOM   181  N  N   . THR A 1 26  ? 11.383  -11.042 6.284   1.00 48.92  ? 26   THR A N   1 
ATOM   182  C  CA  . THR A 1 26  ? 12.130  -9.846  5.936   1.00 48.27  ? 26   THR A CA  1 
ATOM   183  C  C   . THR A 1 26  ? 11.836  -9.426  4.508   1.00 46.49  ? 26   THR A C   1 
ATOM   184  O  O   . THR A 1 26  ? 11.601  -10.266 3.640   1.00 47.42  ? 26   THR A O   1 
ATOM   185  C  CB  . THR A 1 26  ? 13.641  -10.083 6.046   1.00 51.44  ? 26   THR A CB  1 
ATOM   186  O  OG1 . THR A 1 26  ? 14.006  -11.191 5.209   1.00 55.19  ? 26   THR A OG1 1 
ATOM   187  C  CG2 . THR A 1 26  ? 14.030  -10.380 7.482   1.00 53.29  ? 26   THR A CG2 1 
ATOM   188  N  N   . ILE A 1 27  ? 11.839  -8.124  4.267   1.00 43.36  ? 27   ILE A N   1 
ATOM   189  C  CA  . ILE A 1 27  ? 11.603  -7.629  2.929   1.00 42.46  ? 27   ILE A CA  1 
ATOM   190  C  C   . ILE A 1 27  ? 12.952  -7.201  2.389   1.00 43.00  ? 27   ILE A C   1 
ATOM   191  O  O   . ILE A 1 27  ? 13.669  -6.433  3.036   1.00 43.39  ? 27   ILE A O   1 
ATOM   192  C  CB  . ILE A 1 27  ? 10.659  -6.417  2.914   1.00 41.29  ? 27   ILE A CB  1 
ATOM   193  C  CG1 . ILE A 1 27  ? 9.305   -6.793  3.525   1.00 36.56  ? 27   ILE A CG1 1 
ATOM   194  C  CG2 . ILE A 1 27  ? 10.471  -5.928  1.466   1.00 39.12  ? 27   ILE A CG2 1 
ATOM   195  C  CD1 . ILE A 1 27  ? 8.350   -5.620  3.603   1.00 33.14  ? 27   ILE A CD1 1 
ATOM   196  N  N   . THR A 1 28  ? 13.309  -7.717  1.216   1.00 42.57  ? 28   THR A N   1 
ATOM   197  C  CA  . THR A 1 28  ? 14.587  -7.373  0.598   1.00 41.36  ? 28   THR A CA  1 
ATOM   198  C  C   . THR A 1 28  ? 14.372  -6.403  -0.549  1.00 40.11  ? 28   THR A C   1 
ATOM   199  O  O   . THR A 1 28  ? 13.238  -6.172  -0.966  1.00 42.15  ? 28   THR A O   1 
ATOM   200  C  CB  . THR A 1 28  ? 15.290  -8.613  0.036   1.00 43.25  ? 28   THR A CB  1 
ATOM   201  O  OG1 . THR A 1 28  ? 14.457  -9.197  -0.972  1.00 47.40  ? 28   THR A OG1 1 
ATOM   202  C  CG2 . THR A 1 28  ? 15.553  -9.649  1.143   1.00 41.07  ? 28   THR A CG2 1 
ATOM   203  N  N   . THR A 1 29  ? 15.466  -5.830  -1.044  1.00 39.97  ? 29   THR A N   1 
ATOM   204  C  CA  . THR A 1 29  ? 15.414  -4.900  -2.167  1.00 38.68  ? 29   THR A CA  1 
ATOM   205  C  C   . THR A 1 29  ? 14.833  -5.621  -3.376  1.00 37.34  ? 29   THR A C   1 
ATOM   206  O  O   . THR A 1 29  ? 14.129  -5.023  -4.179  1.00 36.61  ? 29   THR A O   1 
ATOM   207  C  CB  . THR A 1 29  ? 16.818  -4.407  -2.554  1.00 40.86  ? 29   THR A CB  1 
ATOM   208  O  OG1 . THR A 1 29  ? 17.661  -5.542  -2.804  1.00 43.02  ? 29   THR A OG1 1 
ATOM   209  C  CG2 . THR A 1 29  ? 17.412  -3.552  -1.447  1.00 37.64  ? 29   THR A CG2 1 
ATOM   210  N  N   . LYS A 1 30  ? 15.143  -6.910  -3.500  1.00 38.34  ? 30   LYS A N   1 
ATOM   211  C  CA  . LYS A 1 30  ? 14.642  -7.707  -4.611  1.00 39.27  ? 30   LYS A CA  1 
ATOM   212  C  C   . LYS A 1 30  ? 13.123  -7.776  -4.554  1.00 39.82  ? 30   LYS A C   1 
ATOM   213  O  O   . LYS A 1 30  ? 12.443  -7.537  -5.556  1.00 38.18  ? 30   LYS A O   1 
ATOM   214  C  CB  . LYS A 1 30  ? 15.243  -9.120  -4.578  1.00 39.20  ? 30   LYS A CB  1 
ATOM   215  C  CG  . LYS A 1 30  ? 16.720  -9.163  -4.957  1.00 38.10  ? 30   LYS A CG  1 
ATOM   216  C  CD  . LYS A 1 30  ? 17.236  -10.588 -5.083  1.00 42.73  ? 30   LYS A CD  1 
ATOM   217  C  CE  . LYS A 1 30  ? 17.443  -11.239 -3.711  1.00 48.35  ? 30   LYS A CE  1 
ATOM   218  N  NZ  . LYS A 1 30  ? 18.542  -10.563 -2.947  1.00 47.36  ? 30   LYS A NZ  1 
ATOM   219  N  N   . GLU A 1 31  ? 12.600  -8.082  -3.369  1.00 38.99  ? 31   GLU A N   1 
ATOM   220  C  CA  . GLU A 1 31  ? 11.159  -8.172  -3.161  1.00 37.75  ? 31   GLU A CA  1 
ATOM   221  C  C   . GLU A 1 31  ? 10.500  -6.816  -3.315  1.00 36.80  ? 31   GLU A C   1 
ATOM   222  O  O   . GLU A 1 31  ? 9.400   -6.723  -3.840  1.00 40.20  ? 31   GLU A O   1 
ATOM   223  C  CB  . GLU A 1 31  ? 10.865  -8.761  -1.784  1.00 38.21  ? 31   GLU A CB  1 
ATOM   224  C  CG  . GLU A 1 31  ? 11.393  -10.178 -1.635  1.00 38.85  ? 31   GLU A CG  1 
ATOM   225  C  CD  . GLU A 1 31  ? 11.151  -10.760 -0.264  1.00 40.42  ? 31   GLU A CD  1 
ATOM   226  O  OE1 . GLU A 1 31  ? 11.463  -10.080 0.733   1.00 43.21  ? 31   GLU A OE1 1 
ATOM   227  O  OE2 . GLU A 1 31  ? 10.661  -11.900 -0.182  1.00 43.19  ? 31   GLU A OE2 1 
ATOM   228  N  N   . LEU A 1 32  ? 11.176  -5.766  -2.859  1.00 38.65  ? 32   LEU A N   1 
ATOM   229  C  CA  . LEU A 1 32  ? 10.658  -4.406  -2.989  1.00 38.18  ? 32   LEU A CA  1 
ATOM   230  C  C   . LEU A 1 32  ? 10.678  -4.032  -4.461  1.00 38.47  ? 32   LEU A C   1 
ATOM   231  O  O   . LEU A 1 32  ? 9.846   -3.255  -4.936  1.00 41.32  ? 32   LEU A O   1 
ATOM   232  C  CB  . LEU A 1 32  ? 11.525  -3.414  -2.195  1.00 39.71  ? 32   LEU A CB  1 
ATOM   233  C  CG  . LEU A 1 32  ? 11.134  -1.927  -2.282  1.00 42.31  ? 32   LEU A CG  1 
ATOM   234  C  CD1 . LEU A 1 32  ? 9.693   -1.746  -1.832  1.00 42.48  ? 32   LEU A CD1 1 
ATOM   235  C  CD2 . LEU A 1 32  ? 12.062  -1.086  -1.430  1.00 41.40  ? 32   LEU A CD2 1 
ATOM   236  N  N   . GLY A 1 33  ? 11.645  -4.586  -5.182  1.00 39.70  ? 33   GLY A N   1 
ATOM   237  C  CA  . GLY A 1 33  ? 11.759  -4.313  -6.599  1.00 37.46  ? 33   GLY A CA  1 
ATOM   238  C  C   . GLY A 1 33  ? 10.630  -4.942  -7.385  1.00 36.46  ? 33   GLY A C   1 
ATOM   239  O  O   . GLY A 1 33  ? 10.035  -4.292  -8.243  1.00 37.36  ? 33   GLY A O   1 
ATOM   240  N  N   . THR A 1 34  ? 10.316  -6.203  -7.100  1.00 37.54  ? 34   THR A N   1 
ATOM   241  C  CA  . THR A 1 34  ? 9.240   -6.863  -7.829  1.00 38.65  ? 34   THR A CA  1 
ATOM   242  C  C   . THR A 1 34  ? 7.891   -6.236  -7.487  1.00 37.64  ? 34   THR A C   1 
ATOM   243  O  O   . THR A 1 34  ? 7.051   -6.076  -8.366  1.00 38.69  ? 34   THR A O   1 
ATOM   244  C  CB  . THR A 1 34  ? 9.198   -8.405  -7.568  1.00 39.24  ? 34   THR A CB  1 
ATOM   245  O  OG1 . THR A 1 34  ? 8.379   -8.694  -6.437  1.00 43.01  ? 34   THR A OG1 1 
ATOM   246  C  CG2 . THR A 1 34  ? 10.580  -8.938  -7.317  1.00 36.96  ? 34   THR A CG2 1 
ATOM   247  N  N   . VAL A 1 35  ? 7.680   -5.862  -6.227  1.00 36.20  ? 35   VAL A N   1 
ATOM   248  C  CA  . VAL A 1 35  ? 6.411   -5.232  -5.867  1.00 37.63  ? 35   VAL A CA  1 
ATOM   249  C  C   . VAL A 1 35  ? 6.271   -3.911  -6.619  1.00 38.38  ? 35   VAL A C   1 
ATOM   250  O  O   . VAL A 1 35  ? 5.251   -3.655  -7.251  1.00 36.52  ? 35   VAL A O   1 
ATOM   251  C  CB  . VAL A 1 35  ? 6.287   -4.946  -4.333  1.00 37.77  ? 35   VAL A CB  1 
ATOM   252  C  CG1 . VAL A 1 35  ? 5.074   -4.038  -4.066  1.00 32.63  ? 35   VAL A CG1 1 
ATOM   253  C  CG2 . VAL A 1 35  ? 6.131   -6.256  -3.565  1.00 33.53  ? 35   VAL A CG2 1 
ATOM   254  N  N   . MET A 1 36  ? 7.304   -3.076  -6.557  1.00 40.39  ? 36   MET A N   1 
ATOM   255  C  CA  . MET A 1 36  ? 7.264   -1.797  -7.242  1.00 41.97  ? 36   MET A CA  1 
ATOM   256  C  C   . MET A 1 36  ? 7.103   -1.928  -8.748  1.00 41.25  ? 36   MET A C   1 
ATOM   257  O  O   . MET A 1 36  ? 6.437   -1.100  -9.370  1.00 42.26  ? 36   MET A O   1 
ATOM   258  C  CB  . MET A 1 36  ? 8.504   -0.975  -6.905  1.00 45.46  ? 36   MET A CB  1 
ATOM   259  C  CG  . MET A 1 36  ? 8.438   -0.367  -5.522  1.00 50.87  ? 36   MET A CG  1 
ATOM   260  S  SD  . MET A 1 36  ? 9.932   0.525   -5.114  1.00 63.26  ? 36   MET A SD  1 
ATOM   261  C  CE  . MET A 1 36  ? 9.624   2.103   -5.954  1.00 62.24  ? 36   MET A CE  1 
ATOM   262  N  N   . ARG A 1 37  ? 7.697   -2.956  -9.347  1.00 39.42  ? 37   ARG A N   1 
ATOM   263  C  CA  . ARG A 1 37  ? 7.540   -3.127  -10.787 1.00 39.25  ? 37   ARG A CA  1 
ATOM   264  C  C   . ARG A 1 37  ? 6.133   -3.613  -11.082 1.00 40.70  ? 37   ARG A C   1 
ATOM   265  O  O   . ARG A 1 37  ? 5.577   -3.321  -12.143 1.00 42.09  ? 37   ARG A O   1 
ATOM   266  C  CB  . ARG A 1 37  ? 8.566   -4.120  -11.356 1.00 36.99  ? 37   ARG A CB  1 
ATOM   267  C  CG  . ARG A 1 37  ? 9.983   -3.555  -11.467 1.00 37.14  ? 37   ARG A CG  1 
ATOM   268  C  CD  . ARG A 1 37  ? 10.897  -4.512  -12.198 1.00 32.05  ? 37   ARG A CD  1 
ATOM   269  N  NE  . ARG A 1 37  ? 11.190  -5.704  -11.416 1.00 31.66  ? 37   ARG A NE  1 
ATOM   270  C  CZ  . ARG A 1 37  ? 12.146  -5.782  -10.499 1.00 32.35  ? 37   ARG A CZ  1 
ATOM   271  N  NH1 . ARG A 1 37  ? 12.909  -4.732  -10.241 1.00 36.41  ? 37   ARG A NH1 1 
ATOM   272  N  NH2 . ARG A 1 37  ? 12.346  -6.916  -9.843  1.00 35.40  ? 37   ARG A NH2 1 
ATOM   273  N  N   . SER A 1 38  ? 5.550   -4.361  -10.146 1.00 40.63  ? 38   SER A N   1 
ATOM   274  C  CA  . SER A 1 38  ? 4.190   -4.854  -10.343 1.00 40.98  ? 38   SER A CA  1 
ATOM   275  C  C   . SER A 1 38  ? 3.215   -3.678  -10.261 1.00 42.52  ? 38   SER A C   1 
ATOM   276  O  O   . SER A 1 38  ? 2.090   -3.751  -10.754 1.00 43.88  ? 38   SER A O   1 
ATOM   277  C  CB  . SER A 1 38  ? 3.835   -5.904  -9.287  1.00 38.68  ? 38   SER A CB  1 
ATOM   278  O  OG  . SER A 1 38  ? 3.691   -5.322  -8.007  1.00 37.73  ? 38   SER A OG  1 
ATOM   279  N  N   . LEU A 1 39  ? 3.652   -2.593  -9.628  1.00 43.76  ? 39   LEU A N   1 
ATOM   280  C  CA  . LEU A 1 39  ? 2.825   -1.404  -9.500  1.00 46.82  ? 39   LEU A CA  1 
ATOM   281  C  C   . LEU A 1 39  ? 3.201   -0.387  -10.572 1.00 49.44  ? 39   LEU A C   1 
ATOM   282  O  O   . LEU A 1 39  ? 2.991   0.810   -10.400 1.00 52.49  ? 39   LEU A O   1 
ATOM   283  C  CB  . LEU A 1 39  ? 2.985   -0.783  -8.108  1.00 45.94  ? 39   LEU A CB  1 
ATOM   284  C  CG  . LEU A 1 39  ? 2.442   -1.599  -6.930  1.00 45.70  ? 39   LEU A CG  1 
ATOM   285  C  CD1 . LEU A 1 39  ? 2.760   -0.885  -5.628  1.00 44.96  ? 39   LEU A CD1 1 
ATOM   286  C  CD2 . LEU A 1 39  ? 0.938   -1.810  -7.097  1.00 41.17  ? 39   LEU A CD2 1 
ATOM   287  N  N   . GLY A 1 40  ? 3.772   -0.876  -11.671 1.00 51.12  ? 40   GLY A N   1 
ATOM   288  C  CA  . GLY A 1 40  ? 4.158   -0.014  -12.774 1.00 51.42  ? 40   GLY A CA  1 
ATOM   289  C  C   . GLY A 1 40  ? 5.365   0.873   -12.541 1.00 52.32  ? 40   GLY A C   1 
ATOM   290  O  O   . GLY A 1 40  ? 5.633   1.760   -13.341 1.00 53.85  ? 40   GLY A O   1 
ATOM   291  N  N   . GLN A 1 41  ? 6.096   0.656   -11.454 1.00 53.05  ? 41   GLN A N   1 
ATOM   292  C  CA  . GLN A 1 41  ? 7.272   1.470   -11.178 1.00 53.91  ? 41   GLN A CA  1 
ATOM   293  C  C   . GLN A 1 41  ? 8.526   0.815   -11.761 1.00 54.58  ? 41   GLN A C   1 
ATOM   294  O  O   . GLN A 1 41  ? 8.440   -0.191  -12.472 1.00 55.04  ? 41   GLN A O   1 
ATOM   295  C  CB  . GLN A 1 41  ? 7.430   1.692   -9.670  1.00 54.20  ? 41   GLN A CB  1 
ATOM   296  C  CG  . GLN A 1 41  ? 6.203   2.311   -8.997  1.00 55.80  ? 41   GLN A CG  1 
ATOM   297  C  CD  . GLN A 1 41  ? 5.752   3.619   -9.648  1.00 57.20  ? 41   GLN A CD  1 
ATOM   298  O  OE1 . GLN A 1 41  ? 6.514   4.585   -9.726  1.00 60.02  ? 41   GLN A OE1 1 
ATOM   299  N  NE2 . GLN A 1 41  ? 4.505   3.654   -10.113 1.00 54.92  ? 41   GLN A NE2 1 
ATOM   300  N  N   . ASN A 1 42  ? 9.689   1.387   -11.474 1.00 54.18  ? 42   ASN A N   1 
ATOM   301  C  CA  . ASN A 1 42  ? 10.923  0.844   -12.004 1.00 54.91  ? 42   ASN A CA  1 
ATOM   302  C  C   . ASN A 1 42  ? 12.154  1.409   -11.318 1.00 54.67  ? 42   ASN A C   1 
ATOM   303  O  O   . ASN A 1 42  ? 12.958  2.095   -11.941 1.00 55.83  ? 42   ASN A O   1 
ATOM   304  C  CB  . ASN A 1 42  ? 11.008  1.119   -13.505 1.00 56.86  ? 42   ASN A CB  1 
ATOM   305  C  CG  . ASN A 1 42  ? 12.179  0.411   -14.156 1.00 61.46  ? 42   ASN A CG  1 
ATOM   306  O  OD1 . ASN A 1 42  ? 12.293  -0.816  -14.088 1.00 63.32  ? 42   ASN A OD1 1 
ATOM   307  N  ND2 . ASN A 1 42  ? 13.054  1.178   -14.797 0.00 60.71  ? 42   ASN A ND2 1 
ATOM   308  N  N   . PRO A 1 43  ? 12.324  1.117   -10.021 1.00 53.11  ? 43   PRO A N   1 
ATOM   309  C  CA  . PRO A 1 43  ? 13.469  1.597   -9.244  1.00 50.75  ? 43   PRO A CA  1 
ATOM   310  C  C   . PRO A 1 43  ? 14.742  0.859   -9.649  1.00 50.15  ? 43   PRO A C   1 
ATOM   311  O  O   . PRO A 1 43  ? 14.679  -0.261  -10.149 1.00 48.66  ? 43   PRO A O   1 
ATOM   312  C  CB  . PRO A 1 43  ? 13.063  1.267   -7.818  1.00 47.79  ? 43   PRO A CB  1 
ATOM   313  C  CG  . PRO A 1 43  ? 12.376  -0.044  -8.014  1.00 50.22  ? 43   PRO A CG  1 
ATOM   314  C  CD  . PRO A 1 43  ? 11.477  0.239   -9.196  1.00 51.08  ? 43   PRO A CD  1 
ATOM   315  N  N   . THR A 1 44  ? 15.891  1.492   -9.424  1.00 49.15  ? 44   THR A N   1 
ATOM   316  C  CA  . THR A 1 44  ? 17.182  0.891   -9.748  1.00 49.43  ? 44   THR A CA  1 
ATOM   317  C  C   . THR A 1 44  ? 17.692  0.212   -8.485  1.00 48.93  ? 44   THR A C   1 
ATOM   318  O  O   . THR A 1 44  ? 17.144  0.417   -7.405  1.00 50.14  ? 44   THR A O   1 
ATOM   319  C  CB  . THR A 1 44  ? 18.218  1.957   -10.162 1.00 50.29  ? 44   THR A CB  1 
ATOM   320  O  OG1 . THR A 1 44  ? 18.612  2.715   -9.010  1.00 48.89  ? 44   THR A OG1 1 
ATOM   321  C  CG2 . THR A 1 44  ? 17.631  2.896   -11.198 1.00 50.11  ? 44   THR A CG2 1 
ATOM   322  N  N   . GLU A 1 45  ? 18.743  -0.586  -8.608  1.00 47.92  ? 45   GLU A N   1 
ATOM   323  C  CA  . GLU A 1 45  ? 19.287  -1.259  -7.443  1.00 51.20  ? 45   GLU A CA  1 
ATOM   324  C  C   . GLU A 1 45  ? 19.541  -0.261  -6.303  1.00 52.25  ? 45   GLU A C   1 
ATOM   325  O  O   . GLU A 1 45  ? 19.099  -0.473  -5.172  1.00 51.46  ? 45   GLU A O   1 
ATOM   326  C  CB  . GLU A 1 45  ? 20.592  -1.973  -7.801  1.00 52.06  ? 45   GLU A CB  1 
ATOM   327  C  CG  . GLU A 1 45  ? 21.769  -1.047  -8.123  1.00 55.48  ? 45   GLU A CG  1 
ATOM   328  C  CD  . GLU A 1 45  ? 21.564  -0.247  -9.398  1.00 56.64  ? 45   GLU A CD  1 
ATOM   329  O  OE1 . GLU A 1 45  ? 21.434  -0.870  -10.471 1.00 55.25  ? 45   GLU A OE1 1 
ATOM   330  O  OE2 . GLU A 1 45  ? 21.536  1.004   -9.327  1.00 58.58  ? 45   GLU A OE2 1 
ATOM   331  N  N   . ALA A 1 46  ? 20.238  0.831   -6.620  1.00 53.05  ? 46   ALA A N   1 
ATOM   332  C  CA  . ALA A 1 46  ? 20.583  1.867   -5.648  1.00 53.65  ? 46   ALA A CA  1 
ATOM   333  C  C   . ALA A 1 46  ? 19.362  2.596   -5.094  1.00 54.25  ? 46   ALA A C   1 
ATOM   334  O  O   . ALA A 1 46  ? 19.299  2.890   -3.899  1.00 53.36  ? 46   ALA A O   1 
ATOM   335  C  CB  . ALA A 1 46  ? 21.550  2.862   -6.274  1.00 53.24  ? 46   ALA A CB  1 
ATOM   336  N  N   . GLU A 1 47  ? 18.398  2.899   -5.956  1.00 54.37  ? 47   GLU A N   1 
ATOM   337  C  CA  . GLU A 1 47  ? 17.192  3.561   -5.486  1.00 55.62  ? 47   GLU A CA  1 
ATOM   338  C  C   . GLU A 1 47  ? 16.517  2.594   -4.508  1.00 55.08  ? 47   GLU A C   1 
ATOM   339  O  O   . GLU A 1 47  ? 16.127  2.976   -3.406  1.00 55.64  ? 47   GLU A O   1 
ATOM   340  C  CB  . GLU A 1 47  ? 16.255  3.878   -6.656  1.00 57.40  ? 47   GLU A CB  1 
ATOM   341  C  CG  . GLU A 1 47  ? 16.866  4.790   -7.708  1.00 60.82  ? 47   GLU A CG  1 
ATOM   342  C  CD  . GLU A 1 47  ? 15.923  5.068   -8.874  1.00 63.20  ? 47   GLU A CD  1 
ATOM   343  O  OE1 . GLU A 1 47  ? 15.284  4.120   -9.376  1.00 65.12  ? 47   GLU A OE1 1 
ATOM   344  O  OE2 . GLU A 1 47  ? 15.828  6.235   -9.305  1.00 64.32  ? 47   GLU A OE2 1 
ATOM   345  N  N   . LEU A 1 48  ? 16.406  1.332   -4.904  1.00 53.84  ? 48   LEU A N   1 
ATOM   346  C  CA  . LEU A 1 48  ? 15.787  0.337   -4.040  1.00 53.84  ? 48   LEU A CA  1 
ATOM   347  C  C   . LEU A 1 48  ? 16.510  0.239   -2.703  1.00 53.53  ? 48   LEU A C   1 
ATOM   348  O  O   . LEU A 1 48  ? 15.874  0.127   -1.660  1.00 54.37  ? 48   LEU A O   1 
ATOM   349  C  CB  . LEU A 1 48  ? 15.757  -1.035  -4.725  1.00 50.21  ? 48   LEU A CB  1 
ATOM   350  C  CG  . LEU A 1 48  ? 14.715  -1.171  -5.838  1.00 49.19  ? 48   LEU A CG  1 
ATOM   351  C  CD1 . LEU A 1 48  ? 14.968  -2.450  -6.629  1.00 46.00  ? 48   LEU A CD1 1 
ATOM   352  C  CD2 . LEU A 1 48  ? 13.314  -1.155  -5.229  1.00 44.03  ? 48   LEU A CD2 1 
ATOM   353  N  N   . GLN A 1 49  ? 17.836  0.276   -2.734  1.00 54.17  ? 49   GLN A N   1 
ATOM   354  C  CA  . GLN A 1 49  ? 18.616  0.194   -1.507  1.00 55.81  ? 49   GLN A CA  1 
ATOM   355  C  C   . GLN A 1 49  ? 18.440  1.434   -0.644  1.00 58.42  ? 49   GLN A C   1 
ATOM   356  O  O   . GLN A 1 49  ? 18.480  1.360   0.586   1.00 58.41  ? 49   GLN A O   1 
ATOM   357  C  CB  . GLN A 1 49  ? 20.092  0.017   -1.826  1.00 55.87  ? 49   GLN A CB  1 
ATOM   358  C  CG  . GLN A 1 49  ? 20.505  -1.421  -2.015  1.00 55.51  ? 49   GLN A CG  1 
ATOM   359  C  CD  . GLN A 1 49  ? 21.979  -1.548  -2.313  1.00 55.25  ? 49   GLN A CD  1 
ATOM   360  O  OE1 . GLN A 1 49  ? 22.607  -2.547  -1.967  1.00 57.21  ? 49   GLN A OE1 1 
ATOM   361  N  NE2 . GLN A 1 49  ? 22.539  -0.537  -2.965  1.00 50.31  ? 49   GLN A NE2 1 
ATOM   362  N  N   . ASP A 1 50  ? 18.255  2.577   -1.295  1.00 60.20  ? 50   ASP A N   1 
ATOM   363  C  CA  . ASP A 1 50  ? 18.070  3.826   -0.578  1.00 62.17  ? 50   ASP A CA  1 
ATOM   364  C  C   . ASP A 1 50  ? 16.763  3.757   0.208   1.00 63.41  ? 50   ASP A C   1 
ATOM   365  O  O   . ASP A 1 50  ? 16.696  4.182   1.358   1.00 63.96  ? 50   ASP A O   1 
ATOM   366  C  CB  . ASP A 1 50  ? 18.040  4.991   -1.566  1.00 62.06  ? 50   ASP A CB  1 
ATOM   367  N  N   . MET A 1 51  ? 15.731  3.201   -0.422  1.00 65.37  ? 51   MET A N   1 
ATOM   368  C  CA  . MET A 1 51  ? 14.413  3.075   0.195   1.00 66.84  ? 51   MET A CA  1 
ATOM   369  C  C   . MET A 1 51  ? 14.428  2.183   1.433   1.00 67.76  ? 51   MET A C   1 
ATOM   370  O  O   . MET A 1 51  ? 13.896  2.550   2.482   1.00 68.56  ? 51   MET A O   1 
ATOM   371  C  CB  . MET A 1 51  ? 13.414  2.537   -0.832  1.00 67.12  ? 51   MET A CB  1 
ATOM   372  C  CG  . MET A 1 51  ? 13.209  3.466   -2.021  1.00 67.50  ? 51   MET A CG  1 
ATOM   373  S  SD  . MET A 1 51  ? 12.278  2.723   -3.376  1.00 71.22  ? 51   MET A SD  1 
ATOM   374  C  CE  . MET A 1 51  ? 10.611  2.916   -2.779  1.00 72.33  ? 51   MET A CE  1 
ATOM   375  N  N   . ILE A 1 52  ? 15.038  1.011   1.311   1.00 67.96  ? 52   ILE A N   1 
ATOM   376  C  CA  . ILE A 1 52  ? 15.126  0.086   2.432   1.00 67.71  ? 52   ILE A CA  1 
ATOM   377  C  C   . ILE A 1 52  ? 15.817  0.792   3.588   1.00 69.18  ? 52   ILE A C   1 
ATOM   378  O  O   . ILE A 1 52  ? 15.501  0.558   4.757   1.00 69.80  ? 52   ILE A O   1 
ATOM   379  C  CB  . ILE A 1 52  ? 15.969  -1.154  2.083   1.00 66.20  ? 52   ILE A CB  1 
ATOM   380  C  CG1 . ILE A 1 52  ? 15.341  -1.926  0.918   1.00 65.79  ? 52   ILE A CG1 1 
ATOM   381  C  CG2 . ILE A 1 52  ? 16.110  -2.030  3.314   1.00 66.09  ? 52   ILE A CG2 1 
ATOM   382  C  CD1 . ILE A 1 52  ? 14.003  -2.557  1.219   1.00 63.59  ? 52   ILE A CD1 1 
ATOM   383  N  N   . ASN A 1 53  ? 16.770  1.649   3.241   1.00 69.92  ? 53   ASN A N   1 
ATOM   384  C  CA  . ASN A 1 53  ? 17.547  2.400   4.219   1.00 70.31  ? 53   ASN A CA  1 
ATOM   385  C  C   . ASN A 1 53  ? 16.659  3.358   5.006   1.00 70.65  ? 53   ASN A C   1 
ATOM   386  O  O   . ASN A 1 53  ? 16.780  3.462   6.229   1.00 69.27  ? 53   ASN A O   1 
ATOM   387  C  CB  . ASN A 1 53  ? 18.651  3.186   3.509   1.00 70.15  ? 53   ASN A CB  1 
ATOM   388  C  CG  . ASN A 1 53  ? 19.672  3.764   4.475   1.00 71.42  ? 53   ASN A CG  1 
ATOM   389  O  OD1 . ASN A 1 53  ? 20.408  3.027   5.129   1.00 71.20  ? 53   ASN A OD1 1 
ATOM   390  N  ND2 . ASN A 1 53  ? 19.719  5.092   4.568   1.00 70.80  ? 53   ASN A ND2 1 
ATOM   391  N  N   . GLU A 1 54  ? 15.770  4.051   4.298   1.00 70.57  ? 54   GLU A N   1 
ATOM   392  C  CA  . GLU A 1 54  ? 14.861  5.005   4.920   1.00 71.66  ? 54   GLU A CA  1 
ATOM   393  C  C   . GLU A 1 54  ? 13.842  4.362   5.855   1.00 70.61  ? 54   GLU A C   1 
ATOM   394  O  O   . GLU A 1 54  ? 12.957  5.049   6.368   1.00 72.91  ? 54   GLU A O   1 
ATOM   395  C  CB  . GLU A 1 54  ? 14.116  5.809   3.850   1.00 73.41  ? 54   GLU A CB  1 
ATOM   396  C  CG  . GLU A 1 54  ? 14.992  6.785   3.086   1.00 77.82  ? 54   GLU A CG  1 
ATOM   397  C  CD  . GLU A 1 54  ? 14.200  7.662   2.132   1.00 80.23  ? 54   GLU A CD  1 
ATOM   398  O  OE1 . GLU A 1 54  ? 13.536  7.113   1.224   1.00 81.98  ? 54   GLU A OE1 1 
ATOM   399  O  OE2 . GLU A 1 54  ? 14.242  8.901   2.290   1.00 82.26  ? 54   GLU A OE2 1 
ATOM   400  N  N   . VAL A 1 55  ? 13.960  3.056   6.077   1.00 67.86  ? 55   VAL A N   1 
ATOM   401  C  CA  . VAL A 1 55  ? 13.039  2.341   6.956   1.00 65.39  ? 55   VAL A CA  1 
ATOM   402  C  C   . VAL A 1 55  ? 13.781  1.254   7.730   1.00 65.15  ? 55   VAL A C   1 
ATOM   403  O  O   . VAL A 1 55  ? 13.235  0.654   8.652   1.00 65.64  ? 55   VAL A O   1 
ATOM   404  C  CB  . VAL A 1 55  ? 11.908  1.668   6.149   1.00 65.34  ? 55   VAL A CB  1 
ATOM   405  C  CG1 . VAL A 1 55  ? 10.843  1.127   7.090   0.00 64.89  ? 55   VAL A CG1 1 
ATOM   406  C  CG2 . VAL A 1 55  ? 11.306  2.657   5.168   1.00 63.64  ? 55   VAL A CG2 1 
ATOM   407  N  N   . ASP A 1 56  ? 15.031  1.013   7.350   1.00 64.52  ? 56   ASP A N   1 
ATOM   408  C  CA  . ASP A 1 56  ? 15.849  -0.014  7.984   1.00 64.58  ? 56   ASP A CA  1 
ATOM   409  C  C   . ASP A 1 56  ? 16.443  0.458   9.311   1.00 65.46  ? 56   ASP A C   1 
ATOM   410  O  O   . ASP A 1 56  ? 17.633  0.759   9.412   1.00 65.71  ? 56   ASP A O   1 
ATOM   411  C  CB  . ASP A 1 56  ? 16.950  -0.448  7.011   1.00 62.53  ? 56   ASP A CB  1 
ATOM   412  C  CG  . ASP A 1 56  ? 17.776  -1.605  7.534   1.00 63.63  ? 56   ASP A CG  1 
ATOM   413  O  OD1 . ASP A 1 56  ? 17.255  -2.407  8.345   1.00 61.92  ? 56   ASP A OD1 1 
ATOM   414  O  OD2 . ASP A 1 56  ? 18.948  -1.719  7.114   1.00 62.46  ? 56   ASP A OD2 1 
ATOM   415  N  N   . ALA A 1 57  ? 15.591  0.499   10.331  1.00 66.44  ? 57   ALA A N   1 
ATOM   416  C  CA  . ALA A 1 57  ? 15.963  0.935   11.673  1.00 67.20  ? 57   ALA A CA  1 
ATOM   417  C  C   . ALA A 1 57  ? 17.271  0.360   12.207  1.00 68.02  ? 57   ALA A C   1 
ATOM   418  O  O   . ALA A 1 57  ? 18.104  1.102   12.722  1.00 68.82  ? 57   ALA A O   1 
ATOM   419  C  CB  . ALA A 1 57  ? 14.831  0.622   12.642  0.00 67.21  ? 57   ALA A CB  1 
ATOM   420  N  N   . ASP A 1 58  ? 17.456  -0.951  12.100  1.00 68.40  ? 58   ASP A N   1 
ATOM   421  C  CA  . ASP A 1 58  ? 18.682  -1.573  12.600  1.00 68.84  ? 58   ASP A CA  1 
ATOM   422  C  C   . ASP A 1 58  ? 19.778  -1.663  11.533  1.00 69.14  ? 58   ASP A C   1 
ATOM   423  O  O   . ASP A 1 58  ? 20.797  -2.335  11.733  1.00 68.63  ? 58   ASP A O   1 
ATOM   424  C  CB  . ASP A 1 58  ? 18.381  -2.970  13.145  1.00 69.67  ? 58   ASP A CB  1 
ATOM   425  C  CG  . ASP A 1 58  ? 18.029  -3.956  12.056  1.00 70.37  ? 58   ASP A CG  1 
ATOM   426  O  OD1 . ASP A 1 58  ? 17.283  -3.571  11.132  1.00 72.15  ? 58   ASP A OD1 1 
ATOM   427  O  OD2 . ASP A 1 58  ? 18.487  -5.117  12.126  1.00 70.30  ? 58   ASP A OD2 1 
ATOM   428  N  N   . GLY A 1 59  ? 19.553  -0.988  10.405  1.00 67.45  ? 59   GLY A N   1 
ATOM   429  C  CA  . GLY A 1 59  ? 20.517  -0.969  9.314   1.00 66.50  ? 59   GLY A CA  1 
ATOM   430  C  C   . GLY A 1 59  ? 21.044  -2.297  8.780   1.00 65.90  ? 59   GLY A C   1 
ATOM   431  O  O   . GLY A 1 59  ? 22.071  -2.325  8.097   1.00 66.89  ? 59   GLY A O   1 
ATOM   432  N  N   . ASN A 1 60  ? 20.349  -3.396  9.054   1.00 63.73  ? 60   ASN A N   1 
ATOM   433  C  CA  . ASN A 1 60  ? 20.812  -4.700  8.584   1.00 61.43  ? 60   ASN A CA  1 
ATOM   434  C  C   . ASN A 1 60  ? 20.575  -4.952  7.088   1.00 60.68  ? 60   ASN A C   1 
ATOM   435  O  O   . ASN A 1 60  ? 20.936  -6.008  6.574   1.00 59.47  ? 60   ASN A O   1 
ATOM   436  C  CB  . ASN A 1 60  ? 20.154  -5.809  9.404   1.00 59.75  ? 60   ASN A CB  1 
ATOM   437  C  CG  . ASN A 1 60  ? 18.696  -5.988  9.069   1.00 58.66  ? 60   ASN A CG  1 
ATOM   438  O  OD1 . ASN A 1 60  ? 18.004  -5.029  8.732   1.00 58.21  ? 60   ASN A OD1 1 
ATOM   439  N  ND2 . ASN A 1 60  ? 18.215  -7.217  9.173   1.00 59.53  ? 60   ASN A ND2 1 
ATOM   440  N  N   . GLY A 1 61  ? 19.972  -3.990  6.394   1.00 59.83  ? 61   GLY A N   1 
ATOM   441  C  CA  . GLY A 1 61  ? 19.731  -4.153  4.969   1.00 58.44  ? 61   GLY A CA  1 
ATOM   442  C  C   . GLY A 1 61  ? 18.331  -4.583  4.568   1.00 58.56  ? 61   GLY A C   1 
ATOM   443  O  O   . GLY A 1 61  ? 17.866  -4.244  3.479   1.00 58.57  ? 61   GLY A O   1 
ATOM   444  N  N   . THR A 1 62  ? 17.659  -5.335  5.433   1.00 56.77  ? 62   THR A N   1 
ATOM   445  C  CA  . THR A 1 62  ? 16.306  -5.806  5.155   1.00 55.86  ? 62   THR A CA  1 
ATOM   446  C  C   . THR A 1 62  ? 15.272  -5.181  6.094   1.00 56.26  ? 62   THR A C   1 
ATOM   447  O  O   . THR A 1 62  ? 15.618  -4.622  7.132   1.00 56.90  ? 62   THR A O   1 
ATOM   448  C  CB  . THR A 1 62  ? 16.225  -7.330  5.275   1.00 54.30  ? 62   THR A CB  1 
ATOM   449  O  OG1 . THR A 1 62  ? 16.748  -7.738  6.544   1.00 53.63  ? 62   THR A OG1 1 
ATOM   450  C  CG2 . THR A 1 62  ? 17.030  -7.987  4.172   1.00 53.59  ? 62   THR A CG2 1 
ATOM   451  N  N   . ILE A 1 63  ? 14.000  -5.280  5.719   1.00 55.84  ? 63   ILE A N   1 
ATOM   452  C  CA  . ILE A 1 63  ? 12.912  -4.718  6.517   1.00 52.78  ? 63   ILE A CA  1 
ATOM   453  C  C   . ILE A 1 63  ? 12.109  -5.808  7.221   1.00 51.42  ? 63   ILE A C   1 
ATOM   454  O  O   . ILE A 1 63  ? 11.582  -6.716  6.582   1.00 48.55  ? 63   ILE A O   1 
ATOM   455  C  CB  . ILE A 1 63  ? 11.950  -3.884  5.630   1.00 51.29  ? 63   ILE A CB  1 
ATOM   456  C  CG1 . ILE A 1 63  ? 12.731  -2.790  4.900   1.00 51.82  ? 63   ILE A CG1 1 
ATOM   457  C  CG2 . ILE A 1 63  ? 10.844  -3.280  6.473   1.00 50.27  ? 63   ILE A CG2 1 
ATOM   458  C  CD1 . ILE A 1 63  ? 13.569  -1.906  5.802   1.00 53.05  ? 63   ILE A CD1 1 
ATOM   459  N  N   . ASP A 1 64  ? 12.025  -5.725  8.546   1.00 51.25  ? 64   ASP A N   1 
ATOM   460  C  CA  . ASP A 1 64  ? 11.257  -6.703  9.309   1.00 49.23  ? 64   ASP A CA  1 
ATOM   461  C  C   . ASP A 1 64  ? 9.907   -6.073  9.609   1.00 46.86  ? 64   ASP A C   1 
ATOM   462  O  O   . ASP A 1 64  ? 9.732   -4.875  9.395   1.00 45.24  ? 64   ASP A O   1 
ATOM   463  C  CB  . ASP A 1 64  ? 11.977  -7.076  10.615  1.00 52.41  ? 64   ASP A CB  1 
ATOM   464  C  CG  . ASP A 1 64  ? 12.378  -5.857  11.447  1.00 55.29  ? 64   ASP A CG  1 
ATOM   465  O  OD1 . ASP A 1 64  ? 11.577  -4.906  11.576  1.00 55.37  ? 64   ASP A OD1 1 
ATOM   466  O  OD2 . ASP A 1 64  ? 13.503  -5.861  11.989  1.00 59.86  ? 64   ASP A OD2 1 
ATOM   467  N  N   . PHE A 1 65  ? 8.955   -6.864  10.095  1.00 46.07  ? 65   PHE A N   1 
ATOM   468  C  CA  . PHE A 1 65  ? 7.641   -6.311  10.394  1.00 46.77  ? 65   PHE A CA  1 
ATOM   469  C  C   . PHE A 1 65  ? 7.714   -5.104  11.345  1.00 46.81  ? 65   PHE A C   1 
ATOM   470  O  O   . PHE A 1 65  ? 7.032   -4.101  11.134  1.00 48.15  ? 65   PHE A O   1 
ATOM   471  C  CB  . PHE A 1 65  ? 6.712   -7.387  10.963  1.00 46.35  ? 65   PHE A CB  1 
ATOM   472  C  CG  . PHE A 1 65  ? 5.312   -6.895  11.202  1.00 48.95  ? 65   PHE A CG  1 
ATOM   473  C  CD1 . PHE A 1 65  ? 4.564   -6.361  10.154  1.00 48.30  ? 65   PHE A CD1 1 
ATOM   474  C  CD2 . PHE A 1 65  ? 4.750   -6.930  12.474  1.00 46.87  ? 65   PHE A CD2 1 
ATOM   475  C  CE1 . PHE A 1 65  ? 3.281   -5.865  10.374  1.00 48.88  ? 65   PHE A CE1 1 
ATOM   476  C  CE2 . PHE A 1 65  ? 3.467   -6.437  12.701  1.00 47.26  ? 65   PHE A CE2 1 
ATOM   477  C  CZ  . PHE A 1 65  ? 2.732   -5.903  11.651  1.00 47.48  ? 65   PHE A CZ  1 
ATOM   478  N  N   . PRO A 1 66  ? 8.529   -5.184  12.412  1.00 46.32  ? 66   PRO A N   1 
ATOM   479  C  CA  . PRO A 1 66  ? 8.625   -4.043  13.328  1.00 46.60  ? 66   PRO A CA  1 
ATOM   480  C  C   . PRO A 1 66  ? 8.967   -2.741  12.609  1.00 47.96  ? 66   PRO A C   1 
ATOM   481  O  O   . PRO A 1 66  ? 8.343   -1.704  12.849  1.00 49.03  ? 66   PRO A O   1 
ATOM   482  C  CB  . PRO A 1 66  ? 9.718   -4.477  14.292  1.00 45.80  ? 66   PRO A CB  1 
ATOM   483  C  CG  . PRO A 1 66  ? 9.444   -5.930  14.430  1.00 45.76  ? 66   PRO A CG  1 
ATOM   484  C  CD  . PRO A 1 66  ? 9.196   -6.365  12.987  1.00 45.76  ? 66   PRO A CD  1 
ATOM   485  N  N   . GLU A 1 67  ? 9.952   -2.799  11.719  1.00 49.66  ? 67   GLU A N   1 
ATOM   486  C  CA  . GLU A 1 67  ? 10.366  -1.622  10.963  1.00 49.89  ? 67   GLU A CA  1 
ATOM   487  C  C   . GLU A 1 67  ? 9.274   -1.169  10.002  1.00 48.95  ? 67   GLU A C   1 
ATOM   488  O  O   . GLU A 1 67  ? 9.099   0.026   9.775   1.00 49.18  ? 67   GLU A O   1 
ATOM   489  C  CB  . GLU A 1 67  ? 11.662  -1.922  10.204  1.00 53.29  ? 67   GLU A CB  1 
ATOM   490  C  CG  . GLU A 1 67  ? 12.810  -2.298  11.135  1.00 55.23  ? 67   GLU A CG  1 
ATOM   491  C  CD  . GLU A 1 67  ? 14.081  -2.668  10.403  1.00 57.03  ? 67   GLU A CD  1 
ATOM   492  O  OE1 . GLU A 1 67  ? 14.061  -3.645  9.626   1.00 58.90  ? 67   GLU A OE1 1 
ATOM   493  O  OE2 . GLU A 1 67  ? 15.103  -1.984  10.611  1.00 58.74  ? 67   GLU A OE2 1 
ATOM   494  N  N   . PHE A 1 68  ? 8.540   -2.130  9.447   1.00 50.00  ? 68   PHE A N   1 
ATOM   495  C  CA  . PHE A 1 68  ? 7.446   -1.841  8.519   1.00 50.03  ? 68   PHE A CA  1 
ATOM   496  C  C   . PHE A 1 68  ? 6.281   -1.223  9.279   1.00 52.23  ? 68   PHE A C   1 
ATOM   497  O  O   . PHE A 1 68  ? 5.632   -0.293  8.798   1.00 53.28  ? 68   PHE A O   1 
ATOM   498  C  CB  . PHE A 1 68  ? 6.966   -3.124  7.844   1.00 48.60  ? 68   PHE A CB  1 
ATOM   499  C  CG  . PHE A 1 68  ? 5.918   -2.903  6.783   1.00 47.41  ? 68   PHE A CG  1 
ATOM   500  C  CD1 . PHE A 1 68  ? 6.285   -2.634  5.465   1.00 47.93  ? 68   PHE A CD1 1 
ATOM   501  C  CD2 . PHE A 1 68  ? 4.566   -2.998  7.092   1.00 45.98  ? 68   PHE A CD2 1 
ATOM   502  C  CE1 . PHE A 1 68  ? 5.319   -2.471  4.471   1.00 46.83  ? 68   PHE A CE1 1 
ATOM   503  C  CE2 . PHE A 1 68  ? 3.591   -2.838  6.110   1.00 44.80  ? 68   PHE A CE2 1 
ATOM   504  C  CZ  . PHE A 1 68  ? 3.966   -2.575  4.796   1.00 46.79  ? 68   PHE A CZ  1 
ATOM   505  N  N   . LEU A 1 69  ? 6.005   -1.762  10.463  1.00 54.19  ? 69   LEU A N   1 
ATOM   506  C  CA  . LEU A 1 69  ? 4.925   -1.252  11.299  1.00 55.04  ? 69   LEU A CA  1 
ATOM   507  C  C   . LEU A 1 69  ? 5.331   0.153   11.718  1.00 54.88  ? 69   LEU A C   1 
ATOM   508  O  O   . LEU A 1 69  ? 4.520   1.072   11.712  1.00 56.05  ? 69   LEU A O   1 
ATOM   509  C  CB  . LEU A 1 69  ? 4.741   -2.139  12.534  1.00 55.78  ? 69   LEU A CB  1 
ATOM   510  C  CG  . LEU A 1 69  ? 3.371   -2.153  13.222  1.00 56.91  ? 69   LEU A CG  1 
ATOM   511  C  CD1 . LEU A 1 69  ? 3.414   -3.105  14.408  1.00 57.34  ? 69   LEU A CD1 1 
ATOM   512  C  CD2 . LEU A 1 69  ? 2.997   -0.762  13.679  1.00 59.01  ? 69   LEU A CD2 1 
ATOM   513  N  N   . THR A 1 70  ? 6.600   0.312   12.077  1.00 56.21  ? 70   THR A N   1 
ATOM   514  C  CA  . THR A 1 70  ? 7.125   1.606   12.483  1.00 57.23  ? 70   THR A CA  1 
ATOM   515  C  C   . THR A 1 70  ? 6.919   2.616   11.361  1.00 60.28  ? 70   THR A C   1 
ATOM   516  O  O   . THR A 1 70  ? 6.364   3.694   11.575  1.00 60.79  ? 70   THR A O   1 
ATOM   517  C  CB  . THR A 1 70  ? 8.623   1.505   12.806  1.00 56.16  ? 70   THR A CB  1 
ATOM   518  O  OG1 . THR A 1 70  ? 8.787   0.806   14.041  1.00 54.97  ? 70   THR A OG1 1 
ATOM   519  C  CG2 . THR A 1 70  ? 9.254   2.885   12.917  1.00 56.60  ? 70   THR A CG2 1 
ATOM   520  N  N   . MET A 1 71  ? 7.369   2.262   10.162  1.00 63.51  ? 71   MET A N   1 
ATOM   521  C  CA  . MET A 1 71  ? 7.235   3.132   9.001   1.00 66.08  ? 71   MET A CA  1 
ATOM   522  C  C   . MET A 1 71  ? 5.786   3.547   8.795   1.00 67.55  ? 71   MET A C   1 
ATOM   523  O  O   . MET A 1 71  ? 5.490   4.725   8.597   1.00 66.77  ? 71   MET A O   1 
ATOM   524  C  CB  . MET A 1 71  ? 7.735   2.412   7.754   1.00 68.37  ? 71   MET A CB  1 
ATOM   525  C  CG  . MET A 1 71  ? 7.283   3.045   6.457   1.00 69.31  ? 71   MET A CG  1 
ATOM   526  S  SD  . MET A 1 71  ? 7.557   1.940   5.076   1.00 73.88  ? 71   MET A SD  1 
ATOM   527  C  CE  . MET A 1 71  ? 6.159   0.828   5.258   1.00 71.78  ? 71   MET A CE  1 
ATOM   528  N  N   . MET A 1 72  ? 4.890   2.567   8.829   1.00 70.39  ? 72   MET A N   1 
ATOM   529  C  CA  . MET A 1 72  ? 3.468   2.826   8.648   1.00 72.80  ? 72   MET A CA  1 
ATOM   530  C  C   . MET A 1 72  ? 2.973   3.767   9.741   1.00 74.89  ? 72   MET A C   1 
ATOM   531  O  O   . MET A 1 72  ? 2.084   4.587   9.512   0.00 74.89  ? 72   MET A O   1 
ATOM   532  C  CB  . MET A 1 72  ? 2.681   1.514   8.694   1.00 71.90  ? 72   MET A CB  1 
ATOM   533  C  CG  . MET A 1 72  ? 3.089   0.510   7.631   1.00 71.43  ? 72   MET A CG  1 
ATOM   534  S  SD  . MET A 1 72  ? 2.950   1.188   5.970   1.00 70.96  ? 72   MET A SD  1 
ATOM   535  C  CE  . MET A 1 72  ? 1.426   0.463   5.424   1.00 69.34  ? 72   MET A CE  1 
ATOM   536  N  N   . ALA A 1 73  ? 3.559   3.639   10.927  1.00 76.94  ? 73   ALA A N   1 
ATOM   537  C  CA  . ALA A 1 73  ? 3.186   4.479   12.055  1.00 80.17  ? 73   ALA A CA  1 
ATOM   538  C  C   . ALA A 1 73  ? 3.345   5.942   11.666  1.00 82.59  ? 73   ALA A C   1 
ATOM   539  O  O   . ALA A 1 73  ? 2.646   6.811   12.184  1.00 83.10  ? 73   ALA A O   1 
ATOM   540  C  CB  . ALA A 1 73  ? 4.059   4.154   13.265  1.00 79.73  ? 73   ALA A CB  1 
ATOM   541  N  N   . ARG A 1 74  ? 4.268   6.206   10.747  1.00 85.54  ? 74   ARG A N   1 
ATOM   542  C  CA  . ARG A 1 74  ? 4.519   7.561   10.276  1.00 88.17  ? 74   ARG A CA  1 
ATOM   543  C  C   . ARG A 1 74  ? 3.378   8.065   9.400   1.00 90.16  ? 74   ARG A C   1 
ATOM   544  O  O   . ARG A 1 74  ? 3.605   8.617   8.321   1.00 90.69  ? 74   ARG A O   1 
ATOM   545  C  CB  . ARG A 1 74  ? 5.835   7.618   9.495   1.00 88.46  ? 74   ARG A CB  1 
ATOM   546  C  CG  . ARG A 1 74  ? 7.031   8.127   10.294  1.00 89.82  ? 74   ARG A CG  1 
ATOM   547  C  CD  . ARG A 1 74  ? 7.270   7.343   11.581  1.00 90.57  ? 74   ARG A CD  1 
ATOM   548  N  NE  . ARG A 1 74  ? 6.253   7.614   12.594  1.00 92.70  ? 74   ARG A NE  1 
ATOM   549  C  CZ  . ARG A 1 74  ? 6.330   7.218   13.862  1.00 93.14  ? 74   ARG A CZ  1 
ATOM   550  N  NH1 . ARG A 1 74  ? 7.382   6.528   14.280  1.00 93.98  ? 74   ARG A NH1 1 
ATOM   551  N  NH2 . ARG A 1 74  ? 5.356   7.513   14.715  1.00 91.44  ? 74   ARG A NH2 1 
ATOM   552  N  N   . LYS A 1 75  ? 2.149   7.859   9.868   1.00 92.07  ? 75   LYS A N   1 
ATOM   553  C  CA  . LYS A 1 75  ? 0.965   8.314   9.150   1.00 93.95  ? 75   LYS A CA  1 
ATOM   554  C  C   . LYS A 1 75  ? 0.871   9.829   9.294   1.00 95.40  ? 75   LYS A C   1 
ATOM   555  O  O   . LYS A 1 75  ? 0.006   10.470  8.695   1.00 95.68  ? 75   LYS A O   1 
ATOM   556  C  CB  . LYS A 1 75  ? -0.295  7.663   9.728   1.00 93.32  ? 75   LYS A CB  1 
ATOM   557  C  CG  . LYS A 1 75  ? -0.577  6.260   9.212   1.00 93.65  ? 75   LYS A CG  1 
ATOM   558  C  CD  . LYS A 1 75  ? -0.952  6.285   7.734   1.00 93.48  ? 75   LYS A CD  1 
ATOM   559  C  CE  . LYS A 1 75  ? -1.328  4.900   7.228   1.00 93.84  ? 75   LYS A CE  1 
ATOM   560  N  NZ  . LYS A 1 75  ? -1.691  4.903   5.781   1.00 94.23  ? 75   LYS A NZ  1 
ATOM   561  N  N   . MET A 1 76  ? 1.777   10.389  10.094  1.00 96.50  ? 76   MET A N   1 
ATOM   562  C  CA  . MET A 1 76  ? 1.828   11.826  10.335  1.00 97.78  ? 76   MET A CA  1 
ATOM   563  C  C   . MET A 1 76  ? 2.201   12.578  9.064   1.00 98.51  ? 76   MET A C   1 
ATOM   564  O  O   . MET A 1 76  ? 2.116   13.806  9.009   1.00 99.27  ? 76   MET A O   1 
ATOM   565  C  CB  . MET A 1 76  ? 2.855   12.142  11.424  1.00 98.02  ? 76   MET A CB  1 
ATOM   566  C  CG  . MET A 1 76  ? 4.275   11.723  11.073  1.00 99.21  ? 76   MET A CG  1 
ATOM   567  S  SD  . MET A 1 76  ? 5.469   13.072  11.235  1.00 100.32 ? 76   MET A SD  1 
ATOM   568  C  CE  . MET A 1 76  ? 5.653   13.576  9.520   1.00 99.94  ? 76   MET A CE  1 
ATOM   569  N  N   . LYS A 1 77  ? 2.620   11.836  8.045   1.00 99.02  ? 77   LYS A N   1 
ATOM   570  C  CA  . LYS A 1 77  ? 3.008   12.436  6.778   1.00 98.88  ? 77   LYS A CA  1 
ATOM   571  C  C   . LYS A 1 77  ? 1.786   12.813  5.949   1.00 99.10  ? 77   LYS A C   1 
ATOM   572  O  O   . LYS A 1 77  ? 0.689   12.288  6.154   1.00 97.79  ? 77   LYS A O   1 
ATOM   573  C  CB  . LYS A 1 77  ? 3.895   11.477  5.998   1.00 98.73  ? 77   LYS A CB  1 
ATOM   574  N  N   . ASP A 1 78  ? 1.997   13.736  5.015   1.00 100.08 ? 78   ASP A N   1 
ATOM   575  C  CA  . ASP A 1 78  ? 0.948   14.216  4.125   1.00 100.77 ? 78   ASP A CA  1 
ATOM   576  C  C   . ASP A 1 78  ? 1.513   15.338  3.259   1.00 101.24 ? 78   ASP A C   1 
ATOM   577  O  O   . ASP A 1 78  ? 0.938   16.446  3.278   1.00 101.55 ? 78   ASP A O   1 
ATOM   578  C  CB  . ASP A 1 78  ? -0.243  14.720  4.934   1.00 101.07 ? 78   ASP A CB  1 
ATOM   579  N  N   . SER A 1 81  ? 3.049   14.444  -0.160  1.00 89.24  ? 81   SER A N   1 
ATOM   580  C  CA  . SER A 1 81  ? 3.174   15.257  -1.403  1.00 89.54  ? 81   SER A CA  1 
ATOM   581  C  C   . SER A 1 81  ? 1.975   15.053  -2.318  1.00 89.29  ? 81   SER A C   1 
ATOM   582  O  O   . SER A 1 81  ? 1.490   13.933  -2.473  1.00 89.00  ? 81   SER A O   1 
ATOM   583  C  CB  . SER A 1 81  ? 4.447   14.877  -2.160  1.00 89.97  ? 81   SER A CB  1 
ATOM   584  O  OG  . SER A 1 81  ? 5.597   15.086  -1.366  1.00 91.21  ? 81   SER A OG  1 
ATOM   585  N  N   . GLU A 1 82  ? 1.504   16.141  -2.923  1.00 89.29  ? 82   GLU A N   1 
ATOM   586  C  CA  . GLU A 1 82  ? 0.368   16.085  -3.838  1.00 89.51  ? 82   GLU A CA  1 
ATOM   587  C  C   . GLU A 1 82  ? 0.757   15.464  -5.182  1.00 88.57  ? 82   GLU A C   1 
ATOM   588  O  O   . GLU A 1 82  ? -0.054  15.407  -6.108  1.00 89.37  ? 82   GLU A O   1 
ATOM   589  C  CB  . GLU A 1 82  ? -0.209  17.487  -4.060  1.00 91.09  ? 82   GLU A CB  1 
ATOM   590  C  CG  . GLU A 1 82  ? -0.999  18.048  -2.877  1.00 94.10  ? 82   GLU A CG  1 
ATOM   591  C  CD  . GLU A 1 82  ? -2.326  17.330  -2.650  1.00 95.95  ? 82   GLU A CD  1 
ATOM   592  O  OE1 . GLU A 1 82  ? -3.126  17.234  -3.608  1.00 96.89  ? 82   GLU A OE1 1 
ATOM   593  O  OE2 . GLU A 1 82  ? -2.572  16.870  -1.511  1.00 96.17  ? 82   GLU A OE2 1 
ATOM   594  N  N   . GLU A 1 83  ? 2.003   15.011  -5.286  1.00 86.33  ? 83   GLU A N   1 
ATOM   595  C  CA  . GLU A 1 83  ? 2.487   14.366  -6.501  1.00 83.44  ? 83   GLU A CA  1 
ATOM   596  C  C   . GLU A 1 83  ? 2.902   12.941  -6.161  1.00 80.77  ? 83   GLU A C   1 
ATOM   597  O  O   . GLU A 1 83  ? 3.071   12.096  -7.043  1.00 79.88  ? 83   GLU A O   1 
ATOM   598  C  CB  . GLU A 1 83  ? 3.665   15.138  -7.097  1.00 83.88  ? 83   GLU A CB  1 
ATOM   599  C  CG  . GLU A 1 83  ? 3.250   16.131  -8.175  1.00 84.59  ? 83   GLU A CG  1 
ATOM   600  C  CD  . GLU A 1 83  ? 2.635   15.453  -9.399  1.00 84.98  ? 83   GLU A CD  1 
ATOM   601  O  OE1 . GLU A 1 83  ? 3.295   14.569  -9.990  1.00 85.04  ? 83   GLU A OE1 1 
ATOM   602  O  OE2 . GLU A 1 83  ? 1.494   15.806  -9.776  1.00 84.37  ? 83   GLU A OE2 1 
ATOM   603  N  N   . GLU A 1 84  ? 3.060   12.689  -4.866  1.00 78.27  ? 84   GLU A N   1 
ATOM   604  C  CA  . GLU A 1 84  ? 3.421   11.368  -4.376  1.00 75.75  ? 84   GLU A CA  1 
ATOM   605  C  C   . GLU A 1 84  ? 2.100   10.620  -4.187  1.00 71.79  ? 84   GLU A C   1 
ATOM   606  O  O   . GLU A 1 84  ? 1.995   9.423   -4.452  1.00 69.86  ? 84   GLU A O   1 
ATOM   607  C  CB  . GLU A 1 84  ? 4.182   11.492  -3.046  1.00 79.07  ? 84   GLU A CB  1 
ATOM   608  C  CG  . GLU A 1 84  ? 4.799   10.188  -2.536  1.00 82.28  ? 84   GLU A CG  1 
ATOM   609  C  CD  . GLU A 1 84  ? 5.924   10.419  -1.532  1.00 84.43  ? 84   GLU A CD  1 
ATOM   610  O  OE1 . GLU A 1 84  ? 5.700   11.115  -0.515  1.00 84.24  ? 84   GLU A OE1 1 
ATOM   611  O  OE2 . GLU A 1 84  ? 7.038   9.899   -1.765  1.00 86.10  ? 84   GLU A OE2 1 
ATOM   612  N  N   . ILE A 1 85  ? 1.090   11.350  -3.731  1.00 68.04  ? 85   ILE A N   1 
ATOM   613  C  CA  . ILE A 1 85  ? -0.232  10.783  -3.540  1.00 66.05  ? 85   ILE A CA  1 
ATOM   614  C  C   . ILE A 1 85  ? -0.802  10.586  -4.940  1.00 62.69  ? 85   ILE A C   1 
ATOM   615  O  O   . ILE A 1 85  ? -1.478  9.597   -5.222  1.00 61.06  ? 85   ILE A O   1 
ATOM   616  C  CB  . ILE A 1 85  ? -1.162  11.755  -2.763  1.00 67.29  ? 85   ILE A CB  1 
ATOM   617  C  CG1 . ILE A 1 85  ? -0.557  12.099  -1.400  1.00 67.85  ? 85   ILE A CG1 1 
ATOM   618  C  CG2 . ILE A 1 85  ? -2.547  11.131  -2.594  1.00 67.42  ? 85   ILE A CG2 1 
ATOM   619  C  CD1 . ILE A 1 85  ? -0.420  10.915  -0.461  1.00 69.74  ? 85   ILE A CD1 1 
ATOM   620  N  N   . ARG A 1 86  ? -0.497  11.538  -5.817  1.00 60.79  ? 86   ARG A N   1 
ATOM   621  C  CA  . ARG A 1 86  ? -0.974  11.525  -7.194  1.00 61.11  ? 86   ARG A CA  1 
ATOM   622  C  C   . ARG A 1 86  ? -0.540  10.292  -7.987  1.00 60.38  ? 86   ARG A C   1 
ATOM   623  O  O   . ARG A 1 86  ? -1.326  9.721   -8.754  1.00 59.03  ? 86   ARG A O   1 
ATOM   624  C  CB  . ARG A 1 86  ? -0.510  12.796  -7.917  1.00 61.91  ? 86   ARG A CB  1 
ATOM   625  C  CG  . ARG A 1 86  ? -1.187  13.006  -9.260  1.00 64.18  ? 86   ARG A CG  1 
ATOM   626  C  CD  . ARG A 1 86  ? -2.696  13.209  -9.096  1.00 64.65  ? 86   ARG A CD  1 
ATOM   627  N  NE  . ARG A 1 86  ? -3.434  12.829  -10.300 1.00 65.01  ? 86   ARG A NE  1 
ATOM   628  C  CZ  . ARG A 1 86  ? -4.754  12.915  -10.437 1.00 63.12  ? 86   ARG A CZ  1 
ATOM   629  N  NH1 . ARG A 1 86  ? -5.503  13.376  -9.443  1.00 59.77  ? 86   ARG A NH1 1 
ATOM   630  N  NH2 . ARG A 1 86  ? -5.324  12.525  -11.570 1.00 62.53  ? 86   ARG A NH2 1 
ATOM   631  N  N   . GLU A 1 87  ? 0.711   9.879   -7.807  1.00 58.43  ? 87   GLU A N   1 
ATOM   632  C  CA  . GLU A 1 87  ? 1.208   8.712   -8.516  1.00 56.95  ? 87   GLU A CA  1 
ATOM   633  C  C   . GLU A 1 87  ? 0.539   7.473   -7.948  1.00 53.52  ? 87   GLU A C   1 
ATOM   634  O  O   . GLU A 1 87  ? 0.195   6.547   -8.674  1.00 51.57  ? 87   GLU A O   1 
ATOM   635  C  CB  . GLU A 1 87  ? 2.730   8.596   -8.376  1.00 60.54  ? 87   GLU A CB  1 
ATOM   636  C  CG  . GLU A 1 87  ? 3.319   7.453   -9.198  1.00 65.36  ? 87   GLU A CG  1 
ATOM   637  C  CD  . GLU A 1 87  ? 2.904   7.528   -10.662 1.00 68.53  ? 87   GLU A CD  1 
ATOM   638  O  OE1 . GLU A 1 87  ? 3.302   8.499   -11.344 1.00 71.51  ? 87   GLU A OE1 1 
ATOM   639  O  OE2 . GLU A 1 87  ? 2.172   6.627   -11.128 1.00 70.18  ? 87   GLU A OE2 1 
ATOM   640  N  N   . ALA A 1 88  ? 0.358   7.466   -6.635  1.00 51.45  ? 88   ALA A N   1 
ATOM   641  C  CA  . ALA A 1 88  ? -0.282  6.346   -5.971  1.00 50.09  ? 88   ALA A CA  1 
ATOM   642  C  C   . ALA A 1 88  ? -1.688  6.197   -6.534  1.00 47.01  ? 88   ALA A C   1 
ATOM   643  O  O   . ALA A 1 88  ? -2.098  5.110   -6.927  1.00 47.18  ? 88   ALA A O   1 
ATOM   644  C  CB  . ALA A 1 88  ? -0.334  6.598   -4.473  1.00 51.71  ? 88   ALA A CB  1 
ATOM   645  N  N   . PHE A 1 89  ? -2.421  7.304   -6.571  1.00 46.04  ? 89   PHE A N   1 
ATOM   646  C  CA  . PHE A 1 89  ? -3.786  7.319   -7.090  1.00 45.20  ? 89   PHE A CA  1 
ATOM   647  C  C   . PHE A 1 89  ? -3.800  6.788   -8.521  1.00 43.61  ? 89   PHE A C   1 
ATOM   648  O  O   . PHE A 1 89  ? -4.661  5.988   -8.886  1.00 42.89  ? 89   PHE A O   1 
ATOM   649  C  CB  . PHE A 1 89  ? -4.349  8.754   -7.064  1.00 44.55  ? 89   PHE A CB  1 
ATOM   650  C  CG  . PHE A 1 89  ? -5.808  8.853   -7.447  1.00 40.86  ? 89   PHE A CG  1 
ATOM   651  C  CD1 . PHE A 1 89  ? -6.806  8.401   -6.585  1.00 40.79  ? 89   PHE A CD1 1 
ATOM   652  C  CD2 . PHE A 1 89  ? -6.182  9.394   -8.670  1.00 40.51  ? 89   PHE A CD2 1 
ATOM   653  C  CE1 . PHE A 1 89  ? -8.166  8.486   -6.941  1.00 40.45  ? 89   PHE A CE1 1 
ATOM   654  C  CE2 . PHE A 1 89  ? -7.528  9.484   -9.033  1.00 39.49  ? 89   PHE A CE2 1 
ATOM   655  C  CZ  . PHE A 1 89  ? -8.523  9.028   -8.164  1.00 38.89  ? 89   PHE A CZ  1 
ATOM   656  N  N   . ARG A 1 90  ? -2.831  7.221   -9.322  1.00 44.56  ? 90   ARG A N   1 
ATOM   657  C  CA  . ARG A 1 90  ? -2.768  6.800   -10.713 1.00 45.74  ? 90   ARG A CA  1 
ATOM   658  C  C   . ARG A 1 90  ? -2.580  5.302   -10.931 1.00 46.48  ? 90   ARG A C   1 
ATOM   659  O  O   . ARG A 1 90  ? -3.084  4.768   -11.922 1.00 45.30  ? 90   ARG A O   1 
ATOM   660  C  CB  . ARG A 1 90  ? -1.679  7.573   -11.474 1.00 46.05  ? 90   ARG A CB  1 
ATOM   661  C  CG  . ARG A 1 90  ? -2.046  9.018   -11.791 1.00 50.16  ? 90   ARG A CG  1 
ATOM   662  C  CD  . ARG A 1 90  ? -1.334  9.530   -13.053 1.00 54.25  ? 90   ARG A CD  1 
ATOM   663  N  NE  . ARG A 1 90  ? 0.116   9.631   -12.905 1.00 56.18  ? 90   ARG A NE  1 
ATOM   664  C  CZ  . ARG A 1 90  ? 0.741   10.606  -12.247 1.00 58.94  ? 90   ARG A CZ  1 
ATOM   665  N  NH1 . ARG A 1 90  ? 0.051   11.577  -11.673 1.00 59.42  ? 90   ARG A NH1 1 
ATOM   666  N  NH2 . ARG A 1 90  ? 2.066   10.608  -12.161 1.00 58.91  ? 90   ARG A NH2 1 
ATOM   667  N  N   . VAL A 1 91  ? -1.874  4.617   -10.030 1.00 46.91  ? 91   VAL A N   1 
ATOM   668  C  CA  . VAL A 1 91  ? -1.675  3.175   -10.212 1.00 48.69  ? 91   VAL A CA  1 
ATOM   669  C  C   . VAL A 1 91  ? -3.013  2.446   -10.057 1.00 47.73  ? 91   VAL A C   1 
ATOM   670  O  O   . VAL A 1 91  ? -3.250  1.399   -10.668 1.00 46.26  ? 91   VAL A O   1 
ATOM   671  C  CB  . VAL A 1 91  ? -0.651  2.573   -9.194  1.00 49.55  ? 91   VAL A CB  1 
ATOM   672  C  CG1 . VAL A 1 91  ? 0.360   3.620   -8.776  1.00 50.61  ? 91   VAL A CG1 1 
ATOM   673  C  CG2 . VAL A 1 91  ? -1.368  1.989   -8.001  1.00 51.37  ? 91   VAL A CG2 1 
ATOM   674  N  N   . PHE A 1 92  ? -3.885  3.016   -9.231  1.00 45.55  ? 92   PHE A N   1 
ATOM   675  C  CA  . PHE A 1 92  ? -5.200  2.443   -8.994  1.00 42.45  ? 92   PHE A CA  1 
ATOM   676  C  C   . PHE A 1 92  ? -6.181  2.849   -10.090 1.00 40.88  ? 92   PHE A C   1 
ATOM   677  O  O   . PHE A 1 92  ? -6.842  2.007   -10.684 1.00 39.82  ? 92   PHE A O   1 
ATOM   678  C  CB  . PHE A 1 92  ? -5.724  2.909   -7.647  1.00 40.39  ? 92   PHE A CB  1 
ATOM   679  C  CG  . PHE A 1 92  ? -5.122  2.202   -6.485  1.00 40.09  ? 92   PHE A CG  1 
ATOM   680  C  CD1 . PHE A 1 92  ? -5.558  0.936   -6.131  1.00 39.23  ? 92   PHE A CD1 1 
ATOM   681  C  CD2 . PHE A 1 92  ? -4.138  2.811   -5.723  1.00 40.70  ? 92   PHE A CD2 1 
ATOM   682  C  CE1 . PHE A 1 92  ? -5.029  0.286   -5.028  1.00 40.02  ? 92   PHE A CE1 1 
ATOM   683  C  CE2 . PHE A 1 92  ? -3.600  2.169   -4.618  1.00 41.89  ? 92   PHE A CE2 1 
ATOM   684  C  CZ  . PHE A 1 92  ? -4.049  0.903   -4.269  1.00 41.78  ? 92   PHE A CZ  1 
ATOM   685  N  N   . ASP A 1 93  ? -6.276  4.145   -10.352 1.00 39.93  ? 93   ASP A N   1 
ATOM   686  C  CA  . ASP A 1 93  ? -7.190  4.630   -11.377 1.00 41.60  ? 93   ASP A CA  1 
ATOM   687  C  C   . ASP A 1 93  ? -6.614  4.404   -12.777 1.00 43.47  ? 93   ASP A C   1 
ATOM   688  O  O   . ASP A 1 93  ? -6.134  5.329   -13.435 1.00 41.63  ? 93   ASP A O   1 
ATOM   689  C  CB  . ASP A 1 93  ? -7.484  6.112   -11.146 1.00 36.29  ? 93   ASP A CB  1 
ATOM   690  C  CG  . ASP A 1 93  ? -8.479  6.663   -12.136 1.00 32.66  ? 93   ASP A CG  1 
ATOM   691  O  OD1 . ASP A 1 93  ? -9.342  5.902   -12.613 1.00 32.00  ? 93   ASP A OD1 1 
ATOM   692  O  OD2 . ASP A 1 93  ? -8.412  7.868   -12.427 1.00 33.94  ? 93   ASP A OD2 1 
ATOM   693  N  N   . LYS A 1 94  ? -6.691  3.156   -13.228 1.00 46.39  ? 94   LYS A N   1 
ATOM   694  C  CA  . LYS A 1 94  ? -6.158  2.773   -14.525 1.00 49.08  ? 94   LYS A CA  1 
ATOM   695  C  C   . LYS A 1 94  ? -6.833  3.377   -15.736 1.00 48.55  ? 94   LYS A C   1 
ATOM   696  O  O   . LYS A 1 94  ? -6.157  3.682   -16.714 1.00 49.03  ? 94   LYS A O   1 
ATOM   697  C  CB  . LYS A 1 94  ? -6.137  1.248   -14.655 1.00 53.46  ? 94   LYS A CB  1 
ATOM   698  C  CG  . LYS A 1 94  ? -5.048  0.580   -13.816 1.00 56.49  ? 94   LYS A CG  1 
ATOM   699  C  CD  . LYS A 1 94  ? -5.313  -0.910  -13.653 1.00 59.85  ? 94   LYS A CD  1 
ATOM   700  C  CE  . LYS A 1 94  ? -6.620  -1.149  -12.914 1.00 58.60  ? 94   LYS A CE  1 
ATOM   701  N  NZ  . LYS A 1 94  ? -6.557  -0.625  -11.515 1.00 61.12  ? 94   LYS A NZ  1 
ATOM   702  N  N   . ASP A 1 95  ? -8.152  3.551   -15.711 1.00 47.75  ? 95   ASP A N   1 
ATOM   703  C  CA  . ASP A 1 95  ? -8.778  4.153   -16.881 1.00 45.91  ? 95   ASP A CA  1 
ATOM   704  C  C   . ASP A 1 95  ? -8.625  5.666   -16.826 1.00 44.05  ? 95   ASP A C   1 
ATOM   705  O  O   . ASP A 1 95  ? -9.006  6.371   -17.759 1.00 46.92  ? 95   ASP A O   1 
ATOM   706  C  CB  . ASP A 1 95  ? -10.258 3.756   -17.013 1.00 47.73  ? 95   ASP A CB  1 
ATOM   707  C  CG  . ASP A 1 95  ? -11.106 4.212   -15.846 1.00 49.04  ? 95   ASP A CG  1 
ATOM   708  O  OD1 . ASP A 1 95  ? -10.798 5.261   -15.250 1.00 49.13  ? 95   ASP A OD1 1 
ATOM   709  O  OD2 . ASP A 1 95  ? -12.099 3.521   -15.538 1.00 48.34  ? 95   ASP A OD2 1 
ATOM   710  N  N   . GLY A 1 96  ? -8.045  6.148   -15.728 1.00 43.41  ? 96   GLY A N   1 
ATOM   711  C  CA  . GLY A 1 96  ? -7.811  7.573   -15.528 1.00 38.26  ? 96   GLY A CA  1 
ATOM   712  C  C   . GLY A 1 96  ? -9.028  8.479   -15.399 1.00 38.58  ? 96   GLY A C   1 
ATOM   713  O  O   . GLY A 1 96  ? -8.912  9.696   -15.589 1.00 38.54  ? 96   GLY A O   1 
ATOM   714  N  N   . ASN A 1 97  ? -10.184 7.926   -15.041 1.00 37.32  ? 97   ASN A N   1 
ATOM   715  C  CA  . ASN A 1 97  ? -11.383 8.751   -14.963 1.00 36.47  ? 97   ASN A CA  1 
ATOM   716  C  C   . ASN A 1 97  ? -11.590 9.551   -13.676 1.00 35.87  ? 97   ASN A C   1 
ATOM   717  O  O   . ASN A 1 97  ? -12.563 10.300  -13.555 1.00 36.90  ? 97   ASN A O   1 
ATOM   718  C  CB  . ASN A 1 97  ? -12.623 7.910   -15.305 1.00 36.01  ? 97   ASN A CB  1 
ATOM   719  C  CG  . ASN A 1 97  ? -13.059 6.993   -14.185 1.00 35.75  ? 97   ASN A CG  1 
ATOM   720  O  OD1 . ASN A 1 97  ? -12.248 6.512   -13.388 1.00 36.63  ? 97   ASN A OD1 1 
ATOM   721  N  ND2 . ASN A 1 97  ? -14.359 6.719   -14.139 1.00 33.73  ? 97   ASN A ND2 1 
ATOM   722  N  N   . GLY A 1 98  ? -10.662 9.428   -12.733 1.00 33.43  ? 98   GLY A N   1 
ATOM   723  C  CA  . GLY A 1 98  ? -10.779 10.191  -11.500 1.00 32.90  ? 98   GLY A CA  1 
ATOM   724  C  C   . GLY A 1 98  ? -11.470 9.435   -10.392 1.00 30.79  ? 98   GLY A C   1 
ATOM   725  O  O   . GLY A 1 98  ? -11.667 9.946   -9.290  1.00 29.27  ? 98   GLY A O   1 
ATOM   726  N  N   . TYR A 1 99  ? -11.820 8.195   -10.687 1.00 31.05  ? 99   TYR A N   1 
ATOM   727  C  CA  . TYR A 1 99  ? -12.499 7.354   -9.727  1.00 31.59  ? 99   TYR A CA  1 
ATOM   728  C  C   . TYR A 1 99  ? -11.921 5.962   -9.712  1.00 32.45  ? 99   TYR A C   1 
ATOM   729  O  O   . TYR A 1 99  ? -11.790 5.335   -10.760 1.00 36.40  ? 99   TYR A O   1 
ATOM   730  C  CB  . TYR A 1 99  ? -13.973 7.258   -10.087 1.00 30.73  ? 99   TYR A CB  1 
ATOM   731  C  CG  . TYR A 1 99  ? -14.683 8.570   -10.010 1.00 31.38  ? 99   TYR A CG  1 
ATOM   732  C  CD1 . TYR A 1 99  ? -15.221 9.006   -8.808  1.00 33.23  ? 99   TYR A CD1 1 
ATOM   733  C  CD2 . TYR A 1 99  ? -14.765 9.414   -11.127 1.00 28.21  ? 99   TYR A CD2 1 
ATOM   734  C  CE1 . TYR A 1 99  ? -15.829 10.248  -8.706  1.00 32.40  ? 99   TYR A CE1 1 
ATOM   735  C  CE2 . TYR A 1 99  ? -15.360 10.662  -11.030 1.00 31.80  ? 99   TYR A CE2 1 
ATOM   736  C  CZ  . TYR A 1 99  ? -15.893 11.067  -9.805  1.00 32.22  ? 99   TYR A CZ  1 
ATOM   737  O  OH  . TYR A 1 99  ? -16.495 12.294  -9.665  1.00 36.42  ? 99   TYR A OH  1 
ATOM   738  N  N   . ILE A 1 100 ? -11.574 5.483   -8.521  1.00 33.79  ? 100  ILE A N   1 
ATOM   739  C  CA  . ILE A 1 100 ? -11.055 4.129   -8.372  1.00 32.91  ? 100  ILE A CA  1 
ATOM   740  C  C   . ILE A 1 100 ? -12.293 3.289   -8.108  1.00 32.90  ? 100  ILE A C   1 
ATOM   741  O  O   . ILE A 1 100 ? -13.004 3.512   -7.123  1.00 30.68  ? 100  ILE A O   1 
ATOM   742  C  CB  . ILE A 1 100 ? -10.111 3.963   -7.137  1.00 31.20  ? 100  ILE A CB  1 
ATOM   743  C  CG1 . ILE A 1 100 ? -8.889  4.869   -7.266  1.00 32.03  ? 100  ILE A CG1 1 
ATOM   744  C  CG2 . ILE A 1 100 ? -9.660  2.525   -7.029  1.00 28.37  ? 100  ILE A CG2 1 
ATOM   745  C  CD1 . ILE A 1 100 ? -8.028  4.913   -6.024  1.00 29.19  ? 100  ILE A CD1 1 
ATOM   746  N  N   . SER A 1 101 ? -12.541 2.323   -8.986  1.00 33.56  ? 101  SER A N   1 
ATOM   747  C  CA  . SER A 1 101 ? -13.681 1.439   -8.850  1.00 34.42  ? 101  SER A CA  1 
ATOM   748  C  C   . SER A 1 101 ? -13.243 0.155   -8.160  1.00 35.55  ? 101  SER A C   1 
ATOM   749  O  O   . SER A 1 101 ? -12.052 -0.113  -8.022  1.00 32.91  ? 101  SER A O   1 
ATOM   750  C  CB  . SER A 1 101 ? -14.238 1.103   -10.234 1.00 37.35  ? 101  SER A CB  1 
ATOM   751  O  OG  . SER A 1 101 ? -13.254 0.432   -11.011 1.00 38.67  ? 101  SER A OG  1 
ATOM   752  N  N   . ALA A 1 102 ? -14.211 -0.647  -7.736  1.00 36.25  ? 102  ALA A N   1 
ATOM   753  C  CA  . ALA A 1 102 ? -13.887 -1.904  -7.084  1.00 39.22  ? 102  ALA A CA  1 
ATOM   754  C  C   . ALA A 1 102 ? -13.059 -2.766  -8.034  1.00 38.99  ? 102  ALA A C   1 
ATOM   755  O  O   . ALA A 1 102 ? -12.099 -3.419  -7.621  1.00 42.43  ? 102  ALA A O   1 
ATOM   756  C  CB  . ALA A 1 102 ? -15.161 -2.635  -6.689  1.00 38.96  ? 102  ALA A CB  1 
ATOM   757  N  N   . ALA A 1 103 ? -13.424 -2.756  -9.310  1.00 38.75  ? 103  ALA A N   1 
ATOM   758  C  CA  . ALA A 1 103 ? -12.708 -3.556  -10.302 1.00 39.23  ? 103  ALA A CA  1 
ATOM   759  C  C   . ALA A 1 103 ? -11.249 -3.125  -10.463 1.00 39.22  ? 103  ALA A C   1 
ATOM   760  O  O   . ALA A 1 103 ? -10.368 -3.962  -10.644 1.00 41.01  ? 103  ALA A O   1 
ATOM   761  C  CB  . ALA A 1 103 ? -13.431 -3.495  -11.649 1.00 36.06  ? 103  ALA A CB  1 
ATOM   762  N  N   . GLU A 1 104 ? -10.990 -1.822  -10.407 1.00 39.79  ? 104  GLU A N   1 
ATOM   763  C  CA  . GLU A 1 104 ? -9.624  -1.336  -10.538 1.00 42.04  ? 104  GLU A CA  1 
ATOM   764  C  C   . GLU A 1 104 ? -8.785  -1.697  -9.307  1.00 43.66  ? 104  GLU A C   1 
ATOM   765  O  O   . GLU A 1 104 ? -7.610  -2.058  -9.428  1.00 44.55  ? 104  GLU A O   1 
ATOM   766  C  CB  . GLU A 1 104 ? -9.624  0.180   -10.772 1.00 41.75  ? 104  GLU A CB  1 
ATOM   767  C  CG  . GLU A 1 104 ? -10.171 0.557   -12.137 1.00 40.83  ? 104  GLU A CG  1 
ATOM   768  C  CD  . GLU A 1 104 ? -10.195 2.047   -12.376 1.00 43.75  ? 104  GLU A CD  1 
ATOM   769  O  OE1 . GLU A 1 104 ? -10.705 2.777   -11.495 1.00 44.58  ? 104  GLU A OE1 1 
ATOM   770  O  OE2 . GLU A 1 104 ? -9.717  2.484   -13.451 1.00 44.77  ? 104  GLU A OE2 1 
ATOM   771  N  N   . LEU A 1 105 ? -9.391  -1.598  -8.129  1.00 42.44  ? 105  LEU A N   1 
ATOM   772  C  CA  . LEU A 1 105 ? -8.702  -1.932  -6.895  1.00 42.01  ? 105  LEU A CA  1 
ATOM   773  C  C   . LEU A 1 105 ? -8.368  -3.410  -6.951  1.00 44.83  ? 105  LEU A C   1 
ATOM   774  O  O   . LEU A 1 105 ? -7.277  -3.831  -6.566  1.00 44.50  ? 105  LEU A O   1 
ATOM   775  C  CB  . LEU A 1 105 ? -9.604  -1.665  -5.693  1.00 41.18  ? 105  LEU A CB  1 
ATOM   776  C  CG  . LEU A 1 105 ? -9.085  -2.056  -4.304  1.00 39.15  ? 105  LEU A CG  1 
ATOM   777  C  CD1 . LEU A 1 105 ? -7.780  -1.340  -3.996  0.00 39.23  ? 105  LEU A CD1 1 
ATOM   778  C  CD2 . LEU A 1 105 ? -10.143 -1.698  -3.281  1.00 37.80  ? 105  LEU A CD2 1 
ATOM   779  N  N   . ARG A 1 106 ? -9.325  -4.201  -7.421  1.00 46.64  ? 106  ARG A N   1 
ATOM   780  C  CA  . ARG A 1 106 ? -9.117  -5.633  -7.529  1.00 48.22  ? 106  ARG A CA  1 
ATOM   781  C  C   . ARG A 1 106 ? -7.924  -5.906  -8.428  1.00 46.71  ? 106  ARG A C   1 
ATOM   782  O  O   . ARG A 1 106 ? -7.072  -6.725  -8.106  1.00 46.77  ? 106  ARG A O   1 
ATOM   783  C  CB  . ARG A 1 106 ? -10.359 -6.314  -8.102  1.00 52.15  ? 106  ARG A CB  1 
ATOM   784  C  CG  . ARG A 1 106 ? -10.088 -7.723  -8.591  1.00 58.29  ? 106  ARG A CG  1 
ATOM   785  C  CD  . ARG A 1 106 ? -11.356 -8.431  -9.020  1.00 63.80  ? 106  ARG A CD  1 
ATOM   786  N  NE  . ARG A 1 106 ? -12.180 -8.811  -7.876  1.00 69.08  ? 106  ARG A NE  1 
ATOM   787  C  CZ  . ARG A 1 106 ? -11.776 -9.606  -6.884  1.00 71.71  ? 106  ARG A CZ  1 
ATOM   788  N  NH1 . ARG A 1 106 ? -10.545 -10.114 -6.883  1.00 71.60  ? 106  ARG A NH1 1 
ATOM   789  N  NH2 . ARG A 1 106 ? -12.610 -9.901  -5.892  1.00 71.95  ? 106  ARG A NH2 1 
ATOM   790  N  N   . HIS A 1 107 ? -7.857  -5.209  -9.555  1.00 46.29  ? 107  HIS A N   1 
ATOM   791  C  CA  . HIS A 1 107 ? -6.752  -5.411  -10.478 1.00 46.75  ? 107  HIS A CA  1 
ATOM   792  C  C   . HIS A 1 107 ? -5.386  -5.170  -9.864  1.00 46.14  ? 107  HIS A C   1 
ATOM   793  O  O   . HIS A 1 107 ? -4.435  -5.887  -10.172 1.00 45.83  ? 107  HIS A O   1 
ATOM   794  C  CB  . HIS A 1 107 ? -6.925  -4.545  -11.722 1.00 49.36  ? 107  HIS A CB  1 
ATOM   795  C  CG  . HIS A 1 107 ? -8.057  -4.988  -12.595 1.00 54.55  ? 107  HIS A CG  1 
ATOM   796  N  ND1 . HIS A 1 107 ? -8.447  -6.308  -12.686 1.00 58.04  ? 107  HIS A ND1 1 
ATOM   797  C  CD2 . HIS A 1 107 ? -8.877  -4.297  -13.422 1.00 55.98  ? 107  HIS A CD2 1 
ATOM   798  C  CE1 . HIS A 1 107 ? -9.459  -6.410  -13.530 1.00 59.48  ? 107  HIS A CE1 1 
ATOM   799  N  NE2 . HIS A 1 107 ? -9.740  -5.203  -13.990 1.00 57.35  ? 107  HIS A NE2 1 
ATOM   800  N  N   . VAL A 1 108 ? -5.279  -4.167  -8.999  1.00 45.46  ? 108  VAL A N   1 
ATOM   801  C  CA  . VAL A 1 108 ? -4.001  -3.871  -8.359  1.00 44.93  ? 108  VAL A CA  1 
ATOM   802  C  C   . VAL A 1 108 ? -3.708  -4.920  -7.289  1.00 45.77  ? 108  VAL A C   1 
ATOM   803  O  O   . VAL A 1 108 ? -2.556  -5.288  -7.069  1.00 46.05  ? 108  VAL A O   1 
ATOM   804  C  CB  . VAL A 1 108 ? -3.994  -2.448  -7.721  1.00 44.13  ? 108  VAL A CB  1 
ATOM   805  C  CG1 . VAL A 1 108 ? -2.693  -2.217  -6.981  1.00 40.75  ? 108  VAL A CG1 1 
ATOM   806  C  CG2 . VAL A 1 108 ? -4.160  -1.384  -8.803  1.00 39.95  ? 108  VAL A CG2 1 
ATOM   807  N  N   . MET A 1 109 ? -4.750  -5.410  -6.627  1.00 46.53  ? 109  MET A N   1 
ATOM   808  C  CA  . MET A 1 109 ? -4.554  -6.421  -5.608  1.00 48.35  ? 109  MET A CA  1 
ATOM   809  C  C   . MET A 1 109 ? -4.034  -7.679  -6.284  1.00 48.95  ? 109  MET A C   1 
ATOM   810  O  O   . MET A 1 109 ? -3.155  -8.357  -5.763  1.00 48.22  ? 109  MET A O   1 
ATOM   811  C  CB  . MET A 1 109 ? -5.860  -6.716  -4.877  0.00 49.32  ? 109  MET A CB  1 
ATOM   812  C  CG  . MET A 1 109 ? -6.334  -5.568  -4.018  1.00 50.47  ? 109  MET A CG  1 
ATOM   813  S  SD  . MET A 1 109 ? -5.111  -5.001  -2.796  1.00 53.59  ? 109  MET A SD  1 
ATOM   814  C  CE  . MET A 1 109 ? -4.471  -3.603  -3.610  1.00 47.85  ? 109  MET A CE  1 
ATOM   815  N  N   . THR A 1 110 ? -4.575  -7.967  -7.462  1.00 50.51  ? 110  THR A N   1 
ATOM   816  C  CA  . THR A 1 110 ? -4.177  -9.130  -8.244  1.00 53.35  ? 110  THR A CA  1 
ATOM   817  C  C   . THR A 1 110 ? -2.701  -9.053  -8.643  1.00 54.02  ? 110  THR A C   1 
ATOM   818  O  O   . THR A 1 110 ? -1.942  -9.983  -8.392  1.00 54.54  ? 110  THR A O   1 
ATOM   819  C  CB  . THR A 1 110 ? -5.079  -9.260  -9.495  1.00 55.36  ? 110  THR A CB  1 
ATOM   820  O  OG1 . THR A 1 110 ? -6.410  -9.584  -9.073  1.00 53.77  ? 110  THR A OG1 1 
ATOM   821  C  CG2 . THR A 1 110 ? -4.556  -10.340 -10.452 1.00 55.28  ? 110  THR A CG2 1 
ATOM   822  N  N   . ASN A 1 111 ? -2.290  -7.949  -9.261  1.00 55.26  ? 111  ASN A N   1 
ATOM   823  C  CA  . ASN A 1 111 ? -0.888  -7.788  -9.634  1.00 57.01  ? 111  ASN A CA  1 
ATOM   824  C  C   . ASN A 1 111 ? 0.002   -7.951  -8.397  1.00 57.79  ? 111  ASN A C   1 
ATOM   825  O  O   . ASN A 1 111 ? 1.120   -8.460  -8.486  1.00 58.67  ? 111  ASN A O   1 
ATOM   826  C  CB  . ASN A 1 111 ? -0.653  -6.413  -10.266 1.00 59.62  ? 111  ASN A CB  1 
ATOM   827  C  CG  . ASN A 1 111 ? -1.084  -6.358  -11.716 1.00 61.89  ? 111  ASN A CG  1 
ATOM   828  O  OD1 . ASN A 1 111 ? -0.589  -7.122  -12.546 1.00 63.16  ? 111  ASN A OD1 1 
ATOM   829  N  ND2 . ASN A 1 111 ? -2.006  -5.454  -12.032 1.00 63.37  ? 111  ASN A ND2 1 
ATOM   830  N  N   . LEU A 1 112 ? -0.497  -7.519  -7.242  1.00 56.58  ? 112  LEU A N   1 
ATOM   831  C  CA  . LEU A 1 112 ? 0.259   -7.645  -6.008  1.00 57.26  ? 112  LEU A CA  1 
ATOM   832  C  C   . LEU A 1 112 ? 0.204   -9.086  -5.503  1.00 57.93  ? 112  LEU A C   1 
ATOM   833  O  O   . LEU A 1 112 ? 0.841   -9.425  -4.509  1.00 57.24  ? 112  LEU A O   1 
ATOM   834  C  CB  . LEU A 1 112 ? -0.302  -6.702  -4.939  1.00 57.13  ? 112  LEU A CB  1 
ATOM   835  C  CG  . LEU A 1 112 ? 0.010   -5.211  -5.078  1.00 57.53  ? 112  LEU A CG  1 
ATOM   836  C  CD1 . LEU A 1 112 ? -0.774  -4.421  -4.041  1.00 57.69  ? 112  LEU A CD1 1 
ATOM   837  C  CD2 . LEU A 1 112 ? 1.504   -4.983  -4.899  1.00 56.60  ? 112  LEU A CD2 1 
ATOM   838  N  N   . GLY A 1 113 ? -0.568  -9.924  -6.186  0.00 59.99  ? 113  GLY A N   1 
ATOM   839  C  CA  . GLY A 1 113 ? -0.681  -11.316 -5.790  0.00 62.71  ? 113  GLY A CA  1 
ATOM   840  C  C   . GLY A 1 113 ? -1.516  -11.543 -4.546  1.00 64.51  ? 113  GLY A C   1 
ATOM   841  O  O   . GLY A 1 113 ? -1.211  -12.412 -3.734  1.00 65.78  ? 113  GLY A O   1 
ATOM   842  N  N   . GLU A 1 114 ? -2.575  -10.762 -4.383  1.00 66.16  ? 114  GLU A N   1 
ATOM   843  C  CA  . GLU A 1 114 ? -3.447  -10.904 -3.224  1.00 68.27  ? 114  GLU A CA  1 
ATOM   844  C  C   . GLU A 1 114 ? -4.818  -11.383 -3.692  1.00 69.87  ? 114  GLU A C   1 
ATOM   845  O  O   . GLU A 1 114 ? -5.397  -10.818 -4.623  1.00 70.40  ? 114  GLU A O   1 
ATOM   846  C  CB  . GLU A 1 114 ? -3.574  -9.561  -2.492  1.00 68.97  ? 114  GLU A CB  1 
ATOM   847  C  CG  . GLU A 1 114 ? -4.588  -9.538  -1.347  1.00 71.25  ? 114  GLU A CG  1 
ATOM   848  C  CD  . GLU A 1 114 ? -4.119  -10.283 -0.105  1.00 72.98  ? 114  GLU A CD  1 
ATOM   849  O  OE1 . GLU A 1 114 ? -3.186  -9.796  0.570   1.00 72.86  ? 114  GLU A OE1 1 
ATOM   850  O  OE2 . GLU A 1 114 ? -4.684  -11.355 0.198   1.00 74.19  ? 114  GLU A OE2 1 
ATOM   851  N  N   . LYS A 1 115 ? -5.326  -12.435 -3.054  1.00 71.31  ? 115  LYS A N   1 
ATOM   852  C  CA  . LYS A 1 115 ? -6.635  -12.986 -3.397  1.00 72.61  ? 115  LYS A CA  1 
ATOM   853  C  C   . LYS A 1 115 ? -7.675  -12.459 -2.411  1.00 72.63  ? 115  LYS A C   1 
ATOM   854  O  O   . LYS A 1 115 ? -7.564  -12.681 -1.206  1.00 73.53  ? 115  LYS A O   1 
ATOM   855  C  CB  . LYS A 1 115 ? -6.590  -14.512 -3.356  1.00 72.44  ? 115  LYS A CB  1 
ATOM   856  N  N   . LEU A 1 116 ? -8.683  -11.760 -2.930  1.00 73.05  ? 116  LEU A N   1 
ATOM   857  C  CA  . LEU A 1 116 ? -9.735  -11.178 -2.102  1.00 72.84  ? 116  LEU A CA  1 
ATOM   858  C  C   . LEU A 1 116 ? -11.128 -11.447 -2.658  1.00 73.49  ? 116  LEU A C   1 
ATOM   859  O  O   . LEU A 1 116 ? -11.345 -11.377 -3.869  1.00 73.41  ? 116  LEU A O   1 
ATOM   860  C  CB  . LEU A 1 116 ? -9.536  -9.664  -1.996  1.00 72.53  ? 116  LEU A CB  1 
ATOM   861  C  CG  . LEU A 1 116 ? -8.288  -9.164  -1.268  1.00 72.86  ? 116  LEU A CG  1 
ATOM   862  C  CD1 . LEU A 1 116 ? -7.985  -7.746  -1.702  1.00 73.58  ? 116  LEU A CD1 1 
ATOM   863  C  CD2 . LEU A 1 116 ? -8.498  -9.247  0.236   1.00 72.14  ? 116  LEU A CD2 1 
ATOM   864  N  N   . THR A 1 117 ? -12.072 -11.748 -1.770  1.00 72.86  ? 117  THR A N   1 
ATOM   865  C  CA  . THR A 1 117 ? -13.443 -12.002 -2.195  1.00 73.13  ? 117  THR A CA  1 
ATOM   866  C  C   . THR A 1 117 ? -14.010 -10.660 -2.627  1.00 72.78  ? 117  THR A C   1 
ATOM   867  O  O   . THR A 1 117 ? -13.609 -9.622  -2.105  1.00 73.30  ? 117  THR A O   1 
ATOM   868  C  CB  . THR A 1 117 ? -14.309 -12.562 -1.039  1.00 73.13  ? 117  THR A CB  1 
ATOM   869  O  OG1 . THR A 1 117 ? -14.537 -11.536 -0.067  1.00 72.84  ? 117  THR A OG1 1 
ATOM   870  C  CG2 . THR A 1 117 ? -13.608 -13.738 -0.371  1.00 72.58  ? 117  THR A CG2 1 
ATOM   871  N  N   . ASP A 1 118 ? -14.928 -10.672 -3.587  1.00 72.88  ? 118  ASP A N   1 
ATOM   872  C  CA  . ASP A 1 118 ? -15.531 -9.434  -4.059  1.00 73.11  ? 118  ASP A CA  1 
ATOM   873  C  C   . ASP A 1 118 ? -16.023 -8.615  -2.879  1.00 73.10  ? 118  ASP A C   1 
ATOM   874  O  O   . ASP A 1 118 ? -15.909 -7.390  -2.870  1.00 73.93  ? 118  ASP A O   1 
ATOM   875  C  CB  . ASP A 1 118 ? -16.692 -9.737  -4.998  1.00 74.88  ? 118  ASP A CB  1 
ATOM   876  C  CG  . ASP A 1 118 ? -16.235 -10.336 -6.300  1.00 76.89  ? 118  ASP A CG  1 
ATOM   877  O  OD1 . ASP A 1 118 ? -17.104 -10.692 -7.124  1.00 78.68  ? 118  ASP A OD1 1 
ATOM   878  O  OD2 . ASP A 1 118 ? -15.006 -10.447 -6.502  1.00 78.00  ? 118  ASP A OD2 1 
ATOM   879  N  N   . GLU A 1 119 ? -16.569 -9.297  -1.880  1.00 72.26  ? 119  GLU A N   1 
ATOM   880  C  CA  . GLU A 1 119 ? -17.068 -8.624  -0.691  1.00 71.62  ? 119  GLU A CA  1 
ATOM   881  C  C   . GLU A 1 119 ? -15.937 -7.841  -0.035  1.00 69.42  ? 119  GLU A C   1 
ATOM   882  O  O   . GLU A 1 119 ? -16.123 -6.702  0.403   1.00 69.88  ? 119  GLU A O   1 
ATOM   883  C  CB  . GLU A 1 119 ? -17.633 -9.645  0.304   1.00 74.07  ? 119  GLU A CB  1 
ATOM   884  C  CG  . GLU A 1 119 ? -18.913 -10.329 -0.154  1.00 76.05  ? 119  GLU A CG  1 
ATOM   885  C  CD  . GLU A 1 119 ? -18.717 -11.160 -1.404  1.00 78.03  ? 119  GLU A CD  1 
ATOM   886  O  OE1 . GLU A 1 119 ? -17.947 -12.146 -1.350  1.00 78.57  ? 119  GLU A OE1 1 
ATOM   887  O  OE2 . GLU A 1 119 ? -19.336 -10.826 -2.441  1.00 79.37  ? 119  GLU A OE2 1 
ATOM   888  N  N   . GLU A 1 120 ? -14.762 -8.460  0.022   1.00 66.23  ? 120  GLU A N   1 
ATOM   889  C  CA  . GLU A 1 120 ? -13.591 -7.837  0.626   1.00 64.15  ? 120  GLU A CA  1 
ATOM   890  C  C   . GLU A 1 120 ? -13.150 -6.581  -0.138  1.00 61.16  ? 120  GLU A C   1 
ATOM   891  O  O   . GLU A 1 120 ? -12.711 -5.603  0.463   1.00 59.40  ? 120  GLU A O   1 
ATOM   892  C  CB  . GLU A 1 120 ? -12.462 -8.869  0.707   1.00 64.93  ? 120  GLU A CB  1 
ATOM   893  C  CG  . GLU A 1 120 ? -12.805 -10.042 1.630   1.00 67.13  ? 120  GLU A CG  1 
ATOM   894  C  CD  . GLU A 1 120 ? -11.905 -11.248 1.440   1.00 67.60  ? 120  GLU A CD  1 
ATOM   895  O  OE1 . GLU A 1 120 ? -12.061 -12.232 2.194   0.00 67.93  ? 120  GLU A OE1 1 
ATOM   896  O  OE2 . GLU A 1 120 ? -11.046 -11.217 0.535   1.00 69.02  ? 120  GLU A OE2 1 
ATOM   897  N  N   . VAL A 1 121 ? -13.274 -6.608  -1.459  1.00 59.87  ? 121  VAL A N   1 
ATOM   898  C  CA  . VAL A 1 121 ? -12.907 -5.456  -2.272  1.00 58.23  ? 121  VAL A CA  1 
ATOM   899  C  C   . VAL A 1 121 ? -13.932 -4.342  -2.069  1.00 56.62  ? 121  VAL A C   1 
ATOM   900  O  O   . VAL A 1 121 ? -13.576 -3.167  -2.003  1.00 55.65  ? 121  VAL A O   1 
ATOM   901  C  CB  . VAL A 1 121 ? -12.836 -5.826  -3.771  1.00 59.12  ? 121  VAL A CB  1 
ATOM   902  C  CG1 . VAL A 1 121 ? -12.708 -4.571  -4.618  1.00 59.25  ? 121  VAL A CG1 1 
ATOM   903  C  CG2 . VAL A 1 121 ? -11.643 -6.743  -4.015  1.00 58.76  ? 121  VAL A CG2 1 
ATOM   904  N  N   . ASP A 1 122 ? -15.206 -4.713  -1.967  1.00 56.51  ? 122  ASP A N   1 
ATOM   905  C  CA  . ASP A 1 122 ? -16.265 -3.729  -1.754  1.00 55.02  ? 122  ASP A CA  1 
ATOM   906  C  C   . ASP A 1 122 ? -16.029 -3.046  -0.419  1.00 53.37  ? 122  ASP A C   1 
ATOM   907  O  O   . ASP A 1 122 ? -16.227 -1.838  -0.284  1.00 53.38  ? 122  ASP A O   1 
ATOM   908  C  CB  . ASP A 1 122 ? -17.645 -4.394  -1.721  1.00 58.33  ? 122  ASP A CB  1 
ATOM   909  C  CG  . ASP A 1 122 ? -18.119 -4.846  -3.086  1.00 59.92  ? 122  ASP A CG  1 
ATOM   910  O  OD1 . ASP A 1 122 ? -19.239 -5.398  -3.158  1.00 64.87  ? 122  ASP A OD1 1 
ATOM   911  O  OD2 . ASP A 1 122 ? -17.390 -4.655  -4.083  1.00 63.12  ? 122  ASP A OD2 1 
ATOM   912  N  N   . GLU A 1 123 ? -15.607 -3.832  0.566   1.00 51.92  ? 123  GLU A N   1 
ATOM   913  C  CA  . GLU A 1 123 ? -15.343 -3.312  1.904   1.00 51.84  ? 123  GLU A CA  1 
ATOM   914  C  C   . GLU A 1 123 ? -14.218 -2.284  1.910   1.00 49.26  ? 123  GLU A C   1 
ATOM   915  O  O   . GLU A 1 123 ? -14.331 -1.225  2.530   1.00 48.99  ? 123  GLU A O   1 
ATOM   916  C  CB  . GLU A 1 123 ? -14.995 -4.459  2.860   1.00 55.57  ? 123  GLU A CB  1 
ATOM   917  C  CG  . GLU A 1 123 ? -14.942 -4.038  4.327   1.00 59.76  ? 123  GLU A CG  1 
ATOM   918  C  CD  . GLU A 1 123 ? -16.238 -3.383  4.793   1.00 63.10  ? 123  GLU A CD  1 
ATOM   919  O  OE1 . GLU A 1 123 ? -17.307 -4.024  4.669   1.00 62.91  ? 123  GLU A OE1 1 
ATOM   920  O  OE2 . GLU A 1 123 ? -16.187 -2.229  5.282   1.00 64.31  ? 123  GLU A OE2 1 
ATOM   921  N  N   . MET A 1 124 ? -13.125 -2.599  1.226   1.00 49.06  ? 124  MET A N   1 
ATOM   922  C  CA  . MET A 1 124 ? -12.000 -1.675  1.161   1.00 49.16  ? 124  MET A CA  1 
ATOM   923  C  C   . MET A 1 124 ? -12.481 -0.379  0.523   1.00 46.83  ? 124  MET A C   1 
ATOM   924  O  O   . MET A 1 124 ? -12.171 0.707   0.999   1.00 45.40  ? 124  MET A O   1 
ATOM   925  C  CB  . MET A 1 124 ? -10.858 -2.274  0.337   1.00 51.85  ? 124  MET A CB  1 
ATOM   926  C  CG  . MET A 1 124 ? -10.230 -3.519  0.947   1.00 55.26  ? 124  MET A CG  1 
ATOM   927  S  SD  . MET A 1 124 ? -8.809  -4.085  -0.023  1.00 60.45  ? 124  MET A SD  1 
ATOM   928  C  CE  . MET A 1 124 ? -9.630  -5.026  -1.290  1.00 58.96  ? 124  MET A CE  1 
ATOM   929  N  N   . ILE A 1 125 ? -13.238 -0.507  -0.564  1.00 45.37  ? 125  ILE A N   1 
ATOM   930  C  CA  . ILE A 1 125 ? -13.790 0.648   -1.259  1.00 45.47  ? 125  ILE A CA  1 
ATOM   931  C  C   . ILE A 1 125 ? -14.676 1.412   -0.282  1.00 45.23  ? 125  ILE A C   1 
ATOM   932  O  O   . ILE A 1 125 ? -14.634 2.638   -0.197  1.00 46.33  ? 125  ILE A O   1 
ATOM   933  C  CB  . ILE A 1 125 ? -14.668 0.215   -2.471  1.00 44.75  ? 125  ILE A CB  1 
ATOM   934  C  CG1 . ILE A 1 125 ? -13.803 -0.421  -3.565  1.00 43.03  ? 125  ILE A CG1 1 
ATOM   935  C  CG2 . ILE A 1 125 ? -15.415 1.421   -3.029  1.00 48.18  ? 125  ILE A CG2 1 
ATOM   936  C  CD1 . ILE A 1 125 ? -12.822 0.539   -4.235  1.00 40.67  ? 125  ILE A CD1 1 
ATOM   937  N  N   . ARG A 1 126 ? -15.471 0.658   0.465   1.00 48.77  ? 126  ARG A N   1 
ATOM   938  C  CA  . ARG A 1 126 ? -16.407 1.214   1.440   1.00 51.78  ? 126  ARG A CA  1 
ATOM   939  C  C   . ARG A 1 126 ? -15.759 2.119   2.485   1.00 51.41  ? 126  ARG A C   1 
ATOM   940  O  O   . ARG A 1 126 ? -16.193 3.254   2.692   1.00 51.89  ? 126  ARG A O   1 
ATOM   941  C  CB  . ARG A 1 126 ? -17.144 0.058   2.121   1.00 55.19  ? 126  ARG A CB  1 
ATOM   942  C  CG  . ARG A 1 126 ? -18.288 0.451   3.036   1.00 59.41  ? 126  ARG A CG  1 
ATOM   943  C  CD  . ARG A 1 126 ? -19.251 -0.722  3.169   1.00 62.24  ? 126  ARG A CD  1 
ATOM   944  N  NE  . ARG A 1 126 ? -19.841 -1.062  1.874   1.00 65.38  ? 126  ARG A NE  1 
ATOM   945  C  CZ  . ARG A 1 126 ? -19.895 -2.290  1.364   1.00 65.18  ? 126  ARG A CZ  1 
ATOM   946  N  NH1 . ARG A 1 126 ? -19.390 -3.318  2.035   1.00 65.14  ? 126  ARG A NH1 1 
ATOM   947  N  NH2 . ARG A 1 126 ? -20.457 -2.488  0.179   1.00 65.65  ? 126  ARG A NH2 1 
ATOM   948  N  N   . GLU A 1 127 ? -14.708 1.624   3.130   1.00 50.47  ? 127  GLU A N   1 
ATOM   949  C  CA  . GLU A 1 127 ? -14.022 2.392   4.160   1.00 49.46  ? 127  GLU A CA  1 
ATOM   950  C  C   . GLU A 1 127 ? -13.336 3.661   3.645   1.00 49.58  ? 127  GLU A C   1 
ATOM   951  O  O   . GLU A 1 127 ? -13.087 4.591   4.417   1.00 50.37  ? 127  GLU A O   1 
ATOM   952  C  CB  . GLU A 1 127 ? -13.013 1.499   4.881   1.00 51.00  ? 127  GLU A CB  1 
ATOM   953  N  N   . ALA A 1 128 ? -13.035 3.708   2.349   1.00 46.24  ? 128  ALA A N   1 
ATOM   954  C  CA  . ALA A 1 128 ? -12.389 4.883   1.768   1.00 43.45  ? 128  ALA A CA  1 
ATOM   955  C  C   . ALA A 1 128 ? -13.415 5.848   1.179   1.00 41.72  ? 128  ALA A C   1 
ATOM   956  O  O   . ALA A 1 128 ? -13.200 7.058   1.137   1.00 40.43  ? 128  ALA A O   1 
ATOM   957  C  CB  . ALA A 1 128 ? -11.407 4.455   0.686   1.00 42.19  ? 128  ALA A CB  1 
ATOM   958  N  N   . ASP A 1 129 ? -14.536 5.304   0.724   1.00 41.63  ? 129  ASP A N   1 
ATOM   959  C  CA  . ASP A 1 129 ? -15.595 6.114   0.123   1.00 39.95  ? 129  ASP A CA  1 
ATOM   960  C  C   . ASP A 1 129 ? -16.183 7.080   1.158   1.00 40.57  ? 129  ASP A C   1 
ATOM   961  O  O   . ASP A 1 129 ? -16.422 6.719   2.310   1.00 40.47  ? 129  ASP A O   1 
ATOM   962  C  CB  . ASP A 1 129 ? -16.670 5.178   -0.458  1.00 36.53  ? 129  ASP A CB  1 
ATOM   963  C  CG  . ASP A 1 129 ? -17.731 5.907   -1.258  1.00 35.18  ? 129  ASP A CG  1 
ATOM   964  O  OD1 . ASP A 1 129 ? -17.472 7.011   -1.776  1.00 34.13  ? 129  ASP A OD1 1 
ATOM   965  O  OD2 . ASP A 1 129 ? -18.836 5.352   -1.391  1.00 36.49  ? 129  ASP A OD2 1 
ATOM   966  N  N   . ILE A 1 130 ? -16.403 8.320   0.741   1.00 42.03  ? 130  ILE A N   1 
ATOM   967  C  CA  . ILE A 1 130 ? -16.939 9.333   1.632   1.00 42.10  ? 130  ILE A CA  1 
ATOM   968  C  C   . ILE A 1 130 ? -18.324 9.804   1.199   1.00 42.20  ? 130  ILE A C   1 
ATOM   969  O  O   . ILE A 1 130 ? -19.245 9.873   2.015   1.00 43.52  ? 130  ILE A O   1 
ATOM   970  C  CB  . ILE A 1 130 ? -15.969 10.543  1.716   1.00 43.31  ? 130  ILE A CB  1 
ATOM   971  C  CG1 . ILE A 1 130 ? -14.646 10.094  2.346   1.00 43.28  ? 130  ILE A CG1 1 
ATOM   972  C  CG2 . ILE A 1 130 ? -16.595 11.666  2.529   1.00 43.18  ? 130  ILE A CG2 1 
ATOM   973  C  CD1 . ILE A 1 130 ? -13.613 11.194  2.462   1.00 45.82  ? 130  ILE A CD1 1 
ATOM   974  N  N   . ASP A 1 131 ? -18.476 10.121  -0.082  1.00 40.63  ? 131  ASP A N   1 
ATOM   975  C  CA  . ASP A 1 131 ? -19.760 10.579  -0.596  1.00 39.36  ? 131  ASP A CA  1 
ATOM   976  C  C   . ASP A 1 131 ? -20.779 9.452   -0.799  1.00 36.88  ? 131  ASP A C   1 
ATOM   977  O  O   . ASP A 1 131 ? -21.965 9.713   -1.018  1.00 38.42  ? 131  ASP A O   1 
ATOM   978  C  CB  . ASP A 1 131 ? -19.571 11.357  -1.909  1.00 37.83  ? 131  ASP A CB  1 
ATOM   979  C  CG  . ASP A 1 131 ? -18.672 10.634  -2.910  1.00 39.05  ? 131  ASP A CG  1 
ATOM   980  O  OD1 . ASP A 1 131 ? -18.651 9.383   -2.935  1.00 36.60  ? 131  ASP A OD1 1 
ATOM   981  O  OD2 . ASP A 1 131 ? -17.997 11.330  -3.695  1.00 41.07  ? 131  ASP A OD2 1 
ATOM   982  N  N   . GLY A 1 132 ? -20.321 8.206   -0.740  1.00 35.98  ? 132  GLY A N   1 
ATOM   983  C  CA  . GLY A 1 132 ? -21.228 7.078   -0.905  1.00 34.73  ? 132  GLY A CA  1 
ATOM   984  C  C   . GLY A 1 132 ? -21.546 6.649   -2.331  1.00 34.69  ? 132  GLY A C   1 
ATOM   985  O  O   . GLY A 1 132 ? -22.396 5.787   -2.547  1.00 36.01  ? 132  GLY A O   1 
ATOM   986  N  N   . ASP A 1 133 ? -20.872 7.240   -3.309  1.00 33.93  ? 133  ASP A N   1 
ATOM   987  C  CA  . ASP A 1 133 ? -21.109 6.886   -4.702  1.00 31.85  ? 133  ASP A CA  1 
ATOM   988  C  C   . ASP A 1 133 ? -20.573 5.484   -5.022  1.00 32.30  ? 133  ASP A C   1 
ATOM   989  O  O   . ASP A 1 133 ? -20.780 4.962   -6.124  1.00 32.56  ? 133  ASP A O   1 
ATOM   990  C  CB  . ASP A 1 133 ? -20.463 7.931   -5.618  1.00 32.46  ? 133  ASP A CB  1 
ATOM   991  C  CG  . ASP A 1 133 ? -18.953 7.915   -5.548  1.00 30.33  ? 133  ASP A CG  1 
ATOM   992  O  OD1 . ASP A 1 133 ? -18.394 7.327   -4.599  0.00 32.67  ? 133  ASP A OD1 1 
ATOM   993  O  OD2 . ASP A 1 133 ? -18.337 8.508   -6.457  1.00 37.29  ? 133  ASP A OD2 1 
ATOM   994  N  N   . GLY A 1 134 ? -19.878 4.880   -4.060  1.00 32.15  ? 134  GLY A N   1 
ATOM   995  C  CA  . GLY A 1 134 ? -19.353 3.538   -4.260  1.00 31.04  ? 134  GLY A CA  1 
ATOM   996  C  C   . GLY A 1 134 ? -18.027 3.478   -4.994  1.00 33.58  ? 134  GLY A C   1 
ATOM   997  O  O   . GLY A 1 134 ? -17.629 2.430   -5.506  1.00 35.89  ? 134  GLY A O   1 
ATOM   998  N  N   . GLN A 1 135 ? -17.352 4.610   -5.066  1.00 31.53  ? 135  GLN A N   1 
ATOM   999  C  CA  . GLN A 1 135 ? -16.067 4.690   -5.728  1.00 32.50  ? 135  GLN A CA  1 
ATOM   1000 C  C   . GLN A 1 135 ? -15.192 5.593   -4.873  1.00 32.93  ? 135  GLN A C   1 
ATOM   1001 O  O   . GLN A 1 135 ? -15.672 6.222   -3.923  1.00 31.83  ? 135  GLN A O   1 
ATOM   1002 C  CB  . GLN A 1 135 ? -16.212 5.291   -7.136  1.00 32.43  ? 135  GLN A CB  1 
ATOM   1003 C  CG  . GLN A 1 135 ? -17.030 4.450   -8.098  1.00 32.26  ? 135  GLN A CG  1 
ATOM   1004 C  CD  . GLN A 1 135 ? -16.697 4.735   -9.550  1.00 30.84  ? 135  GLN A CD  1 
ATOM   1005 O  OE1 . GLN A 1 135 ? -17.127 5.739   -10.120 1.00 35.50  ? 135  GLN A OE1 1 
ATOM   1006 N  NE2 . GLN A 1 135 ? -15.914 3.853   -10.153 1.00 32.66  ? 135  GLN A NE2 1 
ATOM   1007 N  N   . VAL A 1 136 ? -13.911 5.655   -5.213  1.00 34.75  ? 136  VAL A N   1 
ATOM   1008 C  CA  . VAL A 1 136 ? -12.979 6.507   -4.483  1.00 35.17  ? 136  VAL A CA  1 
ATOM   1009 C  C   . VAL A 1 136 ? -12.355 7.529   -5.436  1.00 33.22  ? 136  VAL A C   1 
ATOM   1010 O  O   . VAL A 1 136 ? -11.620 7.166   -6.343  1.00 34.66  ? 136  VAL A O   1 
ATOM   1011 C  CB  . VAL A 1 136 ? -11.859 5.652   -3.795  1.00 35.71  ? 136  VAL A CB  1 
ATOM   1012 C  CG1 . VAL A 1 136 ? -10.896 6.554   -2.987  1.00 33.31  ? 136  VAL A CG1 1 
ATOM   1013 C  CG2 . VAL A 1 136 ? -12.498 4.632   -2.873  1.00 32.89  ? 136  VAL A CG2 1 
ATOM   1014 N  N   . ASN A 1 137 ? -12.676 8.805   -5.245  1.00 33.73  ? 137  ASN A N   1 
ATOM   1015 C  CA  . ASN A 1 137 ? -12.109 9.849   -6.078  1.00 35.10  ? 137  ASN A CA  1 
ATOM   1016 C  C   . ASN A 1 137 ? -10.824 10.366  -5.414  1.00 37.89  ? 137  ASN A C   1 
ATOM   1017 O  O   . ASN A 1 137 ? -10.494 9.958   -4.305  1.00 37.77  ? 137  ASN A O   1 
ATOM   1018 C  CB  . ASN A 1 137 ? -13.121 10.979  -6.304  1.00 35.35  ? 137  ASN A CB  1 
ATOM   1019 C  CG  . ASN A 1 137 ? -13.425 11.766  -5.050  1.00 37.13  ? 137  ASN A CG  1 
ATOM   1020 O  OD1 . ASN A 1 137 ? -12.775 11.601  -4.016  1.00 39.53  ? 137  ASN A OD1 1 
ATOM   1021 N  ND2 . ASN A 1 137 ? -14.414 12.645  -5.140  1.00 34.43  ? 137  ASN A ND2 1 
ATOM   1022 N  N   . TYR A 1 138 ? -10.097 11.250  -6.089  1.00 40.89  ? 138  TYR A N   1 
ATOM   1023 C  CA  . TYR A 1 138 ? -8.832  11.744  -5.549  1.00 44.81  ? 138  TYR A CA  1 
ATOM   1024 C  C   . TYR A 1 138 ? -8.940  12.290  -4.129  1.00 45.56  ? 138  TYR A C   1 
ATOM   1025 O  O   . TYR A 1 138 ? -8.149  11.925  -3.258  1.00 47.41  ? 138  TYR A O   1 
ATOM   1026 C  CB  . TYR A 1 138 ? -8.222  12.804  -6.482  1.00 47.71  ? 138  TYR A CB  1 
ATOM   1027 C  CG  . TYR A 1 138 ? -6.808  13.172  -6.101  1.00 50.75  ? 138  TYR A CG  1 
ATOM   1028 C  CD1 . TYR A 1 138 ? -5.841  12.184  -5.931  1.00 53.42  ? 138  TYR A CD1 1 
ATOM   1029 C  CD2 . TYR A 1 138 ? -6.444  14.498  -5.867  1.00 53.04  ? 138  TYR A CD2 1 
ATOM   1030 C  CE1 . TYR A 1 138 ? -4.549  12.501  -5.531  1.00 53.74  ? 138  TYR A CE1 1 
ATOM   1031 C  CE2 . TYR A 1 138 ? -5.147  14.826  -5.464  1.00 53.99  ? 138  TYR A CE2 1 
ATOM   1032 C  CZ  . TYR A 1 138 ? -4.210  13.819  -5.297  1.00 54.28  ? 138  TYR A CZ  1 
ATOM   1033 O  OH  . TYR A 1 138 ? -2.938  14.113  -4.881  1.00 56.92  ? 138  TYR A OH  1 
ATOM   1034 N  N   . GLU A 1 139 ? -9.926  13.145  -3.891  1.00 47.30  ? 139  GLU A N   1 
ATOM   1035 C  CA  . GLU A 1 139 ? -10.129 13.731  -2.569  1.00 50.62  ? 139  GLU A CA  1 
ATOM   1036 C  C   . GLU A 1 139 ? -10.270 12.685  -1.451  1.00 49.61  ? 139  GLU A C   1 
ATOM   1037 O  O   . GLU A 1 139 ? -9.748  12.874  -0.352  1.00 51.00  ? 139  GLU A O   1 
ATOM   1038 C  CB  . GLU A 1 139 ? -11.356 14.645  -2.596  1.00 54.58  ? 139  GLU A CB  1 
ATOM   1039 C  CG  . GLU A 1 139 ? -11.627 15.404  -1.299  1.00 60.25  ? 139  GLU A CG  1 
ATOM   1040 C  CD  . GLU A 1 139 ? -10.505 16.355  -0.928  1.00 63.73  ? 139  GLU A CD  1 
ATOM   1041 O  OE1 . GLU A 1 139 ? -9.581  15.936  -0.188  1.00 63.85  ? 139  GLU A OE1 1 
ATOM   1042 O  OE2 . GLU A 1 139 ? -10.544 17.519  -1.387  1.00 64.76  ? 139  GLU A OE2 1 
ATOM   1043 N  N   . GLU A 1 140 ? -10.959 11.582  -1.726  1.00 48.18  ? 140  GLU A N   1 
ATOM   1044 C  CA  . GLU A 1 140 ? -11.137 10.534  -0.720  1.00 46.83  ? 140  GLU A CA  1 
ATOM   1045 C  C   . GLU A 1 140 ? -9.897  9.664   -0.626  1.00 47.11  ? 140  GLU A C   1 
ATOM   1046 O  O   . GLU A 1 140 ? -9.622  9.040   0.403   1.00 45.98  ? 140  GLU A O   1 
ATOM   1047 C  CB  . GLU A 1 140 ? -12.327 9.650   -1.078  1.00 46.15  ? 140  GLU A CB  1 
ATOM   1048 C  CG  . GLU A 1 140 ? -13.566 10.424  -1.465  1.00 43.77  ? 140  GLU A CG  1 
ATOM   1049 C  CD  . GLU A 1 140 ? -14.659 9.519   -1.972  1.00 42.18  ? 140  GLU A CD  1 
ATOM   1050 O  OE1 . GLU A 1 140 ? -14.369 8.669   -2.838  1.00 43.89  ? 140  GLU A OE1 1 
ATOM   1051 O  OE2 . GLU A 1 140 ? -15.808 9.655   -1.512  1.00 44.93  ? 140  GLU A OE2 1 
ATOM   1052 N  N   . PHE A 1 141 ? -9.155  9.601   -1.721  1.00 47.53  ? 141  PHE A N   1 
ATOM   1053 C  CA  . PHE A 1 141 ? -7.947  8.801   -1.741  1.00 47.91  ? 141  PHE A CA  1 
ATOM   1054 C  C   . PHE A 1 141 ? -6.915  9.422   -0.800  1.00 47.92  ? 141  PHE A C   1 
ATOM   1055 O  O   . PHE A 1 141 ? -6.272  8.730   -0.018  1.00 46.88  ? 141  PHE A O   1 
ATOM   1056 C  CB  . PHE A 1 141 ? -7.391  8.751   -3.159  1.00 45.98  ? 141  PHE A CB  1 
ATOM   1057 C  CG  . PHE A 1 141 ? -6.212  7.848   -3.306  1.00 46.25  ? 141  PHE A CG  1 
ATOM   1058 C  CD1 . PHE A 1 141 ? -6.362  6.475   -3.187  1.00 44.01  ? 141  PHE A CD1 1 
ATOM   1059 C  CD2 . PHE A 1 141 ? -4.950  8.368   -3.584  1.00 46.99  ? 141  PHE A CD2 1 
ATOM   1060 C  CE1 . PHE A 1 141 ? -5.273  5.627   -3.346  1.00 45.81  ? 141  PHE A CE1 1 
ATOM   1061 C  CE2 . PHE A 1 141 ? -3.853  7.525   -3.746  1.00 48.03  ? 141  PHE A CE2 1 
ATOM   1062 C  CZ  . PHE A 1 141 ? -4.016  6.153   -3.627  1.00 47.34  ? 141  PHE A CZ  1 
ATOM   1063 N  N   . VAL A 1 142 ? -6.770  10.736  -0.899  1.00 49.91  ? 142  VAL A N   1 
ATOM   1064 C  CA  . VAL A 1 142 ? -5.827  11.479  -0.083  1.00 55.38  ? 142  VAL A CA  1 
ATOM   1065 C  C   . VAL A 1 142 ? -6.104  11.261  1.398   1.00 57.98  ? 142  VAL A C   1 
ATOM   1066 O  O   . VAL A 1 142 ? -5.254  10.748  2.129   1.00 59.54  ? 142  VAL A O   1 
ATOM   1067 C  CB  . VAL A 1 142 ? -5.901  12.990  -0.404  1.00 55.07  ? 142  VAL A CB  1 
ATOM   1068 C  CG1 . VAL A 1 142 ? -4.877  13.753  0.428   1.00 58.79  ? 142  VAL A CG1 1 
ATOM   1069 C  CG2 . VAL A 1 142 ? -5.651  13.220  -1.892  1.00 54.52  ? 142  VAL A CG2 1 
ATOM   1070 N  N   . GLN A 1 143 ? -7.304  11.641  1.830   1.00 61.28  ? 143  GLN A N   1 
ATOM   1071 C  CA  . GLN A 1 143 ? -7.710  11.501  3.226   1.00 62.89  ? 143  GLN A CA  1 
ATOM   1072 C  C   . GLN A 1 143 ? -7.507  10.088  3.744   1.00 65.28  ? 143  GLN A C   1 
ATOM   1073 O  O   . GLN A 1 143 ? -7.341  9.876   4.942   1.00 67.04  ? 143  GLN A O   1 
ATOM   1074 C  CB  . GLN A 1 143 ? -9.182  11.872  3.397   1.00 59.86  ? 143  GLN A CB  1 
ATOM   1075 C  CG  . GLN A 1 143 ? -9.536  13.264  2.939   1.00 57.91  ? 143  GLN A CG  1 
ATOM   1076 C  CD  . GLN A 1 143 ? -10.870 13.708  3.489   1.00 57.86  ? 143  GLN A CD  1 
ATOM   1077 O  OE1 . GLN A 1 143 ? -11.390 14.763  3.130   1.00 56.83  ? 143  GLN A OE1 1 
ATOM   1078 N  NE2 . GLN A 1 143 ? -11.431 12.901  4.379   1.00 57.46  ? 143  GLN A NE2 1 
ATOM   1079 N  N   . MET A 1 144 ? -7.520  9.126   2.834   1.00 67.68  ? 144  MET A N   1 
ATOM   1080 C  CA  . MET A 1 144 ? -7.356  7.728   3.195   1.00 71.03  ? 144  MET A CA  1 
ATOM   1081 C  C   . MET A 1 144 ? -5.972  7.407   3.743   1.00 72.79  ? 144  MET A C   1 
ATOM   1082 O  O   . MET A 1 144 ? -5.758  6.333   4.305   1.00 73.17  ? 144  MET A O   1 
ATOM   1083 C  CB  . MET A 1 144 ? -7.627  6.861   1.973   1.00 73.66  ? 144  MET A CB  1 
ATOM   1084 C  CG  . MET A 1 144 ? -7.465  5.383   2.206   1.00 77.43  ? 144  MET A CG  1 
ATOM   1085 S  SD  . MET A 1 144 ? -7.424  4.537   0.633   1.00 83.36  ? 144  MET A SD  1 
ATOM   1086 C  CE  . MET A 1 144 ? -5.748  4.977   0.071   1.00 81.62  ? 144  MET A CE  1 
ATOM   1087 N  N   . MET A 1 145 ? -5.035  8.336   3.591   1.00 74.52  ? 145  MET A N   1 
ATOM   1088 C  CA  . MET A 1 145 ? -3.677  8.093   4.064   1.00 77.34  ? 145  MET A CA  1 
ATOM   1089 C  C   . MET A 1 145 ? -2.956  9.311   4.636   1.00 78.00  ? 145  MET A C   1 
ATOM   1090 O  O   . MET A 1 145 ? -1.755  9.481   4.437   1.00 77.53  ? 145  MET A O   1 
ATOM   1091 C  CB  . MET A 1 145 ? -2.863  7.491   2.921   1.00 78.82  ? 145  MET A CB  1 
ATOM   1092 C  CG  . MET A 1 145 ? -3.015  8.242   1.609   1.00 79.58  ? 145  MET A CG  1 
ATOM   1093 S  SD  . MET A 1 145 ? -2.643  7.186   0.205   1.00 80.67  ? 145  MET A SD  1 
ATOM   1094 C  CE  . MET A 1 145 ? -0.930  7.575   -0.081  1.00 80.31  ? 145  MET A CE  1 
ATOM   1095 N  N   . THR A 1 146 ? -3.694  10.146  5.359   1.00 79.22  ? 146  THR A N   1 
ATOM   1096 C  CA  . THR A 1 146 ? -3.130  11.346  5.963   1.00 79.50  ? 146  THR A CA  1 
ATOM   1097 C  C   . THR A 1 146 ? -3.795  11.629  7.307   1.00 79.55  ? 146  THR A C   1 
ATOM   1098 O  O   . THR A 1 146 ? -3.081  12.063  8.239   1.00 79.25  ? 146  THR A O   1 
ATOM   1099 C  CB  . THR A 1 146 ? -3.307  12.581  5.042   1.00 79.62  ? 146  THR A CB  1 
ATOM   1100 O  OG1 . THR A 1 146 ? -4.696  12.764  4.742   1.00 79.50  ? 146  THR A OG1 1 
ATOM   1101 C  CG2 . THR A 1 146 ? -2.529  12.397  3.746   1.00 78.02  ? 146  THR A CG2 1 
ATOM   1102 N  N   . GLY B 2 1   ? -7.473  -5.181  4.611   1.00 108.91 ? 201  GLY B N   1 
ATOM   1103 C  CA  . GLY B 2 1   ? -8.652  -5.883  5.092   1.00 110.64 ? 201  GLY B CA  1 
ATOM   1104 C  C   . GLY B 2 1   ? -9.773  -5.032  5.668   1.00 111.66 ? 201  GLY B C   1 
ATOM   1105 O  O   . GLY B 2 1   ? -10.863 -4.968  5.098   1.00 111.70 ? 201  GLY B O   1 
ATOM   1106 N  N   . GLY B 2 2   ? -9.511  -4.376  6.796   1.00 112.67 ? 202  GLY B N   1 
ATOM   1107 C  CA  . GLY B 2 2   ? -10.537 -3.567  7.431   1.00 113.80 ? 202  GLY B CA  1 
ATOM   1108 C  C   . GLY B 2 2   ? -10.399 -2.056  7.374   1.00 114.50 ? 202  GLY B C   1 
ATOM   1109 O  O   . GLY B 2 2   ? -11.374 -1.360  7.084   1.00 114.10 ? 202  GLY B O   1 
ATOM   1110 N  N   . LYS B 2 3   ? -9.206  -1.537  7.652   1.00 115.24 ? 203  LYS B N   1 
ATOM   1111 C  CA  . LYS B 2 3   ? -9.004  -0.091  7.633   1.00 116.39 ? 203  LYS B CA  1 
ATOM   1112 C  C   . LYS B 2 3   ? -7.550  0.342   7.444   1.00 116.96 ? 203  LYS B C   1 
ATOM   1113 O  O   . LYS B 2 3   ? -6.686  -0.448  7.054   1.00 116.78 ? 203  LYS B O   1 
ATOM   1114 C  CB  . LYS B 2 3   ? -9.523  0.529   8.934   1.00 116.98 ? 203  LYS B CB  1 
ATOM   1115 C  CG  . LYS B 2 3   ? -8.671  0.182   10.155  1.00 117.45 ? 203  LYS B CG  1 
ATOM   1116 C  CD  . LYS B 2 3   ? -8.905  1.147   11.314  1.00 117.73 ? 203  LYS B CD  1 
ATOM   1117 C  CE  . LYS B 2 3   ? -10.250 0.927   11.986  1.00 118.02 ? 203  LYS B CE  1 
ATOM   1118 N  NZ  . LYS B 2 3   ? -10.309 -0.385  12.690  1.00 119.01 ? 203  LYS B NZ  1 
ATOM   1119 N  N   . LEU B 2 4   ? -7.309  1.620   7.733   1.00 117.58 ? 204  LEU B N   1 
ATOM   1120 C  CA  . LEU B 2 4   ? -5.994  2.247   7.640   1.00 118.11 ? 204  LEU B CA  1 
ATOM   1121 C  C   . LEU B 2 4   ? -5.892  3.298   8.746   1.00 118.48 ? 204  LEU B C   1 
ATOM   1122 O  O   . LEU B 2 4   ? -6.140  3.001   9.914   1.00 118.53 ? 204  LEU B O   1 
ATOM   1123 C  CB  . LEU B 2 4   ? -5.812  2.919   6.275   1.00 118.13 ? 204  LEU B CB  1 
ATOM   1124 C  CG  . LEU B 2 4   ? -5.742  2.023   5.038   1.00 118.03 ? 204  LEU B CG  1 
ATOM   1125 C  CD1 . LEU B 2 4   ? -5.629  2.887   3.794   1.00 118.46 ? 204  LEU B CD1 1 
ATOM   1126 C  CD2 . LEU B 2 4   ? -4.548  1.092   5.146   1.00 117.94 ? 204  LEU B CD2 1 
ATOM   1127 N  N   . SER B 2 5   ? -5.541  4.528   8.372   1.00 118.80 ? 205  SER B N   1 
ATOM   1128 C  CA  . SER B 2 5   ? -5.414  5.624   9.334   1.00 118.81 ? 205  SER B CA  1 
ATOM   1129 C  C   . SER B 2 5   ? -6.733  6.383   9.492   1.00 118.87 ? 205  SER B C   1 
ATOM   1130 O  O   . SER B 2 5   ? -7.742  6.031   8.878   1.00 118.71 ? 205  SER B O   1 
ATOM   1131 C  CB  . SER B 2 5   ? -4.312  6.591   8.883   1.00 118.62 ? 205  SER B CB  1 
ATOM   1132 O  OG  . SER B 2 5   ? -4.176  7.677   9.785   1.00 118.53 ? 205  SER B OG  1 
ATOM   1133 N  N   . LYS B 2 6   ? -6.720  7.422   10.322  1.00 119.12 ? 206  LYS B N   1 
ATOM   1134 C  CA  . LYS B 2 6   ? -7.909  8.236   10.557  1.00 119.40 ? 206  LYS B CA  1 
ATOM   1135 C  C   . LYS B 2 6   ? -8.253  9.034   9.301   1.00 119.80 ? 206  LYS B C   1 
ATOM   1136 O  O   . LYS B 2 6   ? -8.040  10.268  9.309   1.00 120.38 ? 206  LYS B O   1 
ATOM   1137 C  CB  . LYS B 2 6   ? -7.676  9.181   11.736  1.00 118.90 ? 206  LYS B CB  1 
HETATM 1138 CA CA  . CA  C 3 .   ? 11.456  -11.961 2.231   1.00 48.18  ? 300  CA  A CA  1 
HETATM 1139 CA CA  . CA  D 3 .   ? 16.247  -4.129  9.359   1.00 61.35  ? 301  CA  A CA  1 
HETATM 1140 CA CA  . CA  E 3 .   ? -16.748 8.191   -3.500  1.00 39.30  ? 302  CA  A CA  1 
HETATM 1141 CA CA  . CA  F 3 .   ? -11.121 4.663   -12.854 1.00 39.44  ? 303  CA  A CA  1 
HETATM 1142 C  C1  . MYR G 4 .   ? -6.743  -5.679  3.612   1.00 106.84 ? 200  MYR B C1  1 
HETATM 1143 O  O1  . MYR G 4 .   ? -7.044  -6.712  3.062   1.00 106.88 ? 200  MYR B O1  1 
HETATM 1144 C  C2  . MYR G 4 .   ? -5.321  -5.132  3.587   1.00 104.79 ? 200  MYR B C2  1 
HETATM 1145 C  C3  . MYR G 4 .   ? -5.028  -4.149  2.473   1.00 102.00 ? 200  MYR B C3  1 
HETATM 1146 C  C4  . MYR G 4 .   ? -3.739  -4.430  1.712   1.00 99.71  ? 200  MYR B C4  1 
HETATM 1147 C  C5  . MYR G 4 .   ? -3.435  -3.443  0.591   1.00 98.43  ? 200  MYR B C5  1 
HETATM 1148 C  C6  . MYR G 4 .   ? -1.973  -3.553  0.166   1.00 97.79  ? 200  MYR B C6  1 
HETATM 1149 C  C7  . MYR G 4 .   ? -1.385  -2.313  -0.478  1.00 97.35  ? 200  MYR B C7  1 
HETATM 1150 C  C8  . MYR G 4 .   ? 0.079   -2.154  -0.072  1.00 97.01  ? 200  MYR B C8  1 
HETATM 1151 C  C9  . MYR G 4 .   ? 0.955   -1.746  -1.235  1.00 97.87  ? 200  MYR B C9  1 
HETATM 1152 C  C10 . MYR G 4 .   ? 0.993   -0.244  -1.479  1.00 97.82  ? 200  MYR B C10 1 
HETATM 1153 C  C11 . MYR G 4 .   ? 0.420   0.104   -2.839  1.00 98.00  ? 200  MYR B C11 1 
HETATM 1154 C  C12 . MYR G 4 .   ? -0.191  1.487   -2.977  1.00 98.23  ? 200  MYR B C12 1 
HETATM 1155 C  C13 . MYR G 4 .   ? 0.752   2.385   -3.764  1.00 98.32  ? 200  MYR B C13 1 
HETATM 1156 C  C14 . MYR G 4 .   ? 1.432   3.474   -2.951  1.00 98.76  ? 200  MYR B C14 1 
HETATM 1157 O  O   . HOH H 5 .   ? 7.484   -7.362  -10.449 1.00 35.18  ? 1000 HOH A O   1 
HETATM 1158 O  O   . HOH H 5 .   ? -16.221 -1.960  -10.259 1.00 55.16  ? 1001 HOH A O   1 
HETATM 1159 O  O   . HOH H 5 .   ? -13.517 0.504   -13.671 1.00 40.98  ? 1003 HOH A O   1 
HETATM 1160 O  O   . HOH H 5 .   ? 14.279  -11.654 -1.260  1.00 42.18  ? 1004 HOH A O   1 
HETATM 1161 O  O   . HOH H 5 .   ? -16.704 0.571   -7.753  1.00 41.10  ? 1005 HOH A O   1 
HETATM 1162 O  O   . HOH H 5 .   ? 12.879  -1.833  -11.549 1.00 45.16  ? 1006 HOH A O   1 
HETATM 1163 O  O   . HOH H 5 .   ? -11.113 10.926  5.982   1.00 59.33  ? 1007 HOH A O   1 
HETATM 1164 O  O   . HOH H 5 .   ? 4.335   -8.048  -6.466  1.00 43.62  ? 1008 HOH A O   1 
HETATM 1165 O  O   . HOH H 5 .   ? -17.842 13.072  -11.513 1.00 42.74  ? 1009 HOH A O   1 
HETATM 1166 O  O   . HOH H 5 .   ? 6.396   -5.018  -14.330 1.00 45.37  ? 1010 HOH A O   1 
HETATM 1167 O  O   . HOH H 5 .   ? -8.119  12.186  -12.183 1.00 41.28  ? 1011 HOH A O   1 
HETATM 1168 O  O   . HOH H 5 .   ? -10.917 12.132  -8.542  1.00 40.95  ? 1012 HOH A O   1 
HETATM 1169 O  O   . HOH H 5 .   ? -16.307 9.671   -5.293  1.00 29.61  ? 1014 HOH A O   1 
HETATM 1170 O  O   . HOH H 5 .   ? -13.056 3.641   -13.376 1.00 36.65  ? 1015 HOH A O   1 
HETATM 1171 O  O   . HOH H 5 .   ? 18.193  -8.024  -2.017  1.00 46.20  ? 1016 HOH A O   1 
HETATM 1172 O  O   . HOH H 5 .   ? -15.299 4.275   -12.787 1.00 39.24  ? 1017 HOH A O   1 
HETATM 1173 O  O   . HOH H 5 .   ? 16.148  -0.989  -12.929 1.00 61.40  ? 1018 HOH A O   1 
HETATM 1174 O  O   . HOH H 5 .   ? -5.077  2.379   20.808  1.00 60.55  ? 1019 HOH A O   1 
HETATM 1175 O  O   . HOH H 5 .   ? -12.772 18.780  -2.503  1.00 77.45  ? 1020 HOH A O   1 
HETATM 1176 O  O   . HOH H 5 .   ? -0.780  -2.790  -10.660 1.00 51.40  ? 1021 HOH A O   1 
HETATM 1177 O  O   . HOH H 5 .   ? 0.961   0.119   -12.556 1.00 68.50  ? 1022 HOH A O   1 
HETATM 1178 O  O   . HOH H 5 .   ? 23.060  0.679   -12.251 1.00 56.01  ? 1023 HOH A O   1 
HETATM 1179 O  O   . HOH H 5 .   ? 0.851   3.937   -12.525 1.00 67.04  ? 1024 HOH A O   1 
HETATM 1180 O  O   . HOH H 5 .   ? -0.969  -12.602 1.347   1.00 67.72  ? 1025 HOH A O   1 
HETATM 1181 O  O   . HOH H 5 .   ? -3.094  15.928  2.097   1.00 66.48  ? 1026 HOH A O   1 
HETATM 1182 O  O   . HOH H 5 .   ? 15.882  -5.974  11.128  1.00 51.58  ? 1027 HOH A O   1 
HETATM 1183 O  O   . HOH H 5 .   ? 9.984   2.173   16.188  1.00 54.86  ? 1028 HOH A O   1 
HETATM 1184 O  O   . HOH H 5 .   ? -9.598  -8.480  16.113  1.00 61.04  ? 1029 HOH A O   1 
HETATM 1185 O  O   . HOH H 5 .   ? 24.779  -1.258  -13.173 1.00 51.16  ? 1030 HOH A O   1 
HETATM 1186 O  O   . HOH H 5 .   ? -5.983  15.762  -8.731  1.00 65.01  ? 1031 HOH A O   1 
HETATM 1187 O  O   . HOH H 5 .   ? 13.564  -4.603  14.347  1.00 58.86  ? 1032 HOH A O   1 
HETATM 1188 O  O   . HOH H 5 .   ? -11.104 8.532   2.325   1.00 46.31  ? 1033 HOH A O   1 
HETATM 1189 O  O   . HOH H 5 .   ? -1.325  -0.363  -11.494 1.00 61.17  ? 1034 HOH A O   1 
HETATM 1190 O  O   . HOH H 5 .   ? -8.930  -12.272 4.307   1.00 67.93  ? 1036 HOH A O   1 
HETATM 1191 O  O   . HOH H 5 .   ? 17.718  7.812   2.945   1.00 81.68  ? 1037 HOH A O   1 
HETATM 1192 O  O   . HOH H 5 .   ? 2.472   -11.350 -7.910  1.00 63.02  ? 1038 HOH A O   1 
HETATM 1193 O  O   . HOH H 5 .   ? 8.559   4.109   -13.787 1.00 67.48  ? 1039 HOH A O   1 
HETATM 1194 O  O   . HOH H 5 .   ? -12.901 4.122   7.751   1.00 59.35  ? 1040 HOH A O   1 
HETATM 1195 O  O   . HOH H 5 .   ? 19.937  -0.670  2.344   1.00 61.47  ? 1041 HOH A O   1 
HETATM 1196 O  O   . HOH H 5 .   ? -6.050  13.259  9.581   1.00 75.75  ? 1042 HOH A O   1 
HETATM 1197 O  O   . HOH H 5 .   ? -6.817  11.444  -16.903 1.00 55.06  ? 1043 HOH A O   1 
HETATM 1198 O  O   . HOH H 5 .   ? 26.633  0.571   -14.529 1.00 55.11  ? 1044 HOH A O   1 
HETATM 1199 O  O   . HOH H 5 .   ? -23.285 0.111   1.345   1.00 57.99  ? 1045 HOH A O   1 
HETATM 1200 O  O   . HOH H 5 .   ? -11.313 7.691   -19.087 1.00 59.36  ? 1046 HOH A O   1 
HETATM 1201 O  O   . HOH H 5 .   ? -4.659  6.070   -17.136 1.00 67.59  ? 1047 HOH A O   1 
HETATM 1202 O  O   . HOH H 5 .   ? 16.797  7.310   -11.845 1.00 72.72  ? 1048 HOH A O   1 
HETATM 1203 O  O   . HOH H 5 .   ? -17.314 -4.375  -9.120  1.00 53.73  ? 1049 HOH A O   1 
HETATM 1204 O  O   . HOH H 5 .   ? 14.605  -2.208  14.025  1.00 62.95  ? 1050 HOH A O   1 
HETATM 1205 O  O   . HOH H 5 .   ? -23.232 3.881   -0.011  1.00 52.38  ? 1051 HOH A O   1 
HETATM 1206 O  O   . HOH H 5 .   ? 14.805  -5.998  9.039   1.00 59.74  ? 1052 HOH A O   1 
HETATM 1207 O  O   . HOH H 5 .   ? -13.104 9.250   -20.411 1.00 64.99  ? 1053 HOH A O   1 
HETATM 1208 O  O   . HOH H 5 .   ? -4.893  10.938  -15.219 1.00 66.19  ? 1054 HOH A O   1 
HETATM 1209 O  O   . HOH H 5 .   ? -5.751  17.730  -2.573  1.00 66.20  ? 1055 HOH A O   1 
HETATM 1210 O  O   . HOH H 5 .   ? 15.154  -8.382  9.320   1.00 63.14  ? 1056 HOH A O   1 
HETATM 1211 O  O   . HOH H 5 .   ? 15.980  -0.279  15.339  1.00 73.24  ? 1057 HOH A O   1 
HETATM 1212 O  O   . HOH H 5 .   ? -16.261 0.728   9.969   1.00 62.13  ? 1058 HOH A O   1 
HETATM 1213 O  O   . HOH H 5 .   ? -15.317 5.077   -16.978 1.00 54.71  ? 1059 HOH A O   1 
HETATM 1214 O  O   . HOH H 5 .   ? -22.596 -0.199  4.320   1.00 60.03  ? 1060 HOH A O   1 
HETATM 1215 O  O   . HOH H 5 .   ? -2.649  -0.895  4.200   1.00 64.79  ? 1061 HOH A O   1 
HETATM 1216 O  O   . HOH H 5 .   ? -16.077 -11.790 2.890   1.00 72.89  ? 1062 HOH A O   1 
HETATM 1217 O  O   . HOH H 5 .   ? -10.846 -15.714 2.555   1.00 57.11  ? 1063 HOH A O   1 
HETATM 1218 O  O   . HOH H 5 .   ? -18.562 -3.541  -7.036  1.00 78.34  ? 1064 HOH A O   1 
HETATM 1219 O  O   . HOH H 5 .   ? 3.186   2.181   -15.204 1.00 62.54  ? 1065 HOH A O   1 
HETATM 1220 O  O   . HOH H 5 .   ? -8.887  8.478   -19.597 1.00 60.06  ? 1066 HOH A O   1 
HETATM 1221 O  O   . HOH H 5 .   ? -8.105  -9.134  -11.748 1.00 62.60  ? 1067 HOH A O   1 
HETATM 1222 O  O   . HOH H 5 .   ? -5.717  -9.800  16.315  1.00 75.38  ? 1068 HOH A O   1 
HETATM 1223 O  O   . HOH H 5 .   ? -21.707 2.027   0.816   1.00 53.68  ? 1069 HOH A O   1 
HETATM 1224 O  O   . HOH H 5 .   ? -14.685 -13.929 2.273   1.00 73.16  ? 1070 HOH A O   1 
HETATM 1225 O  O   . HOH H 5 .   ? 3.371   12.990  -12.284 1.00 91.09  ? 1071 HOH A O   1 
HETATM 1226 O  O   . HOH H 5 .   ? -6.371  14.796  4.343   1.00 78.53  ? 1072 HOH A O   1 
HETATM 1227 O  O   . HOH H 5 .   ? 2.581   4.516   -5.774  1.00 75.63  ? 1073 HOH A O   1 
HETATM 1228 O  O   . HOH H 5 .   ? 7.166   1.066   0.192   1.00 61.00  ? 1074 HOH A O   1 
HETATM 1229 O  O   . HOH H 5 .   ? -6.666  0.991   -1.212  1.00 68.15  ? 1075 HOH A O   1 
HETATM 1230 O  O   . HOH H 5 .   ? -8.498  2.633   -2.598  1.00 64.87  ? 1076 HOH A O   1 
HETATM 1231 O  O   . HOH I 5 .   ? -6.827  -8.755  6.789   1.00 61.08  ? 1035 HOH B O   1 
# 
